data_6S7W
#
_entry.id   6S7W
#
_cell.length_a   175.682
_cell.length_b   96.963
_cell.length_c   124.736
_cell.angle_alpha   90.000
_cell.angle_beta   102.710
_cell.angle_gamma   90.000
#
_symmetry.space_group_name_H-M   'C 1 2 1'
#
loop_
_entity.id
_entity.type
_entity.pdbx_description
1 polymer 'Fumarate hydratase class II'
2 non-polymer ~{N}-[5-(azepan-1-ylsulfonyl)-2-methoxy-phenyl]-2-quinolin-4-yl-ethanamide
3 non-polymer 'FORMIC ACID'
4 non-polymer 'MAGNESIUM ION'
5 water water
#
_entity_poly.entity_id   1
_entity_poly.type   'polypeptide(L)'
_entity_poly.pdbx_seq_one_letter_code
;MAVDADSANYRIEHDTMGEVRVPAKALWRAQTQRAVENFPISGRGLERTQIRALGLLKGACAQVNSDLGLLAPEKADAII
AAAAEIADGQHDDQFPIDVFQTGSGTSSNMNTNEVIASIAAKGGVTLHPNDDVNMSQSSNDTFPTATHIAATEAAVAHLI
PALQQLHDALAAKALDWHTVVKSGRTHLMDAVPVTLGQEFSGYARQIEAGIERVRACLPRLGELAIGGTAVGTGLNAPDD
FGVRVVAVLVAQTGLSELRTAANSFEAQAARDGLVEASGALRTIAVSLTKIANDIRWMGSGPLTGLAEIQLPDLQPGSSI
MPGKVNPVLPEAVTQVAAQVIGNDAAIAWGGANGAFELNVYIPMMARNILESFKLLTNVSRLFAQRCIAGLTANVEHLRR
LAESSPSIVTPLNSAIGYEEAAAVAKQALKERKTIRQTVIDRGLIGDRLSIEDLDRRLDVLAMAKAEQLDSDRL
;
_entity_poly.pdbx_strand_id   A,B,C,D
#
loop_
_chem_comp.id
_chem_comp.type
_chem_comp.name
_chem_comp.formula
FMT non-polymer 'FORMIC ACID' 'C H2 O2'
KZT non-polymer ~{N}-[5-(azepan-1-ylsulfonyl)-2-methoxy-phenyl]-2-quinolin-4-yl-ethanamide 'C24 H27 N3 O4 S'
MG non-polymer 'MAGNESIUM ION' 'Mg 2'
#
# COMPACT_ATOMS: atom_id res chain seq x y z
N TYR A 10 42.31 5.63 -16.90
CA TYR A 10 41.26 6.27 -17.75
C TYR A 10 41.35 5.71 -19.18
N ARG A 11 41.28 4.38 -19.36
CA ARG A 11 41.54 3.66 -20.65
C ARG A 11 40.34 3.79 -21.61
N ILE A 12 40.58 3.62 -22.91
CA ILE A 12 39.60 3.92 -24.01
C ILE A 12 39.10 2.61 -24.63
N GLU A 13 37.84 2.58 -25.08
CA GLU A 13 37.17 1.39 -25.70
C GLU A 13 36.31 1.84 -26.87
N HIS A 14 36.21 0.99 -27.90
CA HIS A 14 35.52 1.29 -29.18
C HIS A 14 34.28 0.40 -29.29
N ASP A 15 33.10 1.01 -29.26
CA ASP A 15 31.77 0.35 -29.28
C ASP A 15 31.27 0.31 -30.73
N THR A 16 30.10 -0.29 -30.94
CA THR A 16 29.35 -0.31 -32.24
C THR A 16 28.82 1.10 -32.58
N MET A 17 28.92 2.06 -31.65
CA MET A 17 28.31 3.42 -31.79
C MET A 17 29.34 4.52 -31.45
N GLY A 18 30.64 4.20 -31.34
CA GLY A 18 31.69 5.22 -31.15
C GLY A 18 32.64 4.93 -29.99
N GLU A 19 33.27 5.97 -29.45
CA GLU A 19 34.36 5.87 -28.44
C GLU A 19 33.78 6.05 -27.02
N VAL A 20 34.20 5.19 -26.07
CA VAL A 20 33.75 5.19 -24.64
C VAL A 20 34.99 5.14 -23.76
N ARG A 21 35.11 6.06 -22.80
CA ARG A 21 36.18 6.02 -21.77
C ARG A 21 35.70 5.15 -20.60
N VAL A 22 36.50 4.18 -20.22
CA VAL A 22 36.24 3.24 -19.10
C VAL A 22 37.31 3.47 -18.04
N PRO A 23 36.99 3.57 -16.73
CA PRO A 23 38.04 3.62 -15.72
C PRO A 23 39.09 2.51 -15.96
N ALA A 24 40.34 2.76 -15.55
CA ALA A 24 41.50 1.87 -15.83
C ALA A 24 41.37 0.56 -15.07
N LYS A 25 41.01 0.61 -13.78
CA LYS A 25 40.85 -0.56 -12.89
C LYS A 25 39.44 -1.14 -13.04
N ALA A 26 38.67 -0.71 -14.05
CA ALA A 26 37.34 -1.31 -14.35
C ALA A 26 37.55 -2.60 -15.15
N LEU A 27 36.88 -3.68 -14.75
CA LEU A 27 36.84 -4.96 -15.50
C LEU A 27 35.61 -5.01 -16.40
N TRP A 28 34.69 -4.04 -16.27
CA TRP A 28 33.58 -3.98 -17.26
C TRP A 28 34.06 -3.37 -18.57
N ARG A 29 33.25 -3.40 -19.61
CA ARG A 29 33.65 -2.94 -20.96
C ARG A 29 32.60 -1.97 -21.49
N ALA A 30 32.44 -1.89 -22.81
CA ALA A 30 31.74 -0.76 -23.45
C ALA A 30 30.25 -0.80 -23.12
N GLN A 31 29.61 -1.97 -23.13
CA GLN A 31 28.14 -2.05 -22.96
C GLN A 31 27.79 -1.63 -21.52
N THR A 32 28.61 -2.00 -20.54
CA THR A 32 28.39 -1.59 -19.14
C THR A 32 28.51 -0.06 -19.06
N GLN A 33 29.58 0.49 -19.64
CA GLN A 33 29.84 1.94 -19.53
C GLN A 33 28.68 2.72 -20.19
N ARG A 34 28.12 2.27 -21.32
CA ARG A 34 26.90 2.89 -21.93
C ARG A 34 25.72 2.87 -20.95
N ALA A 35 25.50 1.77 -20.23
CA ALA A 35 24.43 1.64 -19.22
C ALA A 35 24.72 2.60 -18.05
N VAL A 36 25.99 2.79 -17.68
CA VAL A 36 26.34 3.76 -16.62
C VAL A 36 25.89 5.15 -17.06
N GLU A 37 26.16 5.47 -18.33
CA GLU A 37 25.78 6.78 -18.90
C GLU A 37 24.26 6.88 -19.12
N ASN A 38 23.57 5.79 -19.46
N ASN A 38 23.57 5.79 -19.46
CA ASN A 38 22.11 5.85 -19.75
CA ASN A 38 22.12 5.84 -19.77
C ASN A 38 21.27 5.99 -18.47
C ASN A 38 21.25 5.94 -18.50
N PHE A 39 21.69 5.42 -17.34
CA PHE A 39 20.79 5.27 -16.15
C PHE A 39 21.35 5.91 -14.88
N PRO A 40 21.71 7.21 -14.86
CA PRO A 40 22.12 7.85 -13.61
C PRO A 40 20.90 8.32 -12.77
N ILE A 41 20.29 7.37 -12.12
CA ILE A 41 18.93 7.56 -11.52
C ILE A 41 19.03 7.52 -10.00
N SER A 42 19.43 6.40 -9.42
CA SER A 42 19.43 6.18 -7.96
C SER A 42 20.85 6.33 -7.42
N GLY A 43 21.86 6.07 -8.22
CA GLY A 43 23.25 5.94 -7.72
C GLY A 43 23.49 4.68 -6.89
N ARG A 44 22.58 3.70 -6.92
CA ARG A 44 22.71 2.41 -6.17
C ARG A 44 22.62 1.31 -7.24
N GLY A 45 23.58 0.40 -7.25
CA GLY A 45 23.60 -0.76 -8.14
C GLY A 45 23.21 -2.03 -7.42
N LEU A 46 23.54 -3.17 -8.04
CA LEU A 46 23.17 -4.50 -7.51
C LEU A 46 23.82 -4.67 -6.12
N GLU A 47 23.11 -5.35 -5.25
CA GLU A 47 23.65 -5.81 -3.95
C GLU A 47 24.52 -7.06 -4.14
N ARG A 48 25.29 -7.34 -3.12
CA ARG A 48 26.29 -8.43 -3.09
C ARG A 48 25.59 -9.75 -3.40
N THR A 49 24.35 -9.99 -2.96
CA THR A 49 23.66 -11.32 -3.15
C THR A 49 23.28 -11.53 -4.62
N GLN A 50 22.87 -10.45 -5.29
N GLN A 50 22.78 -10.43 -5.21
CA GLN A 50 22.54 -10.55 -6.73
CA GLN A 50 22.55 -10.33 -6.68
C GLN A 50 23.83 -10.79 -7.54
C GLN A 50 23.81 -10.74 -7.47
N ILE A 51 24.91 -10.04 -7.25
CA ILE A 51 26.21 -10.22 -7.94
C ILE A 51 26.64 -11.66 -7.73
N ARG A 52 26.60 -12.15 -6.52
CA ARG A 52 27.01 -13.55 -6.25
C ARG A 52 26.21 -14.49 -7.16
N ALA A 53 24.90 -14.35 -7.20
CA ALA A 53 23.99 -15.23 -7.96
C ALA A 53 24.33 -15.17 -9.46
N LEU A 54 24.59 -13.98 -10.00
CA LEU A 54 24.97 -13.86 -11.43
C LEU A 54 26.26 -14.66 -11.63
N GLY A 55 27.23 -14.57 -10.72
CA GLY A 55 28.43 -15.40 -10.85
C GLY A 55 28.15 -16.89 -10.75
N LEU A 56 27.33 -17.31 -9.80
CA LEU A 56 26.98 -18.72 -9.69
C LEU A 56 26.35 -19.19 -11.02
N LEU A 57 25.43 -18.41 -11.56
CA LEU A 57 24.69 -18.81 -12.77
C LEU A 57 25.67 -18.91 -13.93
N LYS A 58 26.53 -17.92 -14.14
CA LYS A 58 27.45 -17.97 -15.30
C LYS A 58 28.40 -19.18 -15.19
N GLY A 59 28.87 -19.53 -14.00
CA GLY A 59 29.70 -20.74 -13.79
C GLY A 59 28.96 -22.01 -14.16
N ALA A 60 27.70 -22.11 -13.72
CA ALA A 60 26.92 -23.32 -14.01
C ALA A 60 26.63 -23.41 -15.51
N CYS A 61 26.30 -22.32 -16.18
CA CYS A 61 26.01 -22.36 -17.61
C CYS A 61 27.26 -22.81 -18.37
N ALA A 62 28.43 -22.33 -17.98
CA ALA A 62 29.67 -22.68 -18.69
C ALA A 62 29.93 -24.18 -18.47
N GLN A 63 29.70 -24.65 -17.24
CA GLN A 63 29.87 -26.07 -16.89
C GLN A 63 29.00 -26.90 -17.83
N VAL A 64 27.71 -26.54 -17.95
CA VAL A 64 26.79 -27.30 -18.82
C VAL A 64 27.21 -27.21 -20.30
N ASN A 65 27.49 -26.02 -20.82
CA ASN A 65 27.90 -25.83 -22.22
C ASN A 65 29.16 -26.68 -22.50
N SER A 66 30.07 -26.77 -21.55
CA SER A 66 31.28 -27.64 -21.66
C SER A 66 30.87 -29.12 -21.70
N ASP A 67 30.03 -29.55 -20.77
CA ASP A 67 29.53 -30.96 -20.65
C ASP A 67 28.83 -31.38 -21.96
N LEU A 68 28.11 -30.50 -22.63
CA LEU A 68 27.34 -30.80 -23.86
C LEU A 68 28.24 -30.67 -25.10
N GLY A 69 29.50 -30.26 -24.92
CA GLY A 69 30.46 -30.14 -26.05
C GLY A 69 30.22 -28.89 -26.87
N LEU A 70 29.54 -27.87 -26.34
CA LEU A 70 29.21 -26.61 -27.06
C LEU A 70 30.29 -25.55 -26.90
N LEU A 71 31.08 -25.67 -25.88
CA LEU A 71 32.06 -24.65 -25.45
C LEU A 71 33.38 -25.37 -25.21
N ALA A 72 34.48 -24.87 -25.80
CA ALA A 72 35.81 -25.46 -25.63
C ALA A 72 36.18 -25.44 -24.14
N PRO A 73 36.74 -26.54 -23.60
CA PRO A 73 36.98 -26.63 -22.16
C PRO A 73 37.90 -25.54 -21.58
N GLU A 74 38.85 -25.02 -22.35
CA GLU A 74 39.80 -23.96 -21.87
C GLU A 74 39.01 -22.65 -21.62
N LYS A 75 38.05 -22.37 -22.47
CA LYS A 75 37.12 -21.23 -22.32
C LYS A 75 36.19 -21.51 -21.13
N ALA A 76 35.63 -22.73 -21.04
CA ALA A 76 34.72 -23.08 -19.93
C ALA A 76 35.49 -22.95 -18.61
N ASP A 77 36.68 -23.51 -18.52
CA ASP A 77 37.50 -23.40 -17.29
C ASP A 77 37.75 -21.94 -16.91
N ALA A 78 38.05 -21.09 -17.88
CA ALA A 78 38.29 -19.64 -17.65
C ALA A 78 37.00 -18.98 -17.15
N ILE A 79 35.84 -19.34 -17.71
CA ILE A 79 34.56 -18.75 -17.22
C ILE A 79 34.30 -19.25 -15.80
N ILE A 80 34.43 -20.56 -15.60
CA ILE A 80 34.20 -21.15 -14.26
C ILE A 80 35.08 -20.45 -13.22
N ALA A 81 36.39 -20.26 -13.47
CA ALA A 81 37.27 -19.65 -12.46
C ALA A 81 36.86 -18.18 -12.20
N ALA A 82 36.57 -17.42 -13.26
CA ALA A 82 36.14 -16.00 -13.14
C ALA A 82 34.82 -15.94 -12.39
N ALA A 83 33.83 -16.78 -12.75
CA ALA A 83 32.50 -16.72 -12.10
C ALA A 83 32.63 -17.06 -10.62
N ALA A 84 33.55 -17.95 -10.26
CA ALA A 84 33.80 -18.34 -8.84
C ALA A 84 34.30 -17.12 -8.07
N GLU A 85 35.18 -16.32 -8.67
CA GLU A 85 35.65 -15.10 -7.98
C GLU A 85 34.48 -14.13 -7.77
N ILE A 86 33.61 -13.97 -8.76
CA ILE A 86 32.41 -13.11 -8.59
C ILE A 86 31.51 -13.67 -7.49
N ALA A 87 31.24 -14.97 -7.51
CA ALA A 87 30.36 -15.63 -6.53
C ALA A 87 30.95 -15.48 -5.12
N ASP A 88 32.27 -15.41 -5.00
CA ASP A 88 33.00 -15.30 -3.72
C ASP A 88 33.05 -13.85 -3.25
N GLY A 89 32.52 -12.90 -4.04
CA GLY A 89 32.39 -11.50 -3.60
C GLY A 89 33.68 -10.72 -3.79
N GLN A 90 34.57 -11.15 -4.67
CA GLN A 90 35.86 -10.45 -4.92
C GLN A 90 35.68 -9.33 -5.96
N HIS A 91 34.52 -9.15 -6.57
CA HIS A 91 34.39 -8.13 -7.66
C HIS A 91 33.13 -7.31 -7.49
N ASP A 92 32.70 -7.09 -6.26
CA ASP A 92 31.44 -6.37 -5.94
C ASP A 92 31.56 -4.92 -6.43
N ASP A 93 32.78 -4.39 -6.59
CA ASP A 93 32.99 -3.01 -7.11
C ASP A 93 32.98 -2.96 -8.65
N GLN A 94 32.70 -4.06 -9.36
CA GLN A 94 32.76 -4.05 -10.85
C GLN A 94 31.36 -4.08 -11.46
N PHE A 95 30.35 -3.73 -10.66
CA PHE A 95 28.91 -3.77 -11.07
C PHE A 95 28.29 -2.38 -10.85
N PRO A 96 28.61 -1.39 -11.71
CA PRO A 96 28.26 0.00 -11.44
C PRO A 96 26.89 0.41 -11.99
N ILE A 97 26.17 -0.48 -12.68
CA ILE A 97 24.89 -0.09 -13.32
C ILE A 97 23.82 0.12 -12.27
N ASP A 98 23.09 1.21 -12.43
CA ASP A 98 21.91 1.49 -11.59
C ASP A 98 20.96 0.30 -11.55
N VAL A 99 20.27 0.13 -10.42
CA VAL A 99 19.08 -0.75 -10.33
C VAL A 99 18.02 -0.37 -11.35
N PHE A 100 17.81 0.92 -11.61
CA PHE A 100 16.77 1.43 -12.53
C PHE A 100 17.35 1.42 -13.94
N GLN A 101 17.35 0.22 -14.51
CA GLN A 101 17.92 -0.09 -15.84
C GLN A 101 16.84 -0.75 -16.69
N THR A 102 17.17 -1.12 -17.91
CA THR A 102 16.24 -1.91 -18.76
C THR A 102 15.60 -3.03 -17.94
N GLY A 103 14.30 -3.22 -18.07
CA GLY A 103 13.54 -3.98 -17.04
C GLY A 103 13.69 -5.46 -17.13
N SER A 104 14.41 -5.99 -18.12
CA SER A 104 14.77 -7.42 -18.19
C SER A 104 16.00 -7.70 -17.34
N GLY A 105 16.74 -6.64 -16.99
CA GLY A 105 18.06 -6.84 -16.36
C GLY A 105 19.16 -7.19 -17.35
N THR A 106 18.88 -7.02 -18.64
CA THR A 106 19.87 -7.29 -19.72
C THR A 106 21.17 -6.53 -19.42
N SER A 107 21.11 -5.28 -18.99
CA SER A 107 22.36 -4.50 -18.78
C SER A 107 23.24 -5.17 -17.74
N SER A 108 22.68 -5.61 -16.61
CA SER A 108 23.47 -6.30 -15.56
C SER A 108 23.94 -7.68 -16.06
N ASN A 109 23.16 -8.33 -16.90
CA ASN A 109 23.63 -9.60 -17.52
C ASN A 109 24.92 -9.34 -18.33
N MET A 110 24.89 -8.30 -19.16
CA MET A 110 26.03 -7.94 -20.02
C MET A 110 27.23 -7.52 -19.15
N ASN A 111 26.98 -6.85 -18.04
CA ASN A 111 28.01 -6.43 -17.06
C ASN A 111 28.73 -7.67 -16.58
N THR A 112 28.01 -8.71 -16.22
CA THR A 112 28.59 -9.97 -15.73
C THR A 112 29.45 -10.59 -16.84
N ASN A 113 28.93 -10.65 -18.06
CA ASN A 113 29.62 -11.27 -19.22
C ASN A 113 30.95 -10.50 -19.43
N GLU A 114 30.89 -9.18 -19.38
CA GLU A 114 32.08 -8.35 -19.70
C GLU A 114 33.12 -8.53 -18.60
N VAL A 115 32.73 -8.54 -17.33
CA VAL A 115 33.66 -8.67 -16.17
C VAL A 115 34.33 -10.04 -16.26
N ILE A 116 33.58 -11.09 -16.57
CA ILE A 116 34.17 -12.46 -16.71
C ILE A 116 35.21 -12.44 -17.86
N ALA A 117 34.88 -11.85 -18.99
CA ALA A 117 35.82 -11.84 -20.14
C ALA A 117 37.10 -11.11 -19.68
N SER A 118 36.97 -10.00 -18.95
CA SER A 118 38.16 -9.19 -18.56
C SER A 118 38.97 -9.98 -17.55
N ILE A 119 38.32 -10.73 -16.66
CA ILE A 119 39.10 -11.50 -15.65
C ILE A 119 39.88 -12.58 -16.41
N ALA A 120 39.23 -13.18 -17.39
CA ALA A 120 39.84 -14.31 -18.15
C ALA A 120 41.03 -13.78 -18.95
N ALA A 121 40.89 -12.60 -19.54
CA ALA A 121 41.94 -11.93 -20.39
C ALA A 121 43.22 -11.82 -19.59
N LYS A 122 43.16 -11.46 -18.31
CA LYS A 122 44.34 -11.32 -17.42
C LYS A 122 45.07 -12.66 -17.25
N GLY A 123 44.37 -13.80 -17.45
CA GLY A 123 44.95 -15.15 -17.37
C GLY A 123 45.26 -15.71 -18.75
N GLY A 124 45.22 -14.89 -19.80
CA GLY A 124 45.65 -15.29 -21.14
C GLY A 124 44.57 -15.92 -22.00
N VAL A 125 43.28 -15.85 -21.63
CA VAL A 125 42.21 -16.56 -22.40
C VAL A 125 41.27 -15.50 -22.96
N THR A 126 40.98 -15.58 -24.24
CA THR A 126 40.06 -14.69 -24.98
C THR A 126 38.66 -15.30 -24.96
N LEU A 127 37.73 -14.60 -24.29
CA LEU A 127 36.30 -14.97 -24.26
C LEU A 127 35.52 -13.84 -24.91
N HIS A 128 34.58 -14.20 -25.77
CA HIS A 128 33.58 -13.26 -26.28
C HIS A 128 32.44 -13.17 -25.26
N PRO A 129 32.13 -11.98 -24.72
CA PRO A 129 31.10 -11.88 -23.68
C PRO A 129 29.75 -12.50 -24.08
N ASN A 130 29.28 -12.21 -25.28
CA ASN A 130 28.01 -12.73 -25.79
C ASN A 130 28.18 -14.20 -26.22
N ASP A 131 29.12 -14.46 -27.13
CA ASP A 131 29.16 -15.76 -27.85
C ASP A 131 29.56 -16.85 -26.85
N ASP A 132 30.45 -16.55 -25.91
CA ASP A 132 31.03 -17.58 -25.01
C ASP A 132 30.35 -17.47 -23.65
N VAL A 133 30.33 -16.30 -23.05
CA VAL A 133 29.91 -16.25 -21.62
C VAL A 133 28.39 -16.32 -21.57
N ASN A 134 27.71 -15.80 -22.58
CA ASN A 134 26.22 -15.82 -22.69
C ASN A 134 25.73 -17.00 -23.53
N MET A 135 26.59 -17.96 -23.86
CA MET A 135 26.19 -19.11 -24.73
C MET A 135 25.00 -19.88 -24.14
N SER A 136 23.95 -20.11 -24.95
CA SER A 136 22.70 -20.86 -24.61
C SER A 136 21.75 -20.02 -23.75
N GLN A 137 22.07 -18.76 -23.50
CA GLN A 137 21.27 -17.90 -22.62
C GLN A 137 20.75 -16.72 -23.41
N SER A 138 19.71 -16.09 -22.89
CA SER A 138 19.27 -14.91 -23.65
C SER A 138 19.45 -13.68 -22.78
N SER A 139 18.93 -12.55 -23.25
CA SER A 139 18.97 -11.33 -22.43
C SER A 139 17.85 -11.35 -21.38
N ASN A 140 16.89 -12.30 -21.44
CA ASN A 140 15.65 -12.34 -20.62
C ASN A 140 15.49 -13.49 -19.62
N ASP A 141 16.26 -14.57 -19.68
CA ASP A 141 16.06 -15.67 -18.70
C ASP A 141 17.18 -15.69 -17.67
N THR A 142 18.17 -14.80 -17.78
CA THR A 142 19.36 -14.85 -16.91
C THR A 142 19.17 -14.03 -15.63
N PHE A 143 18.82 -12.77 -15.80
CA PHE A 143 18.69 -11.92 -14.60
C PHE A 143 17.58 -12.48 -13.70
N PRO A 144 16.38 -12.84 -14.15
CA PRO A 144 15.37 -13.39 -13.23
C PRO A 144 15.80 -14.71 -12.59
N THR A 145 16.58 -15.52 -13.30
CA THR A 145 17.11 -16.77 -12.68
C THR A 145 18.04 -16.36 -11.52
N ALA A 146 18.93 -15.40 -11.75
CA ALA A 146 19.88 -14.98 -10.69
C ALA A 146 19.07 -14.42 -9.52
N THR A 147 18.00 -13.68 -9.81
CA THR A 147 17.17 -13.08 -8.73
C THR A 147 16.55 -14.18 -7.87
N HIS A 148 16.02 -15.22 -8.48
CA HIS A 148 15.40 -16.32 -7.73
C HIS A 148 16.47 -17.14 -6.99
N ILE A 149 17.67 -17.32 -7.55
CA ILE A 149 18.80 -17.98 -6.83
C ILE A 149 19.13 -17.16 -5.59
N ALA A 150 19.27 -15.84 -5.74
CA ALA A 150 19.63 -14.96 -4.60
C ALA A 150 18.51 -14.99 -3.56
N ALA A 151 17.26 -14.93 -3.96
CA ALA A 151 16.13 -14.86 -3.00
C ALA A 151 16.00 -16.21 -2.26
N THR A 152 16.20 -17.31 -2.96
CA THR A 152 16.07 -18.65 -2.35
C THR A 152 17.20 -18.82 -1.35
N GLU A 153 18.46 -18.48 -1.71
CA GLU A 153 19.60 -18.53 -0.78
C GLU A 153 19.32 -17.63 0.42
N ALA A 154 18.82 -16.43 0.17
CA ALA A 154 18.50 -15.50 1.28
C ALA A 154 17.50 -16.15 2.24
N ALA A 155 16.50 -16.81 1.73
CA ALA A 155 15.43 -17.40 2.55
C ALA A 155 16.01 -18.56 3.36
N VAL A 156 16.72 -19.48 2.72
CA VAL A 156 17.09 -20.78 3.32
C VAL A 156 18.32 -20.63 4.19
N ALA A 157 19.35 -19.98 3.68
CA ALA A 157 20.67 -19.94 4.34
C ALA A 157 20.72 -18.86 5.42
N HIS A 158 19.94 -17.78 5.32
CA HIS A 158 20.13 -16.57 6.14
C HIS A 158 18.85 -16.22 6.93
N LEU A 159 17.71 -16.04 6.26
CA LEU A 159 16.54 -15.53 7.01
C LEU A 159 16.03 -16.64 7.93
N ILE A 160 15.83 -17.87 7.46
CA ILE A 160 15.26 -18.91 8.36
C ILE A 160 16.15 -19.13 9.58
N PRO A 161 17.48 -19.28 9.48
CA PRO A 161 18.31 -19.37 10.69
C PRO A 161 18.22 -18.16 11.62
N ALA A 162 18.09 -16.95 11.07
CA ALA A 162 17.97 -15.73 11.90
C ALA A 162 16.63 -15.75 12.64
N LEU A 163 15.56 -16.12 11.95
CA LEU A 163 14.24 -16.26 12.62
C LEU A 163 14.29 -17.36 13.65
N GLN A 164 14.98 -18.47 13.37
CA GLN A 164 15.08 -19.54 14.38
C GLN A 164 15.81 -19.01 15.62
N GLN A 165 16.87 -18.24 15.47
CA GLN A 165 17.57 -17.62 16.62
C GLN A 165 16.57 -16.77 17.43
N LEU A 166 15.77 -15.95 16.75
CA LEU A 166 14.79 -15.09 17.47
C LEU A 166 13.78 -15.98 18.16
N HIS A 167 13.22 -16.96 17.46
CA HIS A 167 12.24 -17.89 18.08
C HIS A 167 12.85 -18.47 19.36
N ASP A 168 14.09 -18.91 19.30
CA ASP A 168 14.71 -19.65 20.41
C ASP A 168 14.89 -18.66 21.56
N ALA A 169 15.23 -17.41 21.28
CA ALA A 169 15.37 -16.40 22.34
C ALA A 169 14.03 -16.12 23.00
N LEU A 170 12.99 -15.92 22.22
CA LEU A 170 11.62 -15.67 22.78
C LEU A 170 11.17 -16.88 23.61
N ALA A 171 11.43 -18.09 23.14
CA ALA A 171 11.01 -19.33 23.79
C ALA A 171 11.76 -19.46 25.12
N ALA A 172 13.03 -19.09 25.15
CA ALA A 172 13.87 -19.16 26.36
C ALA A 172 13.25 -18.24 27.41
N LYS A 173 12.86 -17.03 27.02
CA LYS A 173 12.22 -16.09 27.97
C LYS A 173 10.87 -16.63 28.42
N ALA A 174 10.07 -17.23 27.53
CA ALA A 174 8.77 -17.83 27.85
C ALA A 174 9.00 -18.82 29.01
N LEU A 175 10.05 -19.62 28.91
CA LEU A 175 10.32 -20.66 29.93
C LEU A 175 10.80 -19.97 31.20
N ASP A 176 11.72 -19.04 31.12
CA ASP A 176 12.27 -18.33 32.31
C ASP A 176 11.13 -17.62 33.06
N TRP A 177 10.12 -17.12 32.36
CA TRP A 177 9.06 -16.28 32.96
C TRP A 177 7.74 -17.05 33.08
N HIS A 178 7.84 -18.38 33.10
CA HIS A 178 6.70 -19.29 33.21
C HIS A 178 5.75 -18.87 34.36
N THR A 179 6.29 -18.46 35.49
CA THR A 179 5.45 -18.17 36.70
C THR A 179 5.37 -16.68 37.01
N VAL A 180 5.76 -15.83 36.09
CA VAL A 180 5.80 -14.37 36.30
C VAL A 180 4.41 -13.82 35.98
N VAL A 181 3.56 -13.90 36.99
CA VAL A 181 2.16 -13.48 36.79
C VAL A 181 2.04 -11.96 36.69
N LYS A 182 1.12 -11.52 35.85
CA LYS A 182 0.89 -10.08 35.67
C LYS A 182 -0.50 -9.87 35.12
N SER A 183 -0.96 -8.64 35.23
N SER A 183 -0.97 -8.64 35.23
CA SER A 183 -2.29 -8.28 34.71
CA SER A 183 -2.29 -8.30 34.71
C SER A 183 -2.29 -8.49 33.20
C SER A 183 -2.28 -8.49 33.19
N GLY A 184 -3.42 -8.94 32.69
CA GLY A 184 -3.61 -9.06 31.24
C GLY A 184 -4.11 -7.67 30.77
N ARG A 185 -3.98 -7.38 29.49
CA ARG A 185 -4.50 -6.11 28.97
C ARG A 185 -5.20 -6.39 27.65
N THR A 186 -6.44 -5.94 27.57
CA THR A 186 -7.24 -6.04 26.33
C THR A 186 -7.81 -4.64 26.15
N HIS A 187 -7.67 -4.09 24.93
CA HIS A 187 -8.16 -2.74 24.59
C HIS A 187 -7.32 -1.72 25.37
N LEU A 188 -6.16 -2.14 25.88
CA LEU A 188 -5.22 -1.36 26.72
C LEU A 188 -5.75 -1.28 28.15
N MET A 189 -6.84 -1.95 28.46
CA MET A 189 -7.47 -1.87 29.78
C MET A 189 -7.13 -3.14 30.57
N ASP A 190 -7.16 -3.02 31.90
CA ASP A 190 -6.81 -4.13 32.79
C ASP A 190 -7.78 -5.29 32.59
N ALA A 191 -7.23 -6.51 32.57
CA ALA A 191 -7.96 -7.75 32.33
C ALA A 191 -7.45 -8.82 33.29
N VAL A 192 -7.99 -10.01 33.21
CA VAL A 192 -7.61 -11.10 34.14
C VAL A 192 -6.15 -11.49 33.91
N PRO A 193 -5.52 -12.17 34.89
CA PRO A 193 -4.10 -12.43 34.86
C PRO A 193 -3.62 -13.35 33.74
N VAL A 194 -2.41 -13.02 33.29
CA VAL A 194 -1.61 -13.89 32.41
C VAL A 194 -0.21 -14.01 33.02
N THR A 195 0.68 -14.75 32.37
CA THR A 195 2.10 -14.67 32.74
C THR A 195 2.88 -14.04 31.58
N LEU A 196 3.97 -13.37 31.95
CA LEU A 196 4.93 -12.87 30.95
C LEU A 196 5.35 -14.07 30.08
N GLY A 197 5.49 -15.27 30.64
CA GLY A 197 5.88 -16.43 29.86
C GLY A 197 4.85 -16.79 28.82
N GLN A 198 3.59 -16.69 29.16
CA GLN A 198 2.52 -16.96 28.16
C GLN A 198 2.61 -15.92 27.03
N GLU A 199 2.79 -14.64 27.36
CA GLU A 199 2.87 -13.59 26.32
C GLU A 199 4.06 -13.89 25.40
N PHE A 200 5.20 -14.26 25.98
CA PHE A 200 6.41 -14.59 25.16
C PHE A 200 6.20 -15.87 24.35
N SER A 201 5.48 -16.85 24.88
CA SER A 201 5.12 -18.05 24.09
C SER A 201 4.33 -17.64 22.83
N GLY A 202 3.44 -16.64 22.94
CA GLY A 202 2.69 -16.10 21.77
C GLY A 202 3.69 -15.48 20.77
N TYR A 203 4.61 -14.66 21.25
CA TYR A 203 5.59 -14.01 20.35
C TYR A 203 6.37 -15.11 19.62
N ALA A 204 6.81 -16.12 20.39
CA ALA A 204 7.57 -17.23 19.81
C ALA A 204 6.74 -17.91 18.73
N ARG A 205 5.49 -18.17 18.96
CA ARG A 205 4.61 -18.81 17.96
C ARG A 205 4.57 -17.91 16.70
N GLN A 206 4.47 -16.60 16.86
CA GLN A 206 4.38 -15.68 15.69
C GLN A 206 5.65 -15.89 14.83
N ILE A 207 6.81 -16.05 15.43
CA ILE A 207 8.09 -16.19 14.68
C ILE A 207 8.15 -17.61 14.10
N GLU A 208 7.74 -18.63 14.83
CA GLU A 208 7.69 -20.00 14.27
C GLU A 208 6.72 -20.08 13.10
N ALA A 209 5.58 -19.36 13.16
CA ALA A 209 4.62 -19.31 12.04
C ALA A 209 5.27 -18.57 10.86
N GLY A 210 6.03 -17.53 11.15
CA GLY A 210 6.83 -16.81 10.14
C GLY A 210 7.76 -17.75 9.38
N ILE A 211 8.48 -18.61 10.08
CA ILE A 211 9.35 -19.62 9.43
C ILE A 211 8.49 -20.55 8.57
N GLU A 212 7.34 -21.02 9.07
CA GLU A 212 6.41 -21.86 8.27
C GLU A 212 6.01 -21.12 6.98
N ARG A 213 5.73 -19.83 7.06
CA ARG A 213 5.29 -19.02 5.90
C ARG A 213 6.44 -18.96 4.86
N VAL A 214 7.66 -18.76 5.32
CA VAL A 214 8.79 -18.71 4.37
C VAL A 214 8.95 -20.08 3.74
N ARG A 215 8.93 -21.15 4.53
N ARG A 215 8.93 -21.11 4.55
CA ARG A 215 9.09 -22.52 3.97
CA ARG A 215 9.28 -22.75 3.68
CA ARG A 215 9.07 -22.50 4.05
C ARG A 215 7.98 -22.77 2.92
C ARG A 215 7.99 -22.78 2.97
N ALA A 216 6.76 -22.32 3.18
CA ALA A 216 5.62 -22.64 2.29
C ALA A 216 5.80 -21.94 0.91
N CYS A 217 6.55 -20.86 0.81
CA CYS A 217 6.70 -20.17 -0.50
C CYS A 217 7.84 -20.81 -1.33
N LEU A 218 8.73 -21.60 -0.72
CA LEU A 218 9.96 -22.07 -1.40
C LEU A 218 9.66 -22.89 -2.63
N PRO A 219 8.59 -23.71 -2.72
CA PRO A 219 8.35 -24.49 -3.93
C PRO A 219 8.27 -23.59 -5.17
N ARG A 220 7.83 -22.36 -5.01
CA ARG A 220 7.63 -21.47 -6.16
C ARG A 220 8.77 -20.43 -6.18
N LEU A 221 9.32 -20.03 -5.03
CA LEU A 221 10.43 -19.06 -5.00
C LEU A 221 11.66 -19.67 -5.71
N GLY A 222 11.87 -20.95 -5.53
CA GLY A 222 13.07 -21.58 -6.11
C GLY A 222 12.96 -21.90 -7.58
N GLU A 223 11.82 -21.65 -8.24
CA GLU A 223 11.69 -21.94 -9.69
C GLU A 223 12.60 -20.99 -10.49
N LEU A 224 13.42 -21.55 -11.39
CA LEU A 224 14.35 -20.77 -12.23
C LEU A 224 13.87 -20.81 -13.68
N ALA A 225 14.06 -19.68 -14.37
CA ALA A 225 13.64 -19.54 -15.78
C ALA A 225 14.71 -20.08 -16.73
N ILE A 226 15.93 -20.28 -16.23
CA ILE A 226 17.08 -20.65 -17.12
C ILE A 226 16.73 -21.79 -18.11
N GLY A 227 17.08 -21.55 -19.36
CA GLY A 227 16.76 -22.48 -20.45
C GLY A 227 15.58 -22.03 -21.29
N GLY A 228 14.76 -21.11 -20.80
CA GLY A 228 13.62 -20.58 -21.56
C GLY A 228 14.03 -19.64 -22.68
N THR A 229 15.22 -19.08 -22.61
CA THR A 229 15.71 -18.12 -23.62
C THR A 229 14.80 -16.89 -23.75
N ALA A 230 14.67 -16.36 -24.94
CA ALA A 230 14.02 -15.04 -25.10
C ALA A 230 12.54 -14.98 -24.68
N VAL A 231 11.74 -15.97 -25.03
CA VAL A 231 10.27 -15.86 -24.79
C VAL A 231 9.75 -17.03 -23.96
N GLY A 232 10.60 -17.98 -23.59
CA GLY A 232 10.12 -19.14 -22.83
C GLY A 232 10.13 -20.43 -23.63
N THR A 233 10.39 -20.35 -24.94
CA THR A 233 10.33 -21.55 -25.81
C THR A 233 11.61 -22.37 -25.76
N GLY A 234 12.71 -21.78 -25.32
CA GLY A 234 14.00 -22.47 -25.28
C GLY A 234 14.69 -22.45 -26.63
N LEU A 235 14.18 -21.69 -27.59
CA LEU A 235 14.86 -21.57 -28.90
C LEU A 235 16.28 -21.05 -28.68
N ASN A 236 17.26 -21.65 -29.37
CA ASN A 236 18.70 -21.31 -29.32
C ASN A 236 19.37 -21.80 -28.03
N ALA A 237 18.74 -22.73 -27.33
CA ALA A 237 19.41 -23.35 -26.18
C ALA A 237 19.21 -24.85 -26.30
N PRO A 238 20.07 -25.70 -25.71
CA PRO A 238 19.80 -27.14 -25.67
C PRO A 238 18.46 -27.43 -24.98
N ASP A 239 17.79 -28.50 -25.40
CA ASP A 239 16.44 -28.85 -24.87
C ASP A 239 16.46 -29.11 -23.37
N ASP A 240 17.57 -29.62 -22.86
CA ASP A 240 17.72 -29.98 -21.42
C ASP A 240 18.61 -28.94 -20.73
N PHE A 241 18.74 -27.74 -21.26
CA PHE A 241 19.68 -26.78 -20.62
C PHE A 241 19.22 -26.48 -19.19
N GLY A 242 17.96 -26.18 -18.97
CA GLY A 242 17.45 -25.79 -17.65
C GLY A 242 17.68 -26.90 -16.65
N VAL A 243 17.32 -28.16 -16.94
N VAL A 243 17.33 -28.12 -17.02
CA VAL A 243 17.50 -29.19 -15.88
CA VAL A 243 17.45 -29.26 -16.08
C VAL A 243 19.01 -29.41 -15.67
C VAL A 243 18.93 -29.48 -15.74
N ARG A 244 19.82 -29.35 -16.72
CA ARG A 244 21.27 -29.52 -16.50
C ARG A 244 21.82 -28.41 -15.60
N VAL A 245 21.48 -27.15 -15.89
CA VAL A 245 22.06 -26.01 -15.14
C VAL A 245 21.57 -26.06 -13.69
N VAL A 246 20.27 -26.33 -13.49
CA VAL A 246 19.71 -26.46 -12.13
C VAL A 246 20.46 -27.55 -11.38
N ALA A 247 20.71 -28.69 -12.04
CA ALA A 247 21.38 -29.80 -11.32
C ALA A 247 22.78 -29.36 -10.87
N VAL A 248 23.50 -28.67 -11.75
CA VAL A 248 24.85 -28.15 -11.39
C VAL A 248 24.73 -27.16 -10.22
N LEU A 249 23.77 -26.25 -10.28
CA LEU A 249 23.60 -25.27 -9.16
C LEU A 249 23.31 -26.01 -7.86
N VAL A 250 22.41 -26.98 -7.86
CA VAL A 250 22.04 -27.74 -6.63
C VAL A 250 23.28 -28.47 -6.11
N ALA A 251 24.02 -29.13 -6.99
CA ALA A 251 25.24 -29.91 -6.59
C ALA A 251 26.29 -28.98 -5.98
N GLN A 252 26.46 -27.79 -6.52
CA GLN A 252 27.54 -26.86 -6.09
C GLN A 252 27.11 -26.13 -4.81
N THR A 253 25.86 -25.69 -4.71
CA THR A 253 25.41 -24.77 -3.61
C THR A 253 24.79 -25.55 -2.46
N GLY A 254 24.32 -26.78 -2.67
CA GLY A 254 23.51 -27.51 -1.67
C GLY A 254 22.11 -26.94 -1.52
N LEU A 255 21.71 -25.94 -2.32
CA LEU A 255 20.33 -25.36 -2.26
C LEU A 255 19.34 -26.27 -3.01
N SER A 256 18.79 -27.27 -2.32
CA SER A 256 17.92 -28.27 -2.93
C SER A 256 16.59 -27.65 -3.37
N GLU A 257 16.26 -26.44 -2.87
CA GLU A 257 15.01 -25.76 -3.23
C GLU A 257 15.07 -25.19 -4.66
N LEU A 258 16.24 -25.10 -5.29
CA LEU A 258 16.30 -24.60 -6.70
C LEU A 258 15.71 -25.67 -7.61
N ARG A 259 14.92 -25.26 -8.57
CA ARG A 259 14.23 -26.20 -9.46
C ARG A 259 13.94 -25.51 -10.78
N THR A 260 13.74 -26.28 -11.83
N THR A 260 13.73 -26.28 -11.84
CA THR A 260 13.24 -25.71 -13.08
CA THR A 260 13.33 -25.72 -13.13
C THR A 260 11.82 -25.19 -12.85
C THR A 260 11.82 -25.40 -13.08
N ALA A 261 11.42 -24.27 -13.68
CA ALA A 261 10.04 -23.74 -13.62
C ALA A 261 9.04 -24.81 -14.06
N ALA A 262 7.89 -24.88 -13.40
CA ALA A 262 6.81 -25.78 -13.80
C ALA A 262 6.32 -25.41 -15.20
N ASN A 263 6.27 -24.10 -15.51
CA ASN A 263 5.84 -23.62 -16.84
C ASN A 263 6.83 -22.53 -17.28
N SER A 264 7.47 -22.74 -18.43
CA SER A 264 8.59 -21.86 -18.84
C SER A 264 8.07 -20.48 -19.23
N PHE A 265 6.79 -20.37 -19.63
N PHE A 265 6.80 -20.38 -19.66
CA PHE A 265 6.19 -19.08 -20.06
CA PHE A 265 6.19 -19.09 -20.06
C PHE A 265 5.78 -18.26 -18.84
C PHE A 265 5.84 -18.28 -18.82
N GLU A 266 5.17 -18.92 -17.85
CA GLU A 266 4.85 -18.26 -16.55
C GLU A 266 6.14 -17.76 -15.90
N ALA A 267 7.23 -18.51 -16.06
CA ALA A 267 8.49 -18.12 -15.37
C ALA A 267 9.16 -16.88 -15.98
N GLN A 268 8.74 -16.46 -17.16
CA GLN A 268 9.35 -15.24 -17.74
C GLN A 268 8.34 -14.11 -17.87
N ALA A 269 7.08 -14.45 -18.14
CA ALA A 269 5.98 -13.46 -18.26
C ALA A 269 5.65 -12.88 -16.88
N ALA A 270 5.92 -13.61 -15.81
CA ALA A 270 5.57 -13.10 -14.47
C ALA A 270 6.68 -13.38 -13.47
N ARG A 271 6.64 -12.64 -12.36
CA ARG A 271 7.54 -12.79 -11.20
C ARG A 271 6.65 -13.05 -9.98
N ASP A 272 5.63 -13.86 -10.14
CA ASP A 272 4.63 -14.09 -9.07
C ASP A 272 5.30 -14.74 -7.85
N GLY A 273 6.35 -15.53 -8.01
CA GLY A 273 7.06 -16.12 -6.85
C GLY A 273 7.67 -15.06 -5.96
N LEU A 274 8.16 -13.96 -6.53
CA LEU A 274 8.70 -12.85 -5.71
C LEU A 274 7.55 -12.18 -4.95
N VAL A 275 6.42 -11.99 -5.61
CA VAL A 275 5.25 -11.33 -4.97
C VAL A 275 4.80 -12.22 -3.83
N GLU A 276 4.76 -13.53 -4.08
CA GLU A 276 4.37 -14.48 -3.02
C GLU A 276 5.33 -14.39 -1.84
N ALA A 277 6.62 -14.46 -2.10
CA ALA A 277 7.65 -14.44 -1.02
C ALA A 277 7.58 -13.10 -0.30
N SER A 278 7.39 -11.99 -1.01
CA SER A 278 7.29 -10.68 -0.34
C SER A 278 6.14 -10.70 0.66
N GLY A 279 5.04 -11.35 0.30
CA GLY A 279 3.91 -11.46 1.22
C GLY A 279 4.27 -12.17 2.50
N ALA A 280 5.08 -13.23 2.46
CA ALA A 280 5.56 -13.90 3.67
C ALA A 280 6.42 -12.94 4.49
N LEU A 281 7.32 -12.19 3.85
CA LEU A 281 8.19 -11.23 4.57
C LEU A 281 7.32 -10.13 5.21
N ARG A 282 6.31 -9.65 4.50
CA ARG A 282 5.39 -8.60 4.99
C ARG A 282 4.64 -9.15 6.21
N THR A 283 4.23 -10.42 6.20
CA THR A 283 3.55 -10.99 7.37
C THR A 283 4.53 -11.01 8.57
N ILE A 284 5.77 -11.40 8.32
CA ILE A 284 6.81 -11.40 9.41
C ILE A 284 6.98 -9.98 9.92
N ALA A 285 7.02 -8.99 9.04
CA ALA A 285 7.12 -7.59 9.45
C ALA A 285 5.95 -7.22 10.35
N VAL A 286 4.77 -7.66 10.04
CA VAL A 286 3.54 -7.40 10.84
C VAL A 286 3.74 -8.03 12.20
N SER A 287 4.19 -9.27 12.26
CA SER A 287 4.40 -9.96 13.56
C SER A 287 5.44 -9.23 14.40
N LEU A 288 6.56 -8.90 13.80
CA LEU A 288 7.65 -8.21 14.50
C LEU A 288 7.17 -6.86 15.01
N THR A 289 6.33 -6.17 14.26
CA THR A 289 5.80 -4.87 14.74
C THR A 289 5.10 -5.13 16.07
N LYS A 290 4.21 -6.10 16.13
CA LYS A 290 3.44 -6.37 17.38
C LYS A 290 4.39 -6.74 18.51
N ILE A 291 5.37 -7.59 18.25
CA ILE A 291 6.32 -8.04 19.32
C ILE A 291 7.16 -6.86 19.82
N ALA A 292 7.73 -6.10 18.90
CA ALA A 292 8.60 -4.95 19.25
C ALA A 292 7.78 -3.87 19.97
N ASN A 293 6.55 -3.61 19.54
N ASN A 293 6.55 -3.61 19.54
CA ASN A 293 5.70 -2.56 20.18
CA ASN A 293 5.71 -2.56 20.19
C ASN A 293 5.31 -2.99 21.60
C ASN A 293 5.32 -2.99 21.60
N ASP A 294 5.02 -4.27 21.80
CA ASP A 294 4.66 -4.74 23.16
C ASP A 294 5.88 -4.59 24.06
N ILE A 295 7.05 -4.99 23.56
CA ILE A 295 8.29 -4.92 24.38
C ILE A 295 8.66 -3.49 24.76
N ARG A 296 8.59 -2.53 23.83
CA ARG A 296 8.91 -1.14 24.21
C ARG A 296 7.86 -0.60 25.19
N TRP A 297 6.59 -0.96 25.01
CA TRP A 297 5.56 -0.51 26.00
C TRP A 297 5.82 -1.13 27.38
N MET A 298 6.21 -2.41 27.39
N MET A 298 6.20 -2.41 27.40
CA MET A 298 6.49 -3.08 28.68
CA MET A 298 6.50 -3.07 28.69
C MET A 298 7.68 -2.39 29.38
C MET A 298 7.68 -2.38 29.38
N GLY A 299 8.65 -1.90 28.60
CA GLY A 299 9.82 -1.22 29.15
C GLY A 299 9.66 0.27 29.40
N SER A 300 8.46 0.83 29.18
CA SER A 300 8.21 2.28 29.28
C SER A 300 8.35 2.72 30.75
N GLY A 301 8.98 3.86 30.97
CA GLY A 301 9.10 4.40 32.33
C GLY A 301 10.34 5.25 32.42
N PRO A 302 11.04 5.23 33.56
CA PRO A 302 10.84 4.26 34.62
C PRO A 302 9.72 4.57 35.63
N LEU A 303 9.13 5.77 35.58
CA LEU A 303 8.10 6.14 36.57
C LEU A 303 6.70 6.18 35.95
N THR A 304 6.51 6.86 34.82
CA THR A 304 5.15 7.19 34.35
C THR A 304 4.61 6.17 33.34
N GLY A 305 5.41 5.15 33.02
CA GLY A 305 5.01 4.12 32.06
C GLY A 305 4.55 2.82 32.72
N LEU A 306 4.51 1.74 31.96
CA LEU A 306 4.07 0.42 32.48
C LEU A 306 5.10 -0.17 33.45
N ALA A 307 6.39 -0.01 33.17
CA ALA A 307 7.51 -0.47 34.03
C ALA A 307 7.38 -1.97 34.35
N GLU A 308 7.02 -2.76 33.36
CA GLU A 308 6.91 -4.22 33.55
C GLU A 308 8.29 -4.89 33.44
N ILE A 309 9.12 -4.40 32.53
CA ILE A 309 10.45 -5.01 32.28
C ILE A 309 11.46 -3.89 32.06
N GLN A 310 12.74 -4.24 32.18
CA GLN A 310 13.84 -3.34 31.82
C GLN A 310 14.55 -3.92 30.60
N LEU A 311 14.75 -3.08 29.59
CA LEU A 311 15.55 -3.42 28.39
C LEU A 311 17.01 -3.19 28.73
N PRO A 312 17.92 -4.01 28.20
CA PRO A 312 19.36 -3.76 28.28
C PRO A 312 19.82 -2.52 27.49
N ASP A 313 20.81 -1.81 28.04
CA ASP A 313 21.36 -0.52 27.52
C ASP A 313 22.33 -0.79 26.38
N LEU A 314 22.25 0.06 25.34
CA LEU A 314 23.07 0.03 24.11
C LEU A 314 23.58 1.47 23.86
N GLY A 323 16.12 0.55 33.48
CA GLY A 323 14.88 1.36 33.67
C GLY A 323 14.78 2.60 32.77
N LYS A 324 15.89 3.24 32.36
CA LYS A 324 15.91 4.52 31.57
C LYS A 324 16.53 4.31 30.16
N VAL A 325 16.82 3.08 29.77
CA VAL A 325 17.32 2.82 28.40
C VAL A 325 16.21 3.17 27.35
N ASN A 326 16.50 3.97 26.30
CA ASN A 326 15.57 4.07 25.14
C ASN A 326 15.50 2.69 24.48
N PRO A 327 14.31 2.31 23.95
CA PRO A 327 14.11 1.01 23.30
C PRO A 327 14.61 1.07 21.85
N VAL A 328 15.89 1.25 21.68
CA VAL A 328 16.48 1.49 20.36
C VAL A 328 16.31 0.25 19.46
N LEU A 329 16.38 -1.00 19.94
N LEU A 329 16.42 -0.98 19.99
CA LEU A 329 16.24 -2.14 19.00
CA LEU A 329 16.27 -2.18 19.12
C LEU A 329 14.78 -2.36 18.63
C LEU A 329 14.82 -2.29 18.66
N PRO A 330 13.80 -2.20 19.55
CA PRO A 330 12.43 -2.16 19.04
C PRO A 330 12.20 -1.06 18.00
N GLU A 331 12.83 0.09 18.12
CA GLU A 331 12.69 1.18 17.12
C GLU A 331 13.32 0.72 15.79
N ALA A 332 14.47 0.08 15.83
CA ALA A 332 15.11 -0.45 14.61
C ALA A 332 14.15 -1.49 13.98
N VAL A 333 13.62 -2.40 14.78
CA VAL A 333 12.74 -3.47 14.24
C VAL A 333 11.49 -2.84 13.60
N THR A 334 10.85 -1.86 14.26
CA THR A 334 9.60 -1.27 13.70
C THR A 334 9.92 -0.46 12.44
N GLN A 335 11.07 0.19 12.38
CA GLN A 335 11.50 0.90 11.17
C GLN A 335 11.77 -0.08 10.00
N VAL A 336 12.47 -1.17 10.28
CA VAL A 336 12.68 -2.23 9.27
C VAL A 336 11.31 -2.71 8.80
N ALA A 337 10.40 -3.01 9.71
CA ALA A 337 9.07 -3.54 9.33
C ALA A 337 8.39 -2.58 8.38
N ALA A 338 8.44 -1.27 8.65
CA ALA A 338 7.83 -0.25 7.76
C ALA A 338 8.48 -0.38 6.38
N GLN A 339 9.81 -0.50 6.32
CA GLN A 339 10.52 -0.60 5.02
C GLN A 339 10.02 -1.84 4.26
N VAL A 340 9.93 -2.97 4.95
CA VAL A 340 9.52 -4.23 4.31
C VAL A 340 8.10 -4.05 3.75
N ILE A 341 7.20 -3.37 4.48
N ILE A 341 7.23 -3.34 4.45
CA ILE A 341 5.80 -3.07 4.01
CA ILE A 341 5.84 -3.11 3.99
C ILE A 341 5.92 -2.27 2.72
C ILE A 341 5.86 -2.21 2.76
N GLY A 342 6.70 -1.20 2.72
CA GLY A 342 6.82 -0.38 1.51
C GLY A 342 7.38 -1.18 0.34
N ASN A 343 8.48 -1.90 0.59
CA ASN A 343 9.15 -2.73 -0.44
C ASN A 343 8.10 -3.71 -1.04
N ASP A 344 7.27 -4.26 -0.18
CA ASP A 344 6.26 -5.23 -0.60
C ASP A 344 5.28 -4.56 -1.57
N ALA A 345 4.91 -3.30 -1.33
CA ALA A 345 3.98 -2.63 -2.24
C ALA A 345 4.66 -2.41 -3.60
N ALA A 346 5.94 -2.07 -3.60
CA ALA A 346 6.67 -1.86 -4.87
C ALA A 346 6.75 -3.17 -5.63
N ILE A 347 7.02 -4.27 -4.94
CA ILE A 347 7.12 -5.59 -5.60
C ILE A 347 5.81 -5.97 -6.25
N ALA A 348 4.70 -5.81 -5.54
CA ALA A 348 3.39 -6.22 -6.10
C ALA A 348 3.09 -5.37 -7.34
N TRP A 349 3.38 -4.09 -7.31
CA TRP A 349 3.14 -3.15 -8.42
C TRP A 349 3.96 -3.60 -9.64
N GLY A 350 5.22 -3.96 -9.47
CA GLY A 350 6.02 -4.47 -10.60
C GLY A 350 5.47 -5.81 -11.07
N GLY A 351 5.06 -6.66 -10.13
CA GLY A 351 4.57 -7.99 -10.47
C GLY A 351 3.38 -7.96 -11.39
N ALA A 352 2.48 -6.97 -11.19
CA ALA A 352 1.16 -7.00 -11.83
C ALA A 352 1.35 -6.59 -13.31
N ASN A 353 2.41 -5.82 -13.54
CA ASN A 353 2.58 -5.02 -14.78
C ASN A 353 3.44 -5.65 -15.86
N GLY A 354 3.52 -6.97 -15.85
CA GLY A 354 4.20 -7.63 -16.98
C GLY A 354 3.36 -7.57 -18.25
N ALA A 355 4.01 -7.76 -19.39
CA ALA A 355 3.19 -7.79 -20.62
C ALA A 355 3.65 -8.95 -21.49
N PHE A 356 2.71 -9.75 -21.96
CA PHE A 356 3.02 -10.84 -22.92
C PHE A 356 4.13 -11.73 -22.37
N GLU A 357 5.22 -11.85 -23.12
CA GLU A 357 6.28 -12.83 -22.79
C GLU A 357 7.27 -12.35 -21.74
N LEU A 358 7.19 -11.11 -21.28
CA LEU A 358 8.22 -10.70 -20.31
C LEU A 358 7.72 -9.68 -19.28
N ASN A 359 8.04 -9.92 -18.01
CA ASN A 359 7.80 -8.91 -16.96
C ASN A 359 9.08 -8.08 -16.93
N VAL A 360 8.97 -6.78 -17.17
CA VAL A 360 10.10 -5.83 -17.28
C VAL A 360 10.18 -4.93 -16.04
N TYR A 361 9.91 -5.50 -14.88
CA TYR A 361 10.14 -4.81 -13.60
C TYR A 361 11.15 -5.55 -12.75
N ILE A 362 11.94 -6.45 -13.32
CA ILE A 362 12.76 -7.39 -12.54
C ILE A 362 13.83 -6.68 -11.70
N PRO A 363 14.65 -5.71 -12.22
CA PRO A 363 15.65 -5.09 -11.39
C PRO A 363 15.02 -4.44 -10.16
N MET A 364 13.92 -3.74 -10.33
CA MET A 364 13.28 -3.06 -9.16
C MET A 364 12.74 -4.14 -8.20
N MET A 365 12.07 -5.16 -8.68
CA MET A 365 11.55 -6.22 -7.80
C MET A 365 12.69 -6.90 -7.06
N ALA A 366 13.80 -7.15 -7.74
CA ALA A 366 14.97 -7.83 -7.14
C ALA A 366 15.54 -6.96 -6.01
N ARG A 367 15.72 -5.68 -6.27
CA ARG A 367 16.26 -4.79 -5.21
C ARG A 367 15.36 -4.90 -3.96
N ASN A 368 14.07 -4.73 -4.13
CA ASN A 368 13.13 -4.67 -2.99
C ASN A 368 13.08 -6.00 -2.22
N ILE A 369 12.92 -7.13 -2.91
N ILE A 369 13.00 -7.12 -2.89
CA ILE A 369 12.82 -8.48 -2.26
CA ILE A 369 12.83 -8.38 -2.12
C ILE A 369 14.14 -8.74 -1.52
C ILE A 369 14.17 -8.74 -1.48
N LEU A 370 15.28 -8.51 -2.17
CA LEU A 370 16.57 -8.87 -1.54
C LEU A 370 16.85 -7.95 -0.36
N GLU A 371 16.47 -6.68 -0.44
CA GLU A 371 16.61 -5.79 0.71
C GLU A 371 15.73 -6.29 1.84
N SER A 372 14.49 -6.63 1.58
CA SER A 372 13.58 -7.09 2.65
C SER A 372 14.20 -8.32 3.37
N PHE A 373 14.73 -9.26 2.60
CA PHE A 373 15.38 -10.45 3.20
C PHE A 373 16.51 -9.97 4.11
N LYS A 374 17.36 -9.09 3.61
CA LYS A 374 18.57 -8.66 4.35
C LYS A 374 18.17 -7.96 5.63
N LEU A 375 17.27 -6.98 5.54
CA LEU A 375 16.89 -6.20 6.74
C LEU A 375 16.28 -7.11 7.80
N LEU A 376 15.38 -8.00 7.41
CA LEU A 376 14.72 -8.88 8.40
C LEU A 376 15.77 -9.80 9.03
N THR A 377 16.67 -10.35 8.21
CA THR A 377 17.71 -11.26 8.73
C THR A 377 18.54 -10.52 9.77
N ASN A 378 19.05 -9.35 9.42
CA ASN A 378 20.01 -8.68 10.30
C ASN A 378 19.30 -8.17 11.56
N VAL A 379 18.11 -7.63 11.43
CA VAL A 379 17.48 -6.99 12.60
C VAL A 379 16.98 -8.11 13.52
N SER A 380 16.58 -9.26 13.00
CA SER A 380 16.05 -10.38 13.82
C SER A 380 17.18 -10.88 14.73
N ARG A 381 18.40 -11.03 14.20
CA ARG A 381 19.55 -11.51 15.01
C ARG A 381 19.89 -10.48 16.07
N LEU A 382 19.95 -9.19 15.72
CA LEU A 382 20.23 -8.11 16.68
C LEU A 382 19.15 -8.09 17.75
N PHE A 383 17.91 -8.23 17.38
CA PHE A 383 16.82 -8.14 18.37
C PHE A 383 16.93 -9.33 19.32
N ALA A 384 17.23 -10.51 18.82
CA ALA A 384 17.34 -11.71 19.64
C ALA A 384 18.48 -11.55 20.62
N GLN A 385 19.66 -11.17 20.14
CA GLN A 385 20.90 -11.20 20.94
C GLN A 385 20.99 -9.99 21.86
N ARG A 386 20.61 -8.80 21.42
CA ARG A 386 20.93 -7.58 22.18
C ARG A 386 19.72 -6.92 22.83
N CYS A 387 18.54 -7.49 22.63
CA CYS A 387 17.34 -7.01 23.33
C CYS A 387 16.73 -8.19 24.08
N ILE A 388 16.23 -9.19 23.38
CA ILE A 388 15.40 -10.22 24.05
C ILE A 388 16.20 -10.94 25.14
N ALA A 389 17.39 -11.41 24.82
CA ALA A 389 18.15 -12.32 25.72
C ALA A 389 18.39 -11.62 27.07
N GLY A 390 18.51 -10.30 27.08
CA GLY A 390 18.85 -9.53 28.28
C GLY A 390 17.70 -8.83 28.98
N LEU A 391 16.45 -9.04 28.55
CA LEU A 391 15.32 -8.40 29.24
C LEU A 391 15.28 -8.91 30.70
N THR A 392 14.93 -8.01 31.60
CA THR A 392 14.66 -8.37 33.02
C THR A 392 13.26 -7.96 33.42
N ALA A 393 12.56 -8.83 34.15
CA ALA A 393 11.17 -8.58 34.59
C ALA A 393 11.15 -7.96 35.98
N ASN A 394 10.24 -7.02 36.22
CA ASN A 394 9.96 -6.49 37.60
C ASN A 394 8.97 -7.45 38.26
N VAL A 395 9.45 -8.59 38.70
CA VAL A 395 8.58 -9.75 39.04
C VAL A 395 7.61 -9.38 40.19
N GLU A 396 8.14 -8.83 41.26
CA GLU A 396 7.27 -8.64 42.44
C GLU A 396 6.28 -7.51 42.17
N HIS A 397 6.73 -6.51 41.44
CA HIS A 397 5.85 -5.40 41.04
C HIS A 397 4.69 -5.93 40.18
N LEU A 398 4.99 -6.77 39.19
CA LEU A 398 3.97 -7.33 38.30
C LEU A 398 2.94 -8.12 39.12
N ARG A 399 3.42 -8.92 40.09
CA ARG A 399 2.50 -9.75 40.91
C ARG A 399 1.68 -8.82 41.79
N ARG A 400 2.31 -7.81 42.37
N ARG A 400 2.30 -7.81 42.38
CA ARG A 400 1.52 -6.92 43.24
CA ARG A 400 1.52 -6.92 43.25
C ARG A 400 0.38 -6.27 42.45
C ARG A 400 0.39 -6.26 42.46
N LEU A 401 0.66 -5.81 41.24
CA LEU A 401 -0.39 -5.16 40.46
C LEU A 401 -1.48 -6.17 40.15
N ALA A 402 -1.12 -7.40 39.79
CA ALA A 402 -2.12 -8.44 39.44
C ALA A 402 -3.01 -8.69 40.66
N GLU A 403 -2.38 -8.73 41.84
CA GLU A 403 -3.09 -8.98 43.14
C GLU A 403 -3.93 -7.78 43.61
N SER A 404 -3.80 -6.62 42.97
CA SER A 404 -4.47 -5.36 43.35
C SER A 404 -5.52 -4.94 42.32
N SER A 405 -5.74 -5.76 41.30
CA SER A 405 -6.63 -5.41 40.17
C SER A 405 -8.08 -5.72 40.49
N PRO A 406 -9.01 -4.76 40.27
CA PRO A 406 -10.43 -5.07 40.26
C PRO A 406 -10.83 -6.26 39.38
N SER A 407 -10.03 -6.58 38.37
CA SER A 407 -10.39 -7.68 37.42
C SER A 407 -10.41 -9.03 38.16
N ILE A 408 -9.83 -9.17 39.36
CA ILE A 408 -9.72 -10.50 40.03
C ILE A 408 -10.79 -10.68 41.13
N VAL A 409 -11.72 -9.75 41.30
CA VAL A 409 -12.75 -9.91 42.38
C VAL A 409 -13.83 -10.91 42.00
N THR A 410 -13.99 -11.30 40.74
CA THR A 410 -15.12 -12.17 40.29
C THR A 410 -15.14 -13.47 41.09
N PRO A 411 -14.00 -14.13 41.38
CA PRO A 411 -13.99 -15.35 42.20
C PRO A 411 -14.44 -15.18 43.66
N LEU A 412 -14.67 -13.94 44.10
CA LEU A 412 -15.25 -13.67 45.46
C LEU A 412 -16.77 -13.73 45.41
N ASN A 413 -17.40 -13.58 44.24
CA ASN A 413 -18.86 -13.32 44.18
C ASN A 413 -19.59 -14.44 44.90
N SER A 414 -19.19 -15.68 44.66
CA SER A 414 -19.94 -16.80 45.23
C SER A 414 -19.84 -16.82 46.75
N ALA A 415 -18.91 -16.05 47.31
CA ALA A 415 -18.77 -16.08 48.78
C ALA A 415 -19.40 -14.83 49.39
N ILE A 416 -19.18 -13.66 48.78
CA ILE A 416 -19.67 -12.40 49.41
C ILE A 416 -20.68 -11.67 48.54
N GLY A 417 -20.98 -12.12 47.34
CA GLY A 417 -21.92 -11.37 46.47
C GLY A 417 -21.24 -10.34 45.58
N TYR A 418 -21.79 -10.10 44.42
CA TYR A 418 -21.17 -9.21 43.42
C TYR A 418 -21.19 -7.75 43.92
N GLU A 419 -22.14 -7.36 44.79
CA GLU A 419 -22.22 -5.97 45.32
C GLU A 419 -21.05 -5.68 46.28
N GLU A 420 -20.77 -6.57 47.23
CA GLU A 420 -19.66 -6.42 48.18
C GLU A 420 -18.33 -6.64 47.40
N ALA A 421 -18.31 -7.48 46.38
CA ALA A 421 -17.08 -7.68 45.56
C ALA A 421 -16.75 -6.37 44.84
N ALA A 422 -17.76 -5.63 44.38
CA ALA A 422 -17.61 -4.31 43.72
C ALA A 422 -17.06 -3.29 44.73
N ALA A 423 -17.53 -3.35 45.99
CA ALA A 423 -17.07 -2.45 47.08
C ALA A 423 -15.61 -2.72 47.41
N VAL A 424 -15.19 -3.98 47.44
CA VAL A 424 -13.78 -4.36 47.66
C VAL A 424 -12.94 -3.76 46.51
N ALA A 425 -13.35 -3.99 45.28
CA ALA A 425 -12.60 -3.51 44.09
C ALA A 425 -12.39 -1.99 44.17
N LYS A 426 -13.43 -1.24 44.52
CA LYS A 426 -13.40 0.24 44.54
C LYS A 426 -12.46 0.68 45.66
N GLN A 427 -12.57 0.08 46.84
CA GLN A 427 -11.70 0.48 47.96
C GLN A 427 -10.25 0.07 47.72
N ALA A 428 -9.99 -1.12 47.15
CA ALA A 428 -8.60 -1.55 46.89
C ALA A 428 -7.89 -0.52 45.98
N LEU A 429 -8.57 -0.09 44.93
CA LEU A 429 -8.02 0.90 43.98
C LEU A 429 -7.80 2.24 44.68
N LYS A 430 -8.79 2.73 45.42
CA LYS A 430 -8.68 4.05 46.08
C LYS A 430 -7.51 4.04 47.09
N GLU A 431 -7.30 2.97 47.85
CA GLU A 431 -6.25 2.94 48.92
C GLU A 431 -4.95 2.31 48.40
N ARG A 432 -4.86 1.96 47.11
CA ARG A 432 -3.65 1.32 46.53
C ARG A 432 -3.25 0.08 47.34
N LYS A 433 -4.22 -0.80 47.56
CA LYS A 433 -4.03 -2.02 48.36
C LYS A 433 -4.35 -3.25 47.51
N THR A 434 -3.90 -4.42 47.93
CA THR A 434 -4.25 -5.70 47.29
C THR A 434 -5.73 -5.99 47.55
N ILE A 435 -6.34 -6.77 46.69
CA ILE A 435 -7.73 -7.24 46.90
C ILE A 435 -7.72 -8.02 48.21
N ARG A 436 -6.73 -8.89 48.41
CA ARG A 436 -6.65 -9.71 49.65
C ARG A 436 -6.67 -8.78 50.88
N GLN A 437 -5.81 -7.77 50.92
CA GLN A 437 -5.72 -6.91 52.13
C GLN A 437 -7.05 -6.18 52.30
N THR A 438 -7.70 -5.82 51.19
CA THR A 438 -8.97 -5.06 51.23
C THR A 438 -10.07 -5.94 51.83
N VAL A 439 -10.11 -7.21 51.45
CA VAL A 439 -11.14 -8.13 51.99
C VAL A 439 -10.94 -8.25 53.51
N ILE A 440 -9.71 -8.34 53.97
CA ILE A 440 -9.42 -8.46 55.43
C ILE A 440 -9.72 -7.12 56.12
N ASP A 441 -9.35 -6.00 55.51
CA ASP A 441 -9.56 -4.65 56.09
C ASP A 441 -11.07 -4.39 56.24
N ARG A 442 -11.91 -4.97 55.38
CA ARG A 442 -13.38 -4.72 55.40
C ARG A 442 -14.11 -5.69 56.35
N GLY A 443 -13.33 -6.53 57.02
CA GLY A 443 -13.73 -7.52 58.04
C GLY A 443 -14.56 -8.66 57.49
N LEU A 444 -14.25 -9.09 56.27
CA LEU A 444 -15.05 -10.15 55.61
C LEU A 444 -14.54 -11.54 55.97
N ILE A 445 -13.37 -11.65 56.58
CA ILE A 445 -12.91 -13.01 56.96
C ILE A 445 -13.84 -13.53 58.05
N GLY A 446 -14.24 -14.80 57.95
CA GLY A 446 -15.08 -15.42 58.97
C GLY A 446 -15.59 -16.74 58.46
N ASP A 447 -16.80 -17.09 58.88
CA ASP A 447 -17.53 -18.31 58.48
C ASP A 447 -17.87 -18.21 56.98
N ARG A 448 -18.21 -17.03 56.49
CA ARG A 448 -18.53 -16.90 55.03
C ARG A 448 -17.28 -17.14 54.16
N LEU A 449 -16.08 -16.83 54.66
CA LEU A 449 -14.85 -16.92 53.86
C LEU A 449 -13.64 -17.06 54.79
N SER A 450 -12.95 -18.19 54.76
CA SER A 450 -11.73 -18.38 55.57
C SER A 450 -10.56 -17.70 54.86
N ILE A 451 -9.46 -17.49 55.58
CA ILE A 451 -8.25 -16.89 54.99
C ILE A 451 -7.72 -17.82 53.89
N GLU A 452 -7.77 -19.14 54.09
CA GLU A 452 -7.33 -20.14 53.09
C GLU A 452 -8.26 -20.09 51.87
N ASP A 453 -9.56 -19.92 52.09
CA ASP A 453 -10.53 -19.84 50.97
C ASP A 453 -10.23 -18.57 50.17
N LEU A 454 -9.92 -17.48 50.86
CA LEU A 454 -9.62 -16.19 50.18
C LEU A 454 -8.35 -16.34 49.33
N ASP A 455 -7.32 -16.98 49.87
CA ASP A 455 -6.03 -17.19 49.16
C ASP A 455 -6.25 -18.08 47.94
N ARG A 456 -7.10 -19.07 48.09
CA ARG A 456 -7.44 -19.94 46.95
C ARG A 456 -8.18 -19.13 45.88
N ARG A 457 -9.17 -18.35 46.28
CA ARG A 457 -9.97 -17.58 45.29
C ARG A 457 -9.11 -16.51 44.61
N LEU A 458 -8.15 -15.94 45.33
CA LEU A 458 -7.35 -14.83 44.76
C LEU A 458 -5.98 -15.32 44.29
N ASP A 459 -5.83 -16.60 44.02
CA ASP A 459 -4.53 -17.11 43.53
C ASP A 459 -4.38 -16.65 42.07
N VAL A 460 -3.66 -15.54 41.85
CA VAL A 460 -3.57 -14.92 40.49
C VAL A 460 -2.77 -15.86 39.55
N LEU A 461 -1.81 -16.61 40.04
CA LEU A 461 -1.03 -17.51 39.13
C LEU A 461 -1.94 -18.65 38.69
N ALA A 462 -2.76 -19.20 39.59
CA ALA A 462 -3.74 -20.22 39.18
C ALA A 462 -4.75 -19.65 38.16
N MET A 463 -5.14 -18.40 38.29
CA MET A 463 -6.09 -17.74 37.36
C MET A 463 -5.46 -17.67 35.95
N ALA A 464 -4.16 -17.53 35.85
CA ALA A 464 -3.43 -17.50 34.55
C ALA A 464 -3.39 -18.88 33.89
N LYS A 465 -3.63 -19.99 34.63
CA LYS A 465 -3.75 -21.38 34.08
C LYS A 465 -2.52 -21.75 33.24
N ALA A 466 -1.32 -21.52 33.76
CA ALA A 466 -0.04 -21.93 33.10
C ALA A 466 0.18 -23.43 33.32
N GLU A 467 0.96 -24.05 32.45
CA GLU A 467 1.40 -25.48 32.58
C GLU A 467 2.07 -25.70 33.95
N TYR B 10 -42.49 -0.08 16.39
CA TYR B 10 -41.50 0.23 17.45
C TYR B 10 -41.91 -0.46 18.76
N ARG B 11 -40.95 -0.62 19.67
CA ARG B 11 -41.21 -1.29 20.97
C ARG B 11 -40.06 -0.97 21.94
N ILE B 12 -40.37 -0.44 23.11
CA ILE B 12 -39.36 0.08 24.07
C ILE B 12 -38.70 -1.08 24.82
N GLU B 13 -37.47 -0.87 25.34
CA GLU B 13 -36.65 -1.82 26.14
C GLU B 13 -35.89 -1.08 27.24
N HIS B 14 -35.28 -1.81 28.17
CA HIS B 14 -34.59 -1.16 29.32
C HIS B 14 -33.16 -1.71 29.46
N ASP B 15 -32.23 -0.80 29.49
CA ASP B 15 -30.78 -1.14 29.53
C ASP B 15 -30.27 -0.81 30.94
N THR B 16 -29.01 -1.12 31.23
CA THR B 16 -28.32 -0.74 32.50
C THR B 16 -28.07 0.77 32.53
N MET B 17 -28.24 1.48 31.39
CA MET B 17 -28.06 2.95 31.26
C MET B 17 -29.37 3.63 30.83
N GLY B 18 -30.52 2.93 30.86
CA GLY B 18 -31.85 3.55 30.68
C GLY B 18 -32.77 2.81 29.69
N GLU B 19 -33.58 3.57 28.94
CA GLU B 19 -34.71 3.06 28.10
C GLU B 19 -34.41 3.21 26.60
N VAL B 20 -34.46 2.08 25.86
CA VAL B 20 -34.02 1.99 24.44
C VAL B 20 -35.23 1.63 23.54
N ARG B 21 -35.44 2.42 22.49
CA ARG B 21 -36.53 2.17 21.50
C ARG B 21 -35.95 1.26 20.40
N VAL B 22 -36.59 0.12 20.15
CA VAL B 22 -36.12 -0.85 19.13
C VAL B 22 -37.23 -1.10 18.12
N PRO B 23 -36.96 -1.26 16.81
CA PRO B 23 -38.00 -1.53 15.81
C PRO B 23 -38.75 -2.83 16.15
N ALA B 24 -40.05 -2.87 15.82
CA ALA B 24 -40.96 -3.94 16.30
C ALA B 24 -40.55 -5.32 15.77
N LYS B 25 -40.24 -5.41 14.47
CA LYS B 25 -39.84 -6.68 13.78
C LYS B 25 -38.37 -7.04 14.02
N ALA B 26 -37.65 -6.25 14.83
CA ALA B 26 -36.22 -6.52 15.12
C ALA B 26 -36.12 -7.63 16.16
N LEU B 27 -35.23 -8.60 15.93
CA LEU B 27 -34.96 -9.70 16.89
C LEU B 27 -33.75 -9.31 17.76
N TRP B 28 -33.10 -8.18 17.49
CA TRP B 28 -32.00 -7.74 18.38
C TRP B 28 -32.57 -7.05 19.63
N ARG B 29 -31.74 -6.83 20.63
CA ARG B 29 -32.25 -6.23 21.89
C ARG B 29 -31.53 -4.90 22.24
N ALA B 30 -31.46 -4.57 23.52
CA ALA B 30 -30.91 -3.25 23.95
C ALA B 30 -29.44 -3.04 23.60
N GLN B 31 -28.58 -4.03 23.77
CA GLN B 31 -27.13 -3.77 23.50
C GLN B 31 -26.90 -3.47 22.02
N THR B 32 -27.56 -4.24 21.15
CA THR B 32 -27.41 -4.03 19.70
C THR B 32 -27.94 -2.65 19.35
N GLN B 33 -29.07 -2.27 19.94
CA GLN B 33 -29.61 -0.92 19.63
C GLN B 33 -28.62 0.17 20.08
N ARG B 34 -27.95 0.00 21.22
CA ARG B 34 -26.96 1.02 21.65
C ARG B 34 -25.82 1.06 20.64
N ALA B 35 -25.35 -0.11 20.22
CA ALA B 35 -24.26 -0.16 19.19
C ALA B 35 -24.70 0.51 17.89
N VAL B 36 -25.96 0.39 17.47
CA VAL B 36 -26.50 1.08 16.27
C VAL B 36 -26.40 2.59 16.46
N GLU B 37 -26.76 3.06 17.65
CA GLU B 37 -26.69 4.51 17.98
C GLU B 37 -25.22 4.96 18.12
N ASN B 38 -24.31 4.12 18.62
CA ASN B 38 -22.89 4.48 18.92
C ASN B 38 -22.01 4.56 17.65
N PHE B 39 -22.29 3.79 16.60
CA PHE B 39 -21.36 3.67 15.45
C PHE B 39 -22.03 3.98 14.12
N PRO B 40 -22.65 5.17 13.87
CA PRO B 40 -23.17 5.48 12.53
C PRO B 40 -22.04 5.97 11.63
N ILE B 41 -21.23 5.05 11.11
CA ILE B 41 -19.97 5.44 10.45
C ILE B 41 -20.06 5.12 8.97
N SER B 42 -20.28 3.86 8.61
CA SER B 42 -20.20 3.39 7.20
C SER B 42 -21.59 3.10 6.64
N GLY B 43 -22.56 2.81 7.51
CA GLY B 43 -23.90 2.32 7.16
C GLY B 43 -23.89 0.91 6.58
N ARG B 44 -22.79 0.16 6.67
CA ARG B 44 -22.67 -1.25 6.20
C ARG B 44 -22.37 -2.10 7.45
N GLY B 45 -23.08 -3.22 7.57
CA GLY B 45 -22.88 -4.15 8.69
C GLY B 45 -22.26 -5.44 8.22
N LEU B 46 -22.36 -6.50 9.02
CA LEU B 46 -21.74 -7.81 8.69
C LEU B 46 -22.35 -8.36 7.39
N GLU B 47 -21.52 -9.06 6.63
CA GLU B 47 -21.98 -9.77 5.41
C GLU B 47 -22.64 -11.09 5.80
N ARG B 48 -23.32 -11.72 4.85
CA ARG B 48 -24.01 -12.99 5.17
C ARG B 48 -23.00 -14.06 5.62
N THR B 49 -21.80 -14.12 5.04
CA THR B 49 -20.79 -15.15 5.43
C THR B 49 -20.41 -15.00 6.91
N GLN B 50 -20.24 -13.77 7.38
CA GLN B 50 -19.91 -13.55 8.80
C GLN B 50 -21.08 -13.93 9.70
N ILE B 51 -22.30 -13.56 9.30
CA ILE B 51 -23.53 -13.88 10.07
C ILE B 51 -23.66 -15.41 10.13
N ARG B 52 -23.43 -16.08 9.01
CA ARG B 52 -23.54 -17.54 9.00
C ARG B 52 -22.51 -18.15 9.95
N ALA B 53 -21.27 -17.66 9.95
CA ALA B 53 -20.22 -18.23 10.84
C ALA B 53 -20.56 -17.99 12.30
N LEU B 54 -21.12 -16.82 12.64
CA LEU B 54 -21.55 -16.58 14.04
C LEU B 54 -22.60 -17.60 14.44
N GLY B 55 -23.58 -17.86 13.56
CA GLY B 55 -24.59 -18.89 13.84
C GLY B 55 -23.98 -20.26 14.02
N LEU B 56 -23.08 -20.66 13.11
CA LEU B 56 -22.41 -21.96 13.24
C LEU B 56 -21.70 -22.04 14.60
N LEU B 57 -20.97 -21.00 14.96
CA LEU B 57 -20.19 -21.02 16.20
C LEU B 57 -21.13 -21.13 17.42
N LYS B 58 -22.18 -20.35 17.49
CA LYS B 58 -23.05 -20.40 18.70
C LYS B 58 -23.76 -21.76 18.84
N GLY B 59 -24.17 -22.37 17.74
CA GLY B 59 -24.75 -23.71 17.83
C GLY B 59 -23.76 -24.72 18.32
N ALA B 60 -22.51 -24.68 17.82
CA ALA B 60 -21.47 -25.63 18.26
C ALA B 60 -21.21 -25.43 19.75
N CYS B 61 -21.11 -24.20 20.21
CA CYS B 61 -20.83 -23.91 21.64
C CYS B 61 -21.99 -24.45 22.51
N ALA B 62 -23.24 -24.25 22.11
CA ALA B 62 -24.39 -24.76 22.90
C ALA B 62 -24.30 -26.28 22.94
N GLN B 63 -23.99 -26.92 21.81
CA GLN B 63 -23.86 -28.39 21.74
C GLN B 63 -22.86 -28.85 22.78
N VAL B 64 -21.69 -28.20 22.80
CA VAL B 64 -20.60 -28.61 23.71
C VAL B 64 -21.02 -28.34 25.17
N ASN B 65 -21.57 -27.18 25.47
CA ASN B 65 -21.97 -26.87 26.86
C ASN B 65 -23.05 -27.89 27.32
N SER B 66 -23.95 -28.28 26.44
CA SER B 66 -24.95 -29.35 26.78
C SER B 66 -24.20 -30.66 27.03
N ASP B 67 -23.23 -31.02 26.20
CA ASP B 67 -22.45 -32.28 26.30
C ASP B 67 -21.68 -32.34 27.62
N LEU B 68 -21.21 -31.19 28.13
CA LEU B 68 -20.38 -31.16 29.36
C LEU B 68 -21.27 -31.06 30.61
N GLY B 69 -22.58 -30.97 30.42
CA GLY B 69 -23.55 -30.85 31.52
C GLY B 69 -23.61 -29.44 32.09
N LEU B 70 -23.27 -28.42 31.32
CA LEU B 70 -23.19 -27.04 31.83
C LEU B 70 -24.45 -26.27 31.48
N LEU B 71 -25.19 -26.72 30.46
CA LEU B 71 -26.33 -25.98 29.93
C LEU B 71 -27.48 -26.97 29.84
N ALA B 72 -28.66 -26.58 30.31
CA ALA B 72 -29.83 -27.49 30.33
C ALA B 72 -30.22 -27.85 28.89
N PRO B 73 -30.61 -29.10 28.61
CA PRO B 73 -30.86 -29.55 27.24
C PRO B 73 -31.95 -28.76 26.51
N GLU B 74 -33.00 -28.31 27.21
CA GLU B 74 -34.09 -27.49 26.61
C GLU B 74 -33.48 -26.19 26.09
N LYS B 75 -32.54 -25.62 26.83
CA LYS B 75 -31.90 -24.32 26.50
C LYS B 75 -30.96 -24.54 25.32
N ALA B 76 -30.14 -25.58 25.38
CA ALA B 76 -29.19 -25.95 24.29
C ALA B 76 -29.95 -26.22 22.99
N ASP B 77 -31.05 -27.00 23.04
CA ASP B 77 -31.80 -27.31 21.81
C ASP B 77 -32.36 -26.02 21.20
N ALA B 78 -32.86 -25.08 22.01
CA ALA B 78 -33.40 -23.80 21.53
C ALA B 78 -32.29 -22.97 20.87
N ILE B 79 -31.10 -22.96 21.48
CA ILE B 79 -29.94 -22.23 20.90
C ILE B 79 -29.55 -22.89 19.57
N ILE B 80 -29.41 -24.21 19.54
CA ILE B 80 -29.03 -24.96 18.32
C ILE B 80 -30.04 -24.67 17.20
N ALA B 81 -31.36 -24.68 17.51
CA ALA B 81 -32.41 -24.45 16.50
C ALA B 81 -32.32 -23.00 15.97
N ALA B 82 -32.15 -22.02 16.87
CA ALA B 82 -32.03 -20.60 16.45
C ALA B 82 -30.71 -20.37 15.66
N ALA B 83 -29.64 -20.97 16.14
CA ALA B 83 -28.29 -20.80 15.51
C ALA B 83 -28.28 -21.41 14.11
N ALA B 84 -29.02 -22.50 13.88
CA ALA B 84 -29.15 -23.12 12.55
C ALA B 84 -29.94 -22.19 11.61
N GLU B 85 -30.96 -21.49 12.11
CA GLU B 85 -31.71 -20.49 11.29
C GLU B 85 -30.77 -19.37 10.83
N ILE B 86 -29.92 -18.89 11.74
CA ILE B 86 -28.94 -17.82 11.39
C ILE B 86 -27.95 -18.34 10.34
N ALA B 87 -27.41 -19.53 10.55
CA ALA B 87 -26.39 -20.13 9.68
C ALA B 87 -27.00 -20.43 8.30
N ASP B 88 -28.31 -20.68 8.22
CA ASP B 88 -29.06 -20.91 6.95
C ASP B 88 -29.47 -19.61 6.24
N GLY B 89 -29.11 -18.43 6.76
CA GLY B 89 -29.35 -17.16 6.05
C GLY B 89 -30.76 -16.63 6.27
N GLN B 90 -31.47 -17.12 7.29
CA GLN B 90 -32.88 -16.71 7.56
C GLN B 90 -32.95 -15.37 8.28
N HIS B 91 -31.86 -14.89 8.87
CA HIS B 91 -31.94 -13.66 9.68
C HIS B 91 -30.86 -12.67 9.30
N ASP B 92 -30.59 -12.53 8.00
CA ASP B 92 -29.54 -11.62 7.54
C ASP B 92 -29.90 -10.15 7.75
N ASP B 93 -31.17 -9.79 7.98
CA ASP B 93 -31.62 -8.40 8.29
C ASP B 93 -31.59 -8.13 9.80
N GLN B 94 -31.12 -9.05 10.64
CA GLN B 94 -31.14 -8.82 12.10
C GLN B 94 -29.76 -8.38 12.69
N PHE B 95 -28.81 -7.97 11.84
CA PHE B 95 -27.42 -7.61 12.27
C PHE B 95 -27.12 -6.21 11.78
N PRO B 96 -27.63 -5.17 12.45
CA PRO B 96 -27.54 -3.82 11.93
C PRO B 96 -26.27 -3.05 12.32
N ILE B 97 -25.44 -3.60 13.19
CA ILE B 97 -24.27 -2.86 13.72
C ILE B 97 -23.28 -2.61 12.58
N ASP B 98 -22.71 -1.41 12.58
CA ASP B 98 -21.63 -1.02 11.67
C ASP B 98 -20.46 -2.00 11.80
N VAL B 99 -19.78 -2.23 10.69
CA VAL B 99 -18.41 -2.83 10.68
C VAL B 99 -17.50 -2.11 11.63
N PHE B 100 -17.53 -0.78 11.64
CA PHE B 100 -16.59 0.04 12.40
C PHE B 100 -17.18 0.19 13.81
N GLN B 101 -16.92 -0.83 14.60
CA GLN B 101 -17.43 -1.05 15.98
C GLN B 101 -16.24 -1.29 16.88
N THR B 102 -16.49 -1.54 18.16
CA THR B 102 -15.46 -1.97 19.11
C THR B 102 -14.62 -3.08 18.46
N GLY B 103 -13.31 -2.98 18.61
CA GLY B 103 -12.37 -3.71 17.73
C GLY B 103 -12.27 -5.18 18.04
N SER B 104 -12.86 -5.66 19.11
CA SER B 104 -12.90 -7.11 19.44
C SER B 104 -14.06 -7.77 18.66
N GLY B 105 -14.99 -6.96 18.18
CA GLY B 105 -16.23 -7.49 17.58
C GLY B 105 -17.23 -7.89 18.64
N THR B 106 -17.02 -7.49 19.90
CA THR B 106 -17.97 -7.79 21.00
C THR B 106 -19.39 -7.31 20.65
N SER B 107 -19.60 -6.17 20.03
CA SER B 107 -20.95 -5.68 19.69
C SER B 107 -21.66 -6.71 18.82
N SER B 108 -21.00 -7.23 17.79
CA SER B 108 -21.66 -8.22 16.89
C SER B 108 -21.86 -9.56 17.59
N ASN B 109 -20.96 -9.94 18.46
CA ASN B 109 -21.10 -11.13 19.31
C ASN B 109 -22.39 -10.99 20.15
N MET B 110 -22.60 -9.86 20.80
CA MET B 110 -23.84 -9.61 21.58
C MET B 110 -25.08 -9.59 20.69
N ASN B 111 -24.96 -9.04 19.48
CA ASN B 111 -26.05 -9.03 18.49
C ASN B 111 -26.51 -10.48 18.26
N THR B 112 -25.58 -11.38 18.01
CA THR B 112 -25.86 -12.80 17.80
C THR B 112 -26.58 -13.36 19.03
N ASN B 113 -26.07 -13.09 20.23
CA ASN B 113 -26.66 -13.65 21.46
C ASN B 113 -28.11 -13.18 21.64
N GLU B 114 -28.35 -11.89 21.44
CA GLU B 114 -29.69 -11.28 21.59
C GLU B 114 -30.65 -11.85 20.54
N VAL B 115 -30.22 -11.95 19.30
CA VAL B 115 -31.09 -12.48 18.22
C VAL B 115 -31.47 -13.93 18.51
N ILE B 116 -30.53 -14.72 19.00
CA ILE B 116 -30.81 -16.15 19.34
C ILE B 116 -31.82 -16.19 20.50
N ALA B 117 -31.64 -15.31 21.48
CA ALA B 117 -32.57 -15.26 22.63
C ALA B 117 -33.97 -14.89 22.13
N SER B 118 -34.08 -13.92 21.23
CA SER B 118 -35.41 -13.53 20.68
C SER B 118 -36.03 -14.66 19.86
N ILE B 119 -35.24 -15.37 19.06
CA ILE B 119 -35.81 -16.51 18.29
C ILE B 119 -36.32 -17.56 19.28
N ALA B 120 -35.56 -17.84 20.33
CA ALA B 120 -35.96 -18.86 21.32
C ALA B 120 -37.26 -18.45 22.04
N ALA B 121 -37.45 -17.16 22.32
CA ALA B 121 -38.63 -16.64 23.05
C ALA B 121 -39.89 -16.98 22.28
N LYS B 122 -39.87 -16.85 20.95
CA LYS B 122 -41.00 -17.14 20.04
C LYS B 122 -41.45 -18.60 20.18
N GLY B 123 -40.62 -19.45 20.80
CA GLY B 123 -40.89 -20.87 21.03
C GLY B 123 -41.06 -21.16 22.51
N GLY B 124 -41.15 -20.13 23.33
CA GLY B 124 -41.47 -20.25 24.77
C GLY B 124 -40.32 -20.66 25.63
N VAL B 125 -39.06 -20.53 25.15
CA VAL B 125 -37.85 -20.78 25.98
C VAL B 125 -37.16 -19.44 26.26
N THR B 126 -36.82 -19.24 27.53
CA THR B 126 -36.12 -18.03 28.03
C THR B 126 -34.62 -18.31 28.12
N LEU B 127 -33.85 -17.59 27.33
CA LEU B 127 -32.39 -17.72 27.27
C LEU B 127 -31.79 -16.38 27.70
N HIS B 128 -30.82 -16.40 28.61
CA HIS B 128 -30.09 -15.15 28.92
C HIS B 128 -29.05 -14.99 27.81
N PRO B 129 -29.01 -13.88 27.05
CA PRO B 129 -28.00 -13.71 25.98
C PRO B 129 -26.57 -13.99 26.46
N ASN B 130 -26.21 -13.47 27.62
CA ASN B 130 -24.84 -13.67 28.13
C ASN B 130 -24.65 -15.00 28.89
N ASP B 131 -25.55 -15.36 29.80
CA ASP B 131 -25.20 -16.48 30.71
C ASP B 131 -25.46 -17.82 30.00
N ASP B 132 -26.39 -17.86 29.05
CA ASP B 132 -26.73 -19.08 28.28
C ASP B 132 -26.06 -19.06 26.90
N VAL B 133 -26.37 -18.07 26.06
CA VAL B 133 -25.90 -18.12 24.64
C VAL B 133 -24.39 -17.85 24.62
N ASN B 134 -23.84 -17.12 25.58
CA ASN B 134 -22.39 -16.79 25.59
C ASN B 134 -21.67 -17.69 26.59
N MET B 135 -22.31 -18.76 27.09
CA MET B 135 -21.66 -19.60 28.12
C MET B 135 -20.31 -20.15 27.63
N SER B 136 -19.27 -20.10 28.47
CA SER B 136 -17.92 -20.66 28.25
C SER B 136 -17.15 -19.81 27.23
N GLN B 137 -17.72 -18.70 26.82
CA GLN B 137 -17.19 -17.87 25.73
C GLN B 137 -16.84 -16.52 26.34
N SER B 138 -16.11 -15.69 25.62
CA SER B 138 -15.94 -14.33 26.13
C SER B 138 -16.29 -13.36 25.02
N SER B 139 -16.11 -12.09 25.30
CA SER B 139 -16.33 -11.03 24.29
C SER B 139 -15.17 -10.96 23.27
N ASN B 140 -14.09 -11.79 23.34
CA ASN B 140 -12.80 -11.64 22.60
C ASN B 140 -12.34 -12.86 21.79
N ASP B 141 -12.82 -14.08 22.08
CA ASP B 141 -12.41 -15.33 21.39
C ASP B 141 -13.51 -15.73 20.39
N THR B 142 -14.66 -15.06 20.42
CA THR B 142 -15.83 -15.44 19.58
C THR B 142 -15.74 -14.82 18.19
N PHE B 143 -15.71 -13.52 18.10
CA PHE B 143 -15.72 -12.85 16.80
C PHE B 143 -14.52 -13.28 15.94
N PRO B 144 -13.29 -13.37 16.45
CA PRO B 144 -12.19 -13.83 15.60
C PRO B 144 -12.35 -15.28 15.20
N THR B 145 -12.92 -16.13 16.05
CA THR B 145 -13.23 -17.50 15.65
C THR B 145 -14.21 -17.47 14.47
N ALA B 146 -15.31 -16.71 14.53
CA ALA B 146 -16.29 -16.66 13.43
C ALA B 146 -15.62 -16.13 12.15
N THR B 147 -14.70 -15.20 12.31
CA THR B 147 -13.99 -14.59 11.19
C THR B 147 -13.18 -15.70 10.49
N HIS B 148 -12.42 -16.44 11.24
CA HIS B 148 -11.57 -17.53 10.68
C HIS B 148 -12.46 -18.63 10.10
N ILE B 149 -13.61 -18.94 10.67
CA ILE B 149 -14.54 -19.94 10.06
C ILE B 149 -15.01 -19.43 8.70
N ALA B 150 -15.44 -18.19 8.63
CA ALA B 150 -15.94 -17.56 7.40
C ALA B 150 -14.84 -17.55 6.34
N ALA B 151 -13.63 -17.15 6.71
CA ALA B 151 -12.53 -17.02 5.76
C ALA B 151 -12.14 -18.40 5.26
N THR B 152 -12.13 -19.39 6.15
CA THR B 152 -11.71 -20.76 5.75
C THR B 152 -12.77 -21.30 4.78
N GLU B 153 -14.05 -21.17 5.13
CA GLU B 153 -15.16 -21.61 4.26
C GLU B 153 -15.06 -20.88 2.91
N ALA B 154 -14.79 -19.58 2.90
CA ALA B 154 -14.70 -18.81 1.65
C ALA B 154 -13.55 -19.35 0.80
N ALA B 155 -12.45 -19.73 1.40
CA ALA B 155 -11.25 -20.22 0.66
C ALA B 155 -11.56 -21.58 0.05
N VAL B 156 -12.06 -22.52 0.86
CA VAL B 156 -12.15 -23.96 0.50
C VAL B 156 -13.37 -24.19 -0.33
N ALA B 157 -14.50 -23.63 0.06
CA ALA B 157 -15.78 -24.00 -0.58
C ALA B 157 -16.10 -23.14 -1.79
N HIS B 158 -15.52 -21.96 -1.92
CA HIS B 158 -15.93 -20.99 -2.96
C HIS B 158 -14.72 -20.56 -3.81
N LEU B 159 -13.67 -20.04 -3.22
CA LEU B 159 -12.61 -19.44 -4.03
C LEU B 159 -11.85 -20.54 -4.78
N ILE B 160 -11.45 -21.62 -4.13
CA ILE B 160 -10.61 -22.63 -4.80
C ILE B 160 -11.42 -23.21 -5.96
N PRO B 161 -12.71 -23.60 -5.80
CA PRO B 161 -13.48 -24.06 -6.95
C PRO B 161 -13.63 -23.04 -8.08
N ALA B 162 -13.82 -21.76 -7.77
CA ALA B 162 -13.93 -20.73 -8.80
C ALA B 162 -12.59 -20.61 -9.56
N LEU B 163 -11.48 -20.64 -8.84
CA LEU B 163 -10.16 -20.58 -9.48
C LEU B 163 -9.91 -21.84 -10.31
N GLN B 164 -10.39 -23.00 -9.84
CA GLN B 164 -10.25 -24.25 -10.64
C GLN B 164 -11.04 -24.11 -11.94
N GLN B 165 -12.20 -23.50 -11.92
CA GLN B 165 -13.00 -23.29 -13.14
C GLN B 165 -12.20 -22.38 -14.10
N LEU B 166 -11.57 -21.34 -13.59
CA LEU B 166 -10.85 -20.39 -14.49
C LEU B 166 -9.63 -21.18 -15.02
N HIS B 167 -8.91 -21.86 -14.16
CA HIS B 167 -7.75 -22.69 -14.59
C HIS B 167 -8.19 -23.58 -15.77
N ASP B 168 -9.26 -24.32 -15.56
CA ASP B 168 -9.73 -25.30 -16.57
C ASP B 168 -10.10 -24.58 -17.87
N ALA B 169 -10.69 -23.39 -17.80
CA ALA B 169 -11.04 -22.64 -19.03
C ALA B 169 -9.74 -22.21 -19.74
N LEU B 170 -8.75 -21.70 -19.01
CA LEU B 170 -7.48 -21.24 -19.65
C LEU B 170 -6.77 -22.46 -20.24
N ALA B 171 -6.78 -23.58 -19.53
CA ALA B 171 -6.06 -24.81 -19.94
C ALA B 171 -6.75 -25.34 -21.20
N ALA B 172 -8.08 -25.24 -21.32
CA ALA B 172 -8.84 -25.73 -22.52
C ALA B 172 -8.44 -24.88 -23.74
N LYS B 173 -8.30 -23.57 -23.58
CA LYS B 173 -7.82 -22.69 -24.67
C LYS B 173 -6.38 -23.04 -25.02
N ALA B 174 -5.54 -23.33 -24.05
CA ALA B 174 -4.13 -23.69 -24.29
C ALA B 174 -4.10 -24.91 -25.23
N LEU B 175 -4.97 -25.87 -25.00
CA LEU B 175 -5.04 -27.10 -25.82
C LEU B 175 -5.60 -26.75 -27.20
N ASP B 176 -6.72 -26.00 -27.29
CA ASP B 176 -7.35 -25.63 -28.57
C ASP B 176 -6.35 -24.85 -29.44
N TRP B 177 -5.46 -24.06 -28.82
CA TRP B 177 -4.59 -23.15 -29.60
C TRP B 177 -3.14 -23.63 -29.63
N HIS B 178 -2.95 -24.91 -29.37
CA HIS B 178 -1.64 -25.57 -29.35
C HIS B 178 -0.81 -25.21 -30.59
N THR B 179 -1.43 -25.11 -31.77
CA THR B 179 -0.70 -24.88 -33.05
C THR B 179 -0.92 -23.46 -33.60
N VAL B 180 -1.48 -22.54 -32.81
CA VAL B 180 -1.77 -21.18 -33.29
C VAL B 180 -0.52 -20.32 -33.12
N VAL B 181 0.36 -20.40 -34.10
N VAL B 181 0.36 -20.39 -34.10
CA VAL B 181 1.65 -19.66 -34.03
CA VAL B 181 1.65 -19.66 -34.03
C VAL B 181 1.40 -18.14 -34.18
C VAL B 181 1.45 -18.14 -34.22
N LYS B 182 2.25 -17.38 -33.50
CA LYS B 182 2.24 -15.90 -33.54
C LYS B 182 3.61 -15.41 -33.11
N SER B 183 3.82 -14.12 -33.27
CA SER B 183 5.10 -13.57 -32.83
C SER B 183 5.03 -13.37 -31.32
N GLY B 184 6.15 -13.62 -30.65
CA GLY B 184 6.26 -13.27 -29.22
C GLY B 184 6.45 -11.77 -29.07
N ARG B 185 6.19 -11.25 -27.88
CA ARG B 185 6.42 -9.81 -27.63
C ARG B 185 7.21 -9.71 -26.32
N THR B 186 8.35 -9.04 -26.36
CA THR B 186 9.15 -8.78 -25.14
C THR B 186 9.42 -7.27 -25.18
N HIS B 187 9.24 -6.59 -24.04
CA HIS B 187 9.35 -5.12 -23.99
C HIS B 187 8.32 -4.46 -24.92
N LEU B 188 7.26 -5.17 -25.33
CA LEU B 188 6.23 -4.74 -26.30
C LEU B 188 6.80 -4.77 -27.71
N MET B 189 8.01 -5.24 -27.89
CA MET B 189 8.62 -5.32 -29.26
C MET B 189 8.58 -6.75 -29.81
N ASP B 190 8.64 -6.85 -31.15
CA ASP B 190 8.56 -8.11 -31.89
C ASP B 190 9.64 -9.05 -31.37
N ALA B 191 9.28 -10.29 -31.13
CA ALA B 191 10.22 -11.34 -30.70
C ALA B 191 10.03 -12.63 -31.51
N VAL B 192 10.80 -13.65 -31.19
CA VAL B 192 10.69 -14.97 -31.88
C VAL B 192 9.33 -15.58 -31.60
N PRO B 193 8.94 -16.56 -32.42
CA PRO B 193 7.62 -17.15 -32.34
C PRO B 193 7.27 -17.88 -31.04
N VAL B 194 5.98 -17.82 -30.74
CA VAL B 194 5.35 -18.62 -29.66
C VAL B 194 4.02 -19.08 -30.21
N THR B 195 3.28 -19.83 -29.43
CA THR B 195 1.89 -20.13 -29.80
C THR B 195 0.97 -19.48 -28.78
N LEU B 196 -0.20 -19.12 -29.22
CA LEU B 196 -1.25 -18.59 -28.32
C LEU B 196 -1.48 -19.65 -27.25
N GLY B 197 -1.35 -20.93 -27.56
CA GLY B 197 -1.52 -22.03 -26.59
C GLY B 197 -0.49 -21.99 -25.50
N GLN B 198 0.75 -21.70 -25.86
CA GLN B 198 1.83 -21.57 -24.84
C GLN B 198 1.53 -20.39 -23.91
N GLU B 199 1.08 -19.28 -24.45
CA GLU B 199 0.78 -18.10 -23.58
C GLU B 199 -0.34 -18.46 -22.61
N PHE B 200 -1.37 -19.14 -23.10
CA PHE B 200 -2.49 -19.55 -22.22
C PHE B 200 -2.03 -20.65 -21.26
N SER B 201 -1.16 -21.46 -21.60
N SER B 201 -1.15 -21.46 -21.57
CA SER B 201 -0.55 -22.42 -20.64
CA SER B 201 -0.58 -22.41 -20.58
C SER B 201 0.11 -21.66 -19.48
C SER B 201 0.12 -21.66 -19.45
N GLY B 202 0.74 -20.53 -19.77
CA GLY B 202 1.34 -19.67 -18.74
C GLY B 202 0.24 -19.10 -17.85
N TYR B 203 -0.80 -18.56 -18.44
CA TYR B 203 -1.92 -18.01 -17.64
C TYR B 203 -2.50 -19.13 -16.75
N ALA B 204 -2.73 -20.32 -17.31
CA ALA B 204 -3.25 -21.45 -16.49
C ALA B 204 -2.33 -21.75 -15.33
N ARG B 205 -1.03 -21.77 -15.56
CA ARG B 205 -0.08 -22.07 -14.47
C ARG B 205 -0.21 -20.96 -13.41
N GLN B 206 -0.34 -19.71 -13.79
CA GLN B 206 -0.52 -18.63 -12.78
C GLN B 206 -1.71 -18.96 -11.88
N ILE B 207 -2.80 -19.39 -12.45
CA ILE B 207 -4.01 -19.65 -11.63
C ILE B 207 -3.81 -20.93 -10.79
N GLU B 208 -3.21 -21.96 -11.36
CA GLU B 208 -2.88 -23.20 -10.61
C GLU B 208 -1.95 -22.88 -9.44
N ALA B 209 -0.97 -22.02 -9.62
CA ALA B 209 -0.08 -21.55 -8.55
C ALA B 209 -0.91 -20.76 -7.52
N GLY B 210 -1.88 -20.01 -7.94
CA GLY B 210 -2.78 -19.26 -7.06
C GLY B 210 -3.53 -20.22 -6.15
N ILE B 211 -4.02 -21.32 -6.68
CA ILE B 211 -4.68 -22.34 -5.83
C ILE B 211 -3.66 -22.91 -4.84
N GLU B 212 -2.44 -23.20 -5.28
CA GLU B 212 -1.38 -23.70 -4.37
C GLU B 212 -1.10 -22.71 -3.25
N ARG B 213 -1.13 -21.42 -3.56
CA ARG B 213 -0.90 -20.36 -2.54
C ARG B 213 -2.05 -20.33 -1.53
N VAL B 214 -3.27 -20.46 -1.97
CA VAL B 214 -4.41 -20.48 -1.02
C VAL B 214 -4.27 -21.74 -0.15
N ARG B 215 -3.99 -22.88 -0.78
N ARG B 215 -4.15 -22.95 -0.71
CA ARG B 215 -3.89 -24.16 -0.01
CA ARG B 215 -3.98 -24.17 0.17
C ARG B 215 -2.78 -24.05 1.03
C ARG B 215 -2.82 -23.92 1.15
N ALA B 216 -1.69 -23.35 0.70
CA ALA B 216 -0.53 -23.22 1.59
C ALA B 216 -0.85 -22.37 2.82
N CYS B 217 -1.82 -21.47 2.76
CA CYS B 217 -2.17 -20.65 3.96
C CYS B 217 -3.18 -21.37 4.88
N LEU B 218 -3.87 -22.40 4.44
CA LEU B 218 -5.01 -22.94 5.21
C LEU B 218 -4.58 -23.50 6.56
N PRO B 219 -3.37 -24.10 6.77
CA PRO B 219 -2.99 -24.62 8.08
C PRO B 219 -3.06 -23.53 9.15
N ARG B 220 -2.88 -22.26 8.78
CA ARG B 220 -2.91 -21.15 9.75
C ARG B 220 -4.22 -20.36 9.63
N LEU B 221 -4.84 -20.26 8.45
CA LEU B 221 -6.10 -19.53 8.34
C LEU B 221 -7.15 -20.26 9.17
N GLY B 222 -7.10 -21.59 9.19
CA GLY B 222 -8.15 -22.43 9.83
C GLY B 222 -8.01 -22.48 11.34
N GLU B 223 -6.99 -21.86 11.92
CA GLU B 223 -6.79 -21.87 13.39
C GLU B 223 -7.85 -20.98 14.07
N LEU B 224 -8.52 -21.55 15.09
CA LEU B 224 -9.61 -20.87 15.82
C LEU B 224 -9.17 -20.56 17.25
N ALA B 225 -9.61 -19.39 17.73
CA ALA B 225 -9.29 -18.92 19.10
C ALA B 225 -10.26 -19.50 20.15
N ILE B 226 -11.35 -20.13 19.77
CA ILE B 226 -12.45 -20.47 20.72
C ILE B 226 -11.87 -21.33 21.86
N GLY B 227 -12.28 -21.01 23.08
CA GLY B 227 -11.75 -21.69 24.27
C GLY B 227 -10.76 -20.81 25.02
N GLY B 228 -10.17 -19.81 24.35
CA GLY B 228 -9.14 -18.99 24.99
C GLY B 228 -9.73 -17.91 25.92
N THR B 229 -11.02 -17.66 25.83
CA THR B 229 -11.76 -16.64 26.64
C THR B 229 -11.07 -15.27 26.58
N ALA B 230 -11.06 -14.50 27.67
CA ALA B 230 -10.83 -13.04 27.55
C ALA B 230 -9.41 -12.75 27.08
N VAL B 231 -8.42 -13.51 27.54
CA VAL B 231 -7.00 -13.14 27.37
C VAL B 231 -6.20 -14.29 26.76
N GLY B 232 -6.81 -15.45 26.47
CA GLY B 232 -6.13 -16.62 25.87
C GLY B 232 -5.78 -17.71 26.86
N THR B 233 -6.03 -17.51 28.14
CA THR B 233 -5.72 -18.49 29.20
C THR B 233 -6.78 -19.58 29.35
N GLY B 234 -7.98 -19.33 28.81
CA GLY B 234 -9.15 -20.22 28.93
C GLY B 234 -9.83 -20.15 30.29
N LEU B 235 -9.48 -19.15 31.11
CA LEU B 235 -10.21 -18.92 32.39
C LEU B 235 -11.70 -18.82 32.10
N ASN B 236 -12.50 -19.55 32.87
CA ASN B 236 -13.99 -19.54 32.83
C ASN B 236 -14.51 -20.35 31.63
N ALA B 237 -13.69 -21.19 31.04
CA ALA B 237 -14.15 -22.16 30.04
C ALA B 237 -13.64 -23.52 30.47
N PRO B 238 -14.27 -24.62 30.05
CA PRO B 238 -13.69 -25.95 30.22
C PRO B 238 -12.34 -26.06 29.50
N ASP B 239 -11.41 -26.86 30.05
CA ASP B 239 -10.03 -26.97 29.52
C ASP B 239 -10.04 -27.47 28.06
N ASP B 240 -11.04 -28.25 27.67
CA ASP B 240 -11.12 -28.88 26.32
C ASP B 240 -12.25 -28.24 25.52
N PHE B 241 -12.65 -27.01 25.82
CA PHE B 241 -13.79 -26.40 25.10
C PHE B 241 -13.44 -26.26 23.61
N GLY B 242 -12.26 -25.73 23.31
CA GLY B 242 -11.85 -25.44 21.92
C GLY B 242 -11.83 -26.73 21.12
N VAL B 243 -11.16 -27.79 21.58
N VAL B 243 -11.15 -27.75 21.64
CA VAL B 243 -11.15 -29.05 20.76
CA VAL B 243 -11.07 -29.10 21.01
C VAL B 243 -12.60 -29.55 20.62
C VAL B 243 -12.50 -29.58 20.70
N ARG B 244 -13.42 -29.49 21.66
CA ARG B 244 -14.80 -30.00 21.51
C ARG B 244 -15.56 -29.17 20.46
N VAL B 245 -15.45 -27.84 20.49
CA VAL B 245 -16.24 -27.02 19.55
C VAL B 245 -15.72 -27.25 18.13
N VAL B 246 -14.43 -27.32 17.97
CA VAL B 246 -13.78 -27.65 16.66
C VAL B 246 -14.27 -29.00 16.16
N ALA B 247 -14.37 -30.02 17.03
CA ALA B 247 -14.82 -31.36 16.59
C ALA B 247 -16.22 -31.28 16.03
N VAL B 248 -17.10 -30.51 16.69
CA VAL B 248 -18.50 -30.35 16.25
C VAL B 248 -18.55 -29.56 14.94
N LEU B 249 -17.81 -28.45 14.84
CA LEU B 249 -17.82 -27.67 13.57
C LEU B 249 -17.30 -28.49 12.40
N VAL B 250 -16.20 -29.18 12.57
CA VAL B 250 -15.64 -30.03 11.50
C VAL B 250 -16.66 -31.11 11.12
N ALA B 251 -17.33 -31.75 12.10
CA ALA B 251 -18.29 -32.83 11.77
C ALA B 251 -19.48 -32.26 11.03
N GLN B 252 -19.93 -31.06 11.38
CA GLN B 252 -21.20 -30.52 10.83
C GLN B 252 -20.94 -29.88 9.46
N THR B 253 -19.80 -29.22 9.26
CA THR B 253 -19.52 -28.42 8.04
C THR B 253 -18.68 -29.20 7.02
N GLY B 254 -17.92 -30.21 7.44
CA GLY B 254 -16.98 -30.90 6.57
C GLY B 254 -15.72 -30.07 6.32
N LEU B 255 -15.54 -28.96 7.03
CA LEU B 255 -14.38 -28.06 6.83
C LEU B 255 -13.21 -28.58 7.65
N SER B 256 -12.49 -29.52 7.05
N SER B 256 -12.46 -29.55 7.12
CA SER B 256 -11.36 -30.25 7.67
CA SER B 256 -11.36 -30.20 7.87
C SER B 256 -10.19 -29.32 8.03
C SER B 256 -10.24 -29.22 8.19
N GLU B 257 -10.15 -28.12 7.44
CA GLU B 257 -9.07 -27.13 7.69
C GLU B 257 -9.23 -26.45 9.06
N LEU B 258 -10.40 -26.50 9.69
CA LEU B 258 -10.61 -25.83 11.00
C LEU B 258 -9.84 -26.60 12.05
N ARG B 259 -9.16 -25.88 12.92
N ARG B 259 -9.15 -25.92 12.95
CA ARG B 259 -8.29 -26.48 13.95
CA ARG B 259 -8.45 -26.60 14.05
C ARG B 259 -8.26 -25.55 15.15
C ARG B 259 -8.24 -25.61 15.20
N THR B 260 -7.98 -26.09 16.32
N THR B 260 -8.07 -26.13 16.40
CA THR B 260 -7.70 -25.28 17.53
CA THR B 260 -7.66 -25.31 17.57
C THR B 260 -6.30 -24.67 17.38
C THR B 260 -6.36 -24.60 17.23
N ALA B 261 -6.17 -23.42 17.79
CA ALA B 261 -4.91 -22.65 17.59
C ALA B 261 -3.73 -23.42 18.21
N ALA B 262 -2.58 -23.34 17.55
CA ALA B 262 -1.29 -23.88 18.07
C ALA B 262 -0.96 -23.19 19.41
N ASN B 263 -1.17 -21.89 19.49
CA ASN B 263 -0.88 -21.13 20.71
C ASN B 263 -2.06 -20.18 20.93
N SER B 264 -2.69 -20.29 22.10
N SER B 264 -2.69 -20.30 22.11
CA SER B 264 -3.95 -19.56 22.41
CA SER B 264 -3.93 -19.54 22.44
C SER B 264 -3.68 -18.05 22.57
C SER B 264 -3.66 -18.03 22.48
N PHE B 265 -2.46 -17.63 22.94
CA PHE B 265 -2.10 -16.21 23.07
C PHE B 265 -1.97 -15.62 21.66
N GLU B 266 -1.20 -16.28 20.80
CA GLU B 266 -0.99 -15.80 19.43
C GLU B 266 -2.36 -15.67 18.73
N ALA B 267 -3.29 -16.55 19.00
CA ALA B 267 -4.58 -16.62 18.27
C ALA B 267 -5.50 -15.45 18.68
N GLN B 268 -5.15 -14.72 19.73
CA GLN B 268 -6.03 -13.60 20.17
C GLN B 268 -5.28 -12.27 20.10
N ALA B 269 -3.98 -12.29 20.36
CA ALA B 269 -3.12 -11.10 20.32
C ALA B 269 -2.86 -10.66 18.87
N ALA B 270 -2.98 -11.61 17.95
CA ALA B 270 -2.66 -11.35 16.53
C ALA B 270 -3.70 -11.99 15.61
N ARG B 271 -3.79 -11.44 14.40
CA ARG B 271 -4.63 -11.94 13.30
C ARG B 271 -3.70 -12.19 12.12
N ASP B 272 -2.54 -12.75 12.40
CA ASP B 272 -1.48 -12.97 11.39
C ASP B 272 -1.97 -13.93 10.30
N GLY B 273 -2.89 -14.85 10.63
CA GLY B 273 -3.42 -15.79 9.63
C GLY B 273 -4.20 -15.03 8.57
N LEU B 274 -4.91 -13.98 8.94
CA LEU B 274 -5.67 -13.17 7.92
C LEU B 274 -4.67 -12.40 7.06
N VAL B 275 -3.63 -11.84 7.67
CA VAL B 275 -2.59 -11.10 6.89
C VAL B 275 -1.93 -12.05 5.89
N GLU B 276 -1.64 -13.27 6.31
CA GLU B 276 -1.04 -14.29 5.43
C GLU B 276 -1.99 -14.58 4.27
N ALA B 277 -3.23 -14.87 4.58
CA ALA B 277 -4.23 -15.25 3.56
C ALA B 277 -4.40 -14.08 2.60
N SER B 278 -4.47 -12.86 3.09
CA SER B 278 -4.65 -11.70 2.19
C SER B 278 -3.47 -11.62 1.21
N GLY B 279 -2.27 -11.98 1.64
CA GLY B 279 -1.09 -12.04 0.75
C GLY B 279 -1.32 -13.00 -0.39
N ALA B 280 -1.88 -14.18 -0.13
CA ALA B 280 -2.22 -15.09 -1.22
C ALA B 280 -3.23 -14.41 -2.14
N LEU B 281 -4.28 -13.77 -1.61
CA LEU B 281 -5.31 -13.18 -2.48
C LEU B 281 -4.68 -12.04 -3.28
N ARG B 282 -3.77 -11.31 -2.68
CA ARG B 282 -3.05 -10.21 -3.36
C ARG B 282 -2.21 -10.78 -4.50
N THR B 283 -1.57 -11.93 -4.32
CA THR B 283 -0.77 -12.56 -5.39
C THR B 283 -1.71 -12.98 -6.51
N ILE B 284 -2.87 -13.52 -6.19
CA ILE B 284 -3.86 -13.88 -7.24
C ILE B 284 -4.29 -12.60 -7.99
N ALA B 285 -4.57 -11.50 -7.30
CA ALA B 285 -4.93 -10.23 -7.96
C ALA B 285 -3.83 -9.82 -8.94
N VAL B 286 -2.57 -9.95 -8.56
CA VAL B 286 -1.41 -9.59 -9.42
C VAL B 286 -1.45 -10.49 -10.65
N SER B 287 -1.66 -11.80 -10.48
CA SER B 287 -1.70 -12.74 -11.64
C SER B 287 -2.87 -12.36 -12.56
N LEU B 288 -4.07 -12.16 -11.99
CA LEU B 288 -5.28 -11.83 -12.76
C LEU B 288 -5.06 -10.53 -13.52
N THR B 289 -4.35 -9.58 -12.93
CA THR B 289 -4.12 -8.30 -13.65
C THR B 289 -3.32 -8.57 -14.93
N LYS B 290 -2.27 -9.37 -14.84
CA LYS B 290 -1.44 -9.68 -16.02
C LYS B 290 -2.30 -10.42 -17.05
N ILE B 291 -3.07 -11.40 -16.62
CA ILE B 291 -3.87 -12.19 -17.60
C ILE B 291 -4.93 -11.31 -18.27
N ALA B 292 -5.67 -10.55 -17.48
CA ALA B 292 -6.75 -9.70 -18.02
C ALA B 292 -6.15 -8.62 -18.93
N ASN B 293 -5.04 -8.00 -18.53
N ASN B 293 -5.04 -8.01 -18.53
CA ASN B 293 -4.41 -6.95 -19.36
CA ASN B 293 -4.41 -6.95 -19.36
C ASN B 293 -3.92 -7.54 -20.69
C ASN B 293 -3.92 -7.54 -20.69
N ASP B 294 -3.33 -8.74 -20.67
CA ASP B 294 -2.87 -9.35 -21.95
C ASP B 294 -4.10 -9.64 -22.82
N ILE B 295 -5.15 -10.17 -22.22
CA ILE B 295 -6.37 -10.50 -23.00
C ILE B 295 -7.01 -9.24 -23.60
N ARG B 296 -7.15 -8.15 -22.86
CA ARG B 296 -7.76 -6.97 -23.51
C ARG B 296 -6.83 -6.39 -24.59
N TRP B 297 -5.51 -6.44 -24.39
CA TRP B 297 -4.58 -5.99 -25.45
C TRP B 297 -4.70 -6.91 -26.69
N MET B 298 -4.80 -8.21 -26.47
N MET B 298 -4.80 -8.22 -26.46
CA MET B 298 -4.93 -9.14 -27.62
CA MET B 298 -4.93 -9.17 -27.61
C MET B 298 -6.24 -8.88 -28.37
C MET B 298 -6.23 -8.86 -28.36
N GLY B 299 -7.31 -8.52 -27.66
CA GLY B 299 -8.60 -8.23 -28.30
C GLY B 299 -8.75 -6.79 -28.81
N SER B 300 -7.71 -5.97 -28.67
CA SER B 300 -7.77 -4.53 -29.00
C SER B 300 -8.03 -4.33 -30.50
N GLY B 301 -8.72 -3.25 -30.81
CA GLY B 301 -8.98 -2.85 -32.21
C GLY B 301 -10.46 -2.61 -32.42
N PRO B 302 -11.12 -3.16 -33.46
CA PRO B 302 -10.56 -4.21 -34.29
C PRO B 302 -9.63 -3.77 -35.42
N LEU B 303 -9.43 -2.46 -35.65
CA LEU B 303 -8.62 -2.01 -36.81
C LEU B 303 -7.35 -1.28 -36.38
N THR B 304 -7.29 -0.63 -35.21
CA THR B 304 -6.15 0.19 -34.79
C THR B 304 -5.41 -0.48 -33.64
N GLY B 305 -5.80 -1.70 -33.29
CA GLY B 305 -5.10 -2.40 -32.19
C GLY B 305 -4.37 -3.64 -32.64
N LEU B 306 -4.22 -4.62 -31.76
CA LEU B 306 -3.46 -5.84 -32.08
C LEU B 306 -4.32 -6.88 -32.82
N ALA B 307 -5.60 -6.98 -32.49
CA ALA B 307 -6.57 -7.88 -33.16
C ALA B 307 -6.09 -9.32 -33.24
N GLU B 308 -5.54 -9.81 -32.15
CA GLU B 308 -5.07 -11.22 -32.09
C GLU B 308 -6.23 -12.17 -31.80
N ILE B 309 -7.16 -11.72 -30.98
CA ILE B 309 -8.33 -12.58 -30.61
C ILE B 309 -9.58 -11.70 -30.59
N GLN B 310 -10.73 -12.33 -30.54
CA GLN B 310 -12.01 -11.63 -30.36
C GLN B 310 -12.63 -12.11 -29.06
N LEU B 311 -13.08 -11.16 -28.26
CA LEU B 311 -13.80 -11.44 -27.01
C LEU B 311 -15.27 -11.52 -27.36
N PRO B 312 -16.02 -12.38 -26.66
CA PRO B 312 -17.47 -12.40 -26.77
C PRO B 312 -18.07 -11.07 -26.32
N ASP B 313 -19.07 -10.62 -27.09
CA ASP B 313 -19.75 -9.31 -26.96
C ASP B 313 -20.70 -9.44 -25.78
N LEU B 314 -20.70 -8.52 -24.81
CA LEU B 314 -21.56 -8.71 -23.60
C LEU B 314 -22.53 -7.55 -23.46
N GLN B 315 -22.20 -6.38 -23.98
CA GLN B 315 -23.16 -5.25 -23.95
C GLN B 315 -22.73 -4.15 -24.93
N PRO B 316 -23.63 -3.27 -25.39
CA PRO B 316 -23.26 -2.12 -26.22
C PRO B 316 -22.21 -1.26 -25.50
N GLY B 317 -21.14 -0.85 -26.18
CA GLY B 317 -20.11 -0.09 -25.43
C GLY B 317 -20.26 1.41 -25.55
N SER B 318 -20.87 1.88 -26.63
CA SER B 318 -21.00 3.34 -26.80
C SER B 318 -22.20 3.65 -27.69
N SER B 319 -22.80 4.80 -27.46
CA SER B 319 -23.91 5.26 -28.33
C SER B 319 -23.32 6.21 -29.38
N ILE B 320 -22.25 6.90 -29.02
CA ILE B 320 -21.63 7.80 -30.05
C ILE B 320 -21.04 6.92 -31.17
N MET B 321 -20.45 5.80 -30.83
CA MET B 321 -19.83 4.85 -31.81
C MET B 321 -20.68 3.57 -31.70
N PRO B 322 -21.84 3.50 -32.37
CA PRO B 322 -22.78 2.41 -32.17
C PRO B 322 -22.41 0.92 -32.17
N GLY B 323 -21.43 0.51 -32.98
CA GLY B 323 -21.08 -0.93 -33.00
C GLY B 323 -19.86 -1.23 -32.16
N LYS B 324 -19.34 -0.23 -31.45
CA LYS B 324 -18.10 -0.43 -30.66
C LYS B 324 -18.42 -1.32 -29.45
N VAL B 325 -17.68 -2.43 -29.27
CA VAL B 325 -17.83 -3.37 -28.10
C VAL B 325 -16.50 -3.45 -27.33
N ASN B 326 -16.59 -3.40 -26.00
CA ASN B 326 -15.47 -3.13 -25.06
C ASN B 326 -15.16 -4.39 -24.25
N PRO B 327 -13.88 -4.57 -23.80
CA PRO B 327 -13.46 -5.70 -22.95
C PRO B 327 -13.94 -5.47 -21.50
N VAL B 328 -15.24 -5.60 -21.31
CA VAL B 328 -15.85 -5.25 -20.00
C VAL B 328 -15.47 -6.29 -18.95
N LEU B 329 -15.33 -7.56 -19.30
CA LEU B 329 -14.92 -8.53 -18.24
C LEU B 329 -13.46 -8.33 -17.82
N PRO B 330 -12.47 -8.16 -18.72
CA PRO B 330 -11.14 -7.78 -18.25
C PRO B 330 -11.13 -6.51 -17.39
N GLU B 331 -11.98 -5.53 -17.69
CA GLU B 331 -12.07 -4.29 -16.88
C GLU B 331 -12.59 -4.63 -15.49
N ALA B 332 -13.63 -5.46 -15.39
CA ALA B 332 -14.17 -5.86 -14.07
C ALA B 332 -13.04 -6.57 -13.30
N VAL B 333 -12.28 -7.42 -13.98
CA VAL B 333 -11.21 -8.22 -13.28
C VAL B 333 -10.14 -7.27 -12.77
N THR B 334 -9.65 -6.35 -13.60
CA THR B 334 -8.54 -5.45 -13.19
C THR B 334 -9.03 -4.50 -12.08
N GLN B 335 -10.31 -4.09 -12.10
CA GLN B 335 -10.85 -3.25 -11.00
C GLN B 335 -10.94 -4.07 -9.71
N VAL B 336 -11.42 -5.29 -9.78
CA VAL B 336 -11.44 -6.19 -8.59
C VAL B 336 -10.03 -6.33 -8.03
N ALA B 337 -9.03 -6.56 -8.90
CA ALA B 337 -7.64 -6.76 -8.45
C ALA B 337 -7.18 -5.51 -7.69
N ALA B 338 -7.50 -4.32 -8.22
CA ALA B 338 -7.12 -3.08 -7.52
C ALA B 338 -7.79 -3.07 -6.14
N GLN B 339 -9.03 -3.51 -6.03
CA GLN B 339 -9.71 -3.49 -4.73
C GLN B 339 -9.01 -4.44 -3.76
N VAL B 340 -8.64 -5.64 -4.26
CA VAL B 340 -7.98 -6.63 -3.40
C VAL B 340 -6.65 -6.08 -2.90
N ILE B 341 -5.88 -5.37 -3.74
N ILE B 341 -5.86 -5.40 -3.77
CA ILE B 341 -4.58 -4.81 -3.28
CA ILE B 341 -4.60 -4.69 -3.38
C ILE B 341 -4.84 -3.71 -2.23
C ILE B 341 -4.91 -3.77 -2.20
N GLY B 342 -5.88 -2.90 -2.38
CA GLY B 342 -6.26 -1.94 -1.32
C GLY B 342 -6.65 -2.63 -0.02
N ASN B 343 -7.54 -3.59 -0.14
CA ASN B 343 -8.05 -4.36 1.02
C ASN B 343 -6.84 -4.96 1.76
N ASP B 344 -5.89 -5.48 1.00
CA ASP B 344 -4.71 -6.16 1.54
C ASP B 344 -3.92 -5.19 2.39
N ALA B 345 -3.76 -3.94 1.94
CA ALA B 345 -3.03 -2.93 2.72
C ALA B 345 -3.81 -2.61 4.01
N ALA B 346 -5.12 -2.50 4.00
CA ALA B 346 -5.90 -2.25 5.24
C ALA B 346 -5.73 -3.44 6.19
N ILE B 347 -5.76 -4.69 5.70
CA ILE B 347 -5.60 -5.89 6.55
C ILE B 347 -4.23 -5.87 7.26
N ALA B 348 -3.16 -5.56 6.52
CA ALA B 348 -1.80 -5.62 7.12
C ALA B 348 -1.72 -4.51 8.17
N TRP B 349 -2.30 -3.35 7.91
CA TRP B 349 -2.25 -2.21 8.85
C TRP B 349 -2.92 -2.63 10.17
N GLY B 350 -4.07 -3.25 10.07
CA GLY B 350 -4.78 -3.72 11.27
C GLY B 350 -4.03 -4.85 11.95
N GLY B 351 -3.41 -5.74 11.17
CA GLY B 351 -2.72 -6.88 11.76
C GLY B 351 -1.57 -6.42 12.63
N ALA B 352 -0.85 -5.39 12.20
CA ALA B 352 0.41 -4.95 12.84
C ALA B 352 0.14 -4.32 14.19
N ASN B 353 -1.05 -3.74 14.34
CA ASN B 353 -1.41 -2.81 15.44
C ASN B 353 -2.16 -3.42 16.62
N GLY B 354 -1.95 -4.70 16.87
CA GLY B 354 -2.50 -5.30 18.10
C GLY B 354 -1.70 -4.86 19.33
N ALA B 355 -2.28 -5.00 20.51
CA ALA B 355 -1.51 -4.66 21.72
C ALA B 355 -1.76 -5.74 22.76
N PHE B 356 -0.71 -6.25 23.36
CA PHE B 356 -0.85 -7.20 24.48
C PHE B 356 -1.74 -8.38 24.10
N GLU B 357 -2.77 -8.62 24.89
CA GLU B 357 -3.58 -9.84 24.72
C GLU B 357 -4.61 -9.73 23.59
N LEU B 358 -4.80 -8.58 22.96
CA LEU B 358 -5.87 -8.55 21.94
C LEU B 358 -5.57 -7.63 20.75
N ASN B 359 -5.83 -8.15 19.55
CA ASN B 359 -5.79 -7.28 18.35
C ASN B 359 -7.21 -6.74 18.22
N VAL B 360 -7.33 -5.43 18.18
CA VAL B 360 -8.63 -4.76 18.18
C VAL B 360 -8.89 -4.11 16.81
N TYR B 361 -8.53 -4.81 15.73
CA TYR B 361 -8.85 -4.39 14.36
C TYR B 361 -9.72 -5.45 13.67
N ILE B 362 -10.29 -6.39 14.41
CA ILE B 362 -10.89 -7.61 13.79
C ILE B 362 -12.04 -7.23 12.87
N PRO B 363 -13.02 -6.37 13.22
CA PRO B 363 -14.14 -6.17 12.31
C PRO B 363 -13.67 -5.59 10.97
N MET B 364 -12.70 -4.69 11.02
CA MET B 364 -12.17 -4.08 9.78
C MET B 364 -11.39 -5.12 8.96
N MET B 365 -10.57 -5.93 9.60
CA MET B 365 -9.77 -6.97 8.88
C MET B 365 -10.75 -7.98 8.31
N ALA B 366 -11.80 -8.34 9.05
CA ALA B 366 -12.78 -9.33 8.56
C ALA B 366 -13.53 -8.79 7.36
N ARG B 367 -13.95 -7.53 7.41
CA ARG B 367 -14.68 -6.96 6.25
C ARG B 367 -13.79 -7.10 4.99
N ASN B 368 -12.53 -6.74 5.14
CA ASN B 368 -11.63 -6.60 3.98
C ASN B 368 -11.31 -7.99 3.45
N ILE B 369 -10.96 -8.96 4.31
N ILE B 369 -10.99 -8.97 4.28
CA ILE B 369 -10.51 -10.31 3.87
CA ILE B 369 -10.54 -10.24 3.69
C ILE B 369 -11.71 -11.02 3.21
C ILE B 369 -11.76 -10.97 3.13
N LEU B 370 -12.91 -10.92 3.78
CA LEU B 370 -14.07 -11.61 3.24
C LEU B 370 -14.50 -10.91 1.95
N GLU B 371 -14.37 -9.60 1.80
CA GLU B 371 -14.74 -8.98 0.52
C GLU B 371 -13.76 -9.46 -0.55
N SER B 372 -12.49 -9.50 -0.25
CA SER B 372 -11.46 -9.98 -1.23
C SER B 372 -11.81 -11.39 -1.70
N PHE B 373 -12.12 -12.30 -0.77
CA PHE B 373 -12.52 -13.65 -1.20
C PHE B 373 -13.76 -13.59 -2.11
N LYS B 374 -14.78 -12.82 -1.72
CA LYS B 374 -16.02 -12.77 -2.54
C LYS B 374 -15.78 -12.19 -3.95
N LEU B 375 -15.05 -11.08 -4.03
CA LEU B 375 -14.82 -10.45 -5.35
C LEU B 375 -14.02 -11.38 -6.26
N LEU B 376 -12.98 -11.99 -5.73
CA LEU B 376 -12.13 -12.91 -6.54
C LEU B 376 -12.94 -14.12 -6.99
N THR B 377 -13.77 -14.65 -6.13
CA THR B 377 -14.57 -15.85 -6.43
C THR B 377 -15.53 -15.45 -7.55
N ASN B 378 -16.28 -14.37 -7.36
CA ASN B 378 -17.33 -14.04 -8.34
C ASN B 378 -16.69 -13.66 -9.68
N VAL B 379 -15.68 -12.81 -9.67
CA VAL B 379 -15.12 -12.31 -10.94
C VAL B 379 -14.38 -13.45 -11.66
N SER B 380 -13.77 -14.41 -10.95
N SER B 380 -13.81 -14.43 -10.96
CA SER B 380 -13.06 -15.54 -11.59
CA SER B 380 -13.04 -15.54 -11.59
C SER B 380 -14.07 -16.35 -12.40
C SER B 380 -14.01 -16.46 -12.35
N ARG B 381 -15.19 -16.70 -11.78
CA ARG B 381 -16.25 -17.50 -12.46
C ARG B 381 -16.75 -16.73 -13.67
N LEU B 382 -17.04 -15.45 -13.57
CA LEU B 382 -17.59 -14.66 -14.67
C LEU B 382 -16.54 -14.59 -15.78
N PHE B 383 -15.29 -14.41 -15.41
CA PHE B 383 -14.20 -14.32 -16.43
C PHE B 383 -14.04 -15.65 -17.15
N ALA B 384 -14.12 -16.77 -16.45
CA ALA B 384 -14.00 -18.09 -17.09
C ALA B 384 -15.18 -18.28 -18.05
N GLN B 385 -16.40 -18.00 -17.61
CA GLN B 385 -17.60 -18.43 -18.37
C GLN B 385 -17.94 -17.42 -19.47
N ARG B 386 -17.85 -16.13 -19.22
CA ARG B 386 -18.38 -15.08 -20.10
C ARG B 386 -17.27 -14.42 -20.92
N CYS B 387 -16.01 -14.81 -20.76
CA CYS B 387 -14.91 -14.21 -21.55
C CYS B 387 -14.06 -15.35 -22.08
N ILE B 388 -13.36 -16.10 -21.22
CA ILE B 388 -12.32 -17.06 -21.69
C ILE B 388 -12.97 -18.12 -22.58
N ALA B 389 -14.05 -18.73 -22.13
CA ALA B 389 -14.64 -19.90 -22.83
C ALA B 389 -14.97 -19.53 -24.27
N GLY B 390 -15.37 -18.27 -24.55
CA GLY B 390 -15.85 -17.87 -25.89
C GLY B 390 -14.84 -17.12 -26.71
N LEU B 391 -13.59 -17.03 -26.25
CA LEU B 391 -12.54 -16.32 -27.06
C LEU B 391 -12.39 -17.07 -28.40
N THR B 392 -12.11 -16.30 -29.44
CA THR B 392 -11.70 -16.90 -30.74
C THR B 392 -10.39 -16.27 -31.19
N ALA B 393 -9.55 -17.02 -31.84
CA ALA B 393 -8.24 -16.55 -32.29
C ALA B 393 -8.31 -16.13 -33.76
N ASN B 394 -7.55 -15.10 -34.15
CA ASN B 394 -7.44 -14.67 -35.57
C ASN B 394 -6.22 -15.40 -36.14
N VAL B 395 -6.37 -16.67 -36.38
CA VAL B 395 -5.27 -17.61 -36.69
C VAL B 395 -4.45 -17.13 -37.91
N GLU B 396 -5.09 -16.69 -38.99
CA GLU B 396 -4.38 -16.34 -40.24
C GLU B 396 -3.64 -15.02 -40.07
N HIS B 397 -4.19 -14.08 -39.34
CA HIS B 397 -3.47 -12.83 -38.98
C HIS B 397 -2.20 -13.17 -38.21
N LEU B 398 -2.31 -14.02 -37.19
CA LEU B 398 -1.18 -14.32 -36.29
C LEU B 398 -0.07 -15.00 -37.11
N ARG B 399 -0.46 -15.95 -37.94
CA ARG B 399 0.56 -16.72 -38.71
C ARG B 399 1.20 -15.78 -39.72
N ARG B 400 0.42 -14.91 -40.34
CA ARG B 400 0.98 -13.99 -41.38
C ARG B 400 2.09 -13.16 -40.72
N LEU B 401 1.85 -12.63 -39.53
CA LEU B 401 2.87 -11.81 -38.85
C LEU B 401 4.10 -12.63 -38.47
N ALA B 402 3.93 -13.87 -37.96
CA ALA B 402 5.08 -14.72 -37.62
C ALA B 402 5.92 -14.99 -38.90
N GLU B 403 5.27 -15.21 -40.04
CA GLU B 403 5.99 -15.62 -41.27
C GLU B 403 6.70 -14.41 -41.90
N SER B 404 6.41 -13.19 -41.46
CA SER B 404 6.96 -11.90 -41.98
C SER B 404 7.97 -11.29 -41.01
N SER B 405 8.28 -11.97 -39.91
CA SER B 405 9.12 -11.42 -38.80
C SER B 405 10.60 -11.55 -39.13
N PRO B 406 11.35 -10.43 -39.04
CA PRO B 406 12.81 -10.49 -39.03
C PRO B 406 13.41 -11.44 -37.99
N SER B 407 12.69 -11.69 -36.89
CA SER B 407 13.11 -12.60 -35.80
C SER B 407 13.31 -14.03 -36.33
N ILE B 408 12.78 -14.42 -37.50
CA ILE B 408 12.85 -15.85 -37.92
C ILE B 408 13.99 -16.12 -38.90
N VAL B 409 14.85 -15.14 -39.19
CA VAL B 409 15.95 -15.35 -40.20
C VAL B 409 17.11 -16.16 -39.61
N THR B 410 17.24 -16.23 -38.30
CA THR B 410 18.40 -16.85 -37.62
C THR B 410 18.65 -18.25 -38.17
N PRO B 411 17.65 -19.13 -38.33
CA PRO B 411 17.92 -20.48 -38.85
C PRO B 411 18.45 -20.54 -40.29
N LEU B 412 18.48 -19.41 -41.00
CA LEU B 412 19.05 -19.32 -42.37
C LEU B 412 20.58 -19.14 -42.26
N ASN B 413 21.08 -18.71 -41.09
CA ASN B 413 22.52 -18.34 -40.97
C ASN B 413 23.41 -19.45 -41.54
N SER B 414 23.20 -20.69 -41.15
CA SER B 414 24.13 -21.81 -41.48
C SER B 414 24.09 -22.10 -42.99
N ALA B 415 23.08 -21.62 -43.73
CA ALA B 415 22.98 -21.84 -45.19
C ALA B 415 23.61 -20.67 -45.96
N ILE B 416 23.28 -19.43 -45.59
CA ILE B 416 23.57 -18.20 -46.39
C ILE B 416 24.42 -17.19 -45.61
N GLY B 417 24.73 -17.45 -44.35
CA GLY B 417 25.50 -16.53 -43.50
C GLY B 417 24.65 -15.43 -42.90
N TYR B 418 25.06 -14.96 -41.73
CA TYR B 418 24.29 -14.02 -40.86
C TYR B 418 24.17 -12.68 -41.60
N GLU B 419 25.18 -12.27 -42.38
CA GLU B 419 25.11 -10.97 -43.12
C GLU B 419 23.96 -10.99 -44.14
N GLU B 420 23.85 -12.05 -44.94
CA GLU B 420 22.77 -12.21 -45.96
C GLU B 420 21.40 -12.40 -45.28
N ALA B 421 21.34 -13.15 -44.18
CA ALA B 421 20.10 -13.30 -43.39
C ALA B 421 19.61 -11.92 -42.94
N ALA B 422 20.50 -11.07 -42.43
CA ALA B 422 20.14 -9.71 -41.96
C ALA B 422 19.64 -8.86 -43.14
N ALA B 423 20.17 -9.09 -44.35
CA ALA B 423 19.74 -8.43 -45.60
C ALA B 423 18.31 -8.84 -45.99
N VAL B 424 18.00 -10.14 -45.84
CA VAL B 424 16.65 -10.72 -46.06
C VAL B 424 15.70 -10.02 -45.07
N ALA B 425 16.10 -9.89 -43.80
CA ALA B 425 15.24 -9.28 -42.74
C ALA B 425 14.94 -7.82 -43.14
N LYS B 426 15.98 -7.07 -43.51
CA LYS B 426 15.85 -5.62 -43.89
C LYS B 426 14.86 -5.47 -45.02
N GLN B 427 15.05 -6.23 -46.09
CA GLN B 427 14.22 -6.16 -47.31
C GLN B 427 12.77 -6.57 -47.00
N ALA B 428 12.56 -7.69 -46.30
CA ALA B 428 11.21 -8.16 -45.96
C ALA B 428 10.45 -7.05 -45.22
N LEU B 429 11.06 -6.42 -44.21
N LEU B 429 11.06 -6.46 -44.17
CA LEU B 429 10.38 -5.41 -43.35
CA LEU B 429 10.45 -5.37 -43.35
C LEU B 429 10.10 -4.14 -44.17
C LEU B 429 10.05 -4.23 -44.28
N LYS B 430 11.04 -3.74 -45.06
CA LYS B 430 10.87 -2.57 -45.96
C LYS B 430 9.71 -2.81 -46.93
N GLU B 431 9.67 -3.97 -47.58
CA GLU B 431 8.74 -4.31 -48.70
C GLU B 431 7.51 -5.09 -48.22
N ARG B 432 7.27 -5.17 -46.91
CA ARG B 432 6.08 -5.85 -46.32
C ARG B 432 5.88 -7.23 -46.98
N LYS B 433 6.92 -8.05 -47.04
CA LYS B 433 6.84 -9.43 -47.61
C LYS B 433 7.15 -10.47 -46.51
N THR B 434 6.78 -11.73 -46.75
CA THR B 434 7.24 -12.86 -45.91
C THR B 434 8.74 -13.06 -46.10
N ILE B 435 9.38 -13.63 -45.10
CA ILE B 435 10.82 -13.97 -45.13
C ILE B 435 11.05 -14.97 -46.26
N ARG B 436 10.18 -15.98 -46.33
CA ARG B 436 10.27 -17.05 -47.35
C ARG B 436 10.33 -16.41 -48.74
N GLN B 437 9.42 -15.48 -49.02
CA GLN B 437 9.32 -14.84 -50.36
C GLN B 437 10.55 -13.96 -50.58
N THR B 438 10.97 -13.18 -49.57
CA THR B 438 12.16 -12.30 -49.68
C THR B 438 13.40 -13.16 -50.01
N VAL B 439 13.53 -14.34 -49.40
CA VAL B 439 14.67 -15.26 -49.69
C VAL B 439 14.65 -15.66 -51.18
N ILE B 440 13.47 -15.97 -51.72
CA ILE B 440 13.31 -16.36 -53.15
C ILE B 440 13.62 -15.14 -54.03
N ASP B 441 13.05 -13.96 -53.70
CA ASP B 441 13.19 -12.68 -54.45
C ASP B 441 14.64 -12.19 -54.49
N ARG B 442 15.55 -12.80 -53.72
CA ARG B 442 17.01 -12.49 -53.74
C ARG B 442 17.82 -13.63 -54.38
N GLY B 443 17.15 -14.60 -55.01
CA GLY B 443 17.76 -15.77 -55.70
C GLY B 443 18.74 -16.55 -54.85
N LEU B 444 18.40 -16.91 -53.60
CA LEU B 444 19.34 -17.67 -52.72
C LEU B 444 19.07 -19.18 -52.83
N ILE B 445 17.95 -19.59 -53.42
CA ILE B 445 17.67 -21.03 -53.66
C ILE B 445 18.69 -21.46 -54.72
N GLY B 446 19.61 -22.35 -54.35
CA GLY B 446 20.76 -22.77 -55.16
C GLY B 446 21.35 -24.05 -54.61
N ASP B 447 22.64 -24.04 -54.26
CA ASP B 447 23.44 -25.26 -53.96
C ASP B 447 23.42 -25.57 -52.45
N ARG B 448 23.25 -24.56 -51.60
CA ARG B 448 23.29 -24.77 -50.13
C ARG B 448 21.89 -24.59 -49.54
N LEU B 449 20.84 -24.51 -50.37
CA LEU B 449 19.45 -24.24 -49.90
C LEU B 449 18.41 -24.55 -50.99
N SER B 450 17.76 -25.73 -50.93
CA SER B 450 16.58 -26.07 -51.76
C SER B 450 15.32 -25.39 -51.20
N ILE B 451 14.22 -25.46 -51.95
CA ILE B 451 12.89 -24.89 -51.57
C ILE B 451 12.33 -25.62 -50.34
N GLU B 452 12.59 -26.93 -50.20
CA GLU B 452 12.01 -27.72 -49.06
C GLU B 452 12.84 -27.40 -47.82
N ASP B 453 14.13 -27.10 -48.04
CA ASP B 453 15.14 -26.80 -46.99
C ASP B 453 14.84 -25.42 -46.37
N LEU B 454 14.46 -24.46 -47.20
CA LEU B 454 13.99 -23.12 -46.78
C LEU B 454 12.72 -23.31 -45.94
N ASP B 455 11.80 -24.16 -46.38
CA ASP B 455 10.48 -24.36 -45.69
C ASP B 455 10.72 -25.06 -44.35
N ARG B 456 11.74 -25.91 -44.25
CA ARG B 456 12.12 -26.57 -42.98
C ARG B 456 12.76 -25.53 -42.03
N ARG B 457 13.65 -24.66 -42.52
CA ARG B 457 14.33 -23.68 -41.66
C ARG B 457 13.35 -22.59 -41.19
N LEU B 458 12.42 -22.18 -42.04
CA LEU B 458 11.46 -21.10 -41.70
C LEU B 458 10.14 -21.66 -41.15
N ASP B 459 10.11 -22.90 -40.68
CA ASP B 459 8.88 -23.47 -40.08
C ASP B 459 8.61 -22.76 -38.74
N VAL B 460 7.69 -21.81 -38.75
CA VAL B 460 7.49 -20.96 -37.55
C VAL B 460 6.89 -21.78 -36.43
N LEU B 461 6.00 -22.74 -36.67
CA LEU B 461 5.48 -23.59 -35.57
C LEU B 461 6.60 -24.41 -34.93
N ALA B 462 7.52 -24.98 -35.70
CA ALA B 462 8.68 -25.71 -35.12
C ALA B 462 9.55 -24.77 -34.27
N MET B 463 9.73 -23.51 -34.68
N MET B 463 9.68 -23.51 -34.70
CA MET B 463 10.54 -22.52 -33.92
CA MET B 463 10.49 -22.48 -34.01
C MET B 463 9.89 -22.27 -32.56
C MET B 463 9.88 -22.15 -32.64
N ALA B 464 8.57 -22.26 -32.50
CA ALA B 464 7.86 -22.12 -31.21
C ALA B 464 8.17 -23.31 -30.29
N LYS B 465 8.61 -24.47 -30.80
CA LYS B 465 9.04 -25.66 -30.00
C LYS B 465 7.89 -26.13 -29.10
N ALA B 466 6.70 -26.28 -29.67
CA ALA B 466 5.51 -26.79 -28.96
C ALA B 466 5.74 -28.28 -28.60
N GLU B 467 5.46 -28.69 -27.34
CA GLU B 467 5.73 -30.05 -26.79
C GLU B 467 5.27 -31.14 -27.76
N TYR C 10 -42.12 -10.08 -16.03
CA TYR C 10 -41.09 -9.48 -16.90
C TYR C 10 -41.67 -8.91 -18.20
N ARG C 11 -40.93 -8.01 -18.85
CA ARG C 11 -41.32 -7.37 -20.13
C ARG C 11 -40.14 -7.33 -21.10
N ILE C 12 -40.39 -7.23 -22.40
CA ILE C 12 -39.28 -7.27 -23.40
C ILE C 12 -38.80 -5.85 -23.74
N GLU C 13 -37.49 -5.63 -23.73
CA GLU C 13 -36.91 -4.30 -24.06
C GLU C 13 -35.77 -4.51 -25.07
N HIS C 14 -35.29 -3.47 -25.75
CA HIS C 14 -34.24 -3.74 -26.78
C HIS C 14 -33.10 -2.71 -26.78
N ASP C 15 -32.01 -3.08 -27.47
CA ASP C 15 -30.76 -2.29 -27.67
C ASP C 15 -30.04 -2.74 -28.96
N THR C 16 -28.98 -2.04 -29.33
CA THR C 16 -28.23 -2.36 -30.59
C THR C 16 -27.80 -3.82 -30.66
N MET C 17 -27.97 -4.57 -29.58
CA MET C 17 -27.55 -6.00 -29.51
C MET C 17 -28.78 -6.92 -29.53
N GLY C 18 -29.99 -6.39 -29.36
CA GLY C 18 -31.25 -7.15 -29.55
C GLY C 18 -32.15 -7.09 -28.33
N GLU C 19 -32.71 -8.24 -27.93
CA GLU C 19 -33.89 -8.32 -27.03
C GLU C 19 -33.49 -8.85 -25.65
N VAL C 20 -34.13 -8.34 -24.60
CA VAL C 20 -33.71 -8.53 -23.18
C VAL C 20 -34.97 -8.56 -22.31
N ARG C 21 -35.02 -9.52 -21.39
CA ARG C 21 -36.16 -9.61 -20.45
C ARG C 21 -35.81 -8.80 -19.22
N VAL C 22 -36.70 -7.89 -18.83
CA VAL C 22 -36.47 -6.95 -17.70
C VAL C 22 -37.60 -7.09 -16.67
N PRO C 23 -37.39 -6.92 -15.35
CA PRO C 23 -38.45 -6.96 -14.36
C PRO C 23 -39.61 -6.05 -14.78
N ALA C 24 -40.81 -6.63 -14.80
CA ALA C 24 -42.05 -5.97 -15.28
C ALA C 24 -42.15 -4.57 -14.64
N LYS C 25 -41.82 -4.43 -13.35
CA LYS C 25 -42.04 -3.16 -12.60
C LYS C 25 -40.81 -2.22 -12.62
N ALA C 26 -39.64 -2.69 -13.04
CA ALA C 26 -38.39 -1.87 -13.01
C ALA C 26 -38.44 -0.63 -13.90
N LEU C 27 -37.88 0.47 -13.38
CA LEU C 27 -37.80 1.76 -14.13
C LEU C 27 -36.61 1.73 -15.10
N TRP C 28 -35.69 0.79 -14.90
CA TRP C 28 -34.56 0.67 -15.84
C TRP C 28 -34.97 -0.17 -17.05
N ARG C 29 -34.14 -0.18 -18.07
CA ARG C 29 -34.41 -0.90 -19.35
C ARG C 29 -33.35 -1.92 -19.72
N ALA C 30 -33.19 -2.19 -21.01
CA ALA C 30 -32.31 -3.27 -21.54
C ALA C 30 -30.84 -3.12 -21.16
N GLN C 31 -30.23 -1.94 -21.30
CA GLN C 31 -28.79 -1.86 -20.99
C GLN C 31 -28.54 -2.10 -19.49
N THR C 32 -29.42 -1.57 -18.64
CA THR C 32 -29.25 -1.75 -17.17
C THR C 32 -29.38 -3.23 -16.87
N GLN C 33 -30.35 -3.89 -17.48
CA GLN C 33 -30.55 -5.33 -17.23
C GLN C 33 -29.37 -6.14 -17.74
N ARG C 34 -28.76 -5.78 -18.86
CA ARG C 34 -27.58 -6.59 -19.28
C ARG C 34 -26.48 -6.44 -18.23
N ALA C 35 -26.27 -5.21 -17.75
CA ALA C 35 -25.25 -4.90 -16.72
C ALA C 35 -25.56 -5.69 -15.44
N VAL C 36 -26.81 -5.81 -15.06
CA VAL C 36 -27.18 -6.59 -13.86
C VAL C 36 -26.69 -8.04 -14.05
N GLU C 37 -26.92 -8.62 -15.22
CA GLU C 37 -26.48 -10.03 -15.47
C GLU C 37 -24.99 -10.16 -15.75
N ASN C 38 -24.34 -9.15 -16.33
CA ASN C 38 -22.89 -9.18 -16.66
C ASN C 38 -22.02 -9.09 -15.38
N PHE C 39 -22.46 -8.35 -14.34
CA PHE C 39 -21.54 -7.95 -13.24
C PHE C 39 -22.02 -8.31 -11.84
N PRO C 40 -22.49 -9.54 -11.57
CA PRO C 40 -22.83 -9.94 -10.20
C PRO C 40 -21.56 -10.25 -9.38
N ILE C 41 -20.86 -9.21 -8.97
CA ILE C 41 -19.50 -9.32 -8.40
C ILE C 41 -19.53 -9.01 -6.90
N SER C 42 -19.89 -7.80 -6.51
CA SER C 42 -19.78 -7.30 -5.11
C SER C 42 -21.15 -7.35 -4.43
N GLY C 43 -22.21 -7.24 -5.22
CA GLY C 43 -23.58 -7.15 -4.70
C GLY C 43 -23.88 -5.75 -4.20
N ARG C 44 -23.00 -4.78 -4.41
CA ARG C 44 -23.26 -3.39 -3.98
C ARG C 44 -23.23 -2.49 -5.20
N GLY C 45 -24.12 -1.52 -5.21
CA GLY C 45 -24.24 -0.56 -6.30
C GLY C 45 -23.79 0.82 -5.88
N LEU C 46 -24.16 1.81 -6.69
CA LEU C 46 -23.79 3.21 -6.42
C LEU C 46 -24.40 3.67 -5.08
N GLU C 47 -23.65 4.53 -4.41
CA GLU C 47 -24.12 5.14 -3.13
C GLU C 47 -25.05 6.32 -3.45
N ARG C 48 -25.82 6.72 -2.43
CA ARG C 48 -26.73 7.88 -2.44
C ARG C 48 -26.03 9.08 -3.09
N THR C 49 -24.80 9.41 -2.69
CA THR C 49 -24.08 10.64 -3.17
C THR C 49 -23.81 10.53 -4.66
N GLN C 50 -23.52 9.32 -5.15
CA GLN C 50 -23.22 9.12 -6.57
C GLN C 50 -24.48 9.28 -7.41
N ILE C 51 -25.58 8.69 -6.96
CA ILE C 51 -26.89 8.81 -7.67
C ILE C 51 -27.30 10.29 -7.70
N ARG C 52 -27.18 10.98 -6.57
CA ARG C 52 -27.50 12.42 -6.45
C ARG C 52 -26.69 13.18 -7.50
N ALA C 53 -25.41 12.87 -7.63
CA ALA C 53 -24.55 13.61 -8.56
C ALA C 53 -24.97 13.33 -10.01
N LEU C 54 -25.32 12.09 -10.32
CA LEU C 54 -25.77 11.76 -11.69
C LEU C 54 -27.08 12.50 -12.02
N GLY C 55 -28.01 12.58 -11.06
CA GLY C 55 -29.27 13.36 -11.22
C GLY C 55 -28.97 14.83 -11.44
N LEU C 56 -28.09 15.41 -10.65
CA LEU C 56 -27.72 16.84 -10.79
C LEU C 56 -27.15 17.05 -12.19
N LEU C 57 -26.27 16.17 -12.64
CA LEU C 57 -25.61 16.40 -13.93
C LEU C 57 -26.64 16.27 -15.08
N LYS C 58 -27.50 15.26 -15.05
CA LYS C 58 -28.48 15.05 -16.17
C LYS C 58 -29.42 16.27 -16.25
N GLY C 59 -29.81 16.82 -15.11
CA GLY C 59 -30.68 18.01 -15.08
C GLY C 59 -29.96 19.22 -15.64
N ALA C 60 -28.71 19.42 -15.26
CA ALA C 60 -27.88 20.53 -15.80
C ALA C 60 -27.69 20.38 -17.32
N CYS C 61 -27.41 19.16 -17.83
CA CYS C 61 -27.20 18.95 -19.27
C CYS C 61 -28.49 19.32 -20.02
N ALA C 62 -29.64 18.88 -19.53
CA ALA C 62 -30.94 19.10 -20.22
C ALA C 62 -31.20 20.62 -20.24
N GLN C 63 -30.85 21.32 -19.19
CA GLN C 63 -31.05 22.78 -19.07
C GLN C 63 -30.23 23.47 -20.16
N VAL C 64 -28.97 23.09 -20.30
CA VAL C 64 -28.06 23.74 -21.27
C VAL C 64 -28.53 23.37 -22.69
N ASN C 65 -28.89 22.13 -22.94
CA ASN C 65 -29.37 21.68 -24.27
C ASN C 65 -30.63 22.50 -24.62
N SER C 66 -31.53 22.71 -23.66
CA SER C 66 -32.72 23.60 -23.76
C SER C 66 -32.25 25.02 -24.12
N ASP C 67 -31.32 25.60 -23.35
CA ASP C 67 -30.87 27.02 -23.52
C ASP C 67 -30.24 27.22 -24.91
N LEU C 68 -29.67 26.17 -25.52
CA LEU C 68 -29.00 26.27 -26.85
C LEU C 68 -29.98 25.91 -27.96
N GLY C 69 -31.23 25.62 -27.62
CA GLY C 69 -32.29 25.28 -28.59
C GLY C 69 -32.04 23.95 -29.27
N LEU C 70 -31.29 23.04 -28.62
CA LEU C 70 -30.95 21.72 -29.21
C LEU C 70 -32.00 20.71 -28.77
N LEU C 71 -32.76 21.02 -27.73
CA LEU C 71 -33.67 20.04 -27.10
C LEU C 71 -34.99 20.77 -26.86
N ALA C 72 -36.10 20.16 -27.27
CA ALA C 72 -37.46 20.72 -27.15
C ALA C 72 -37.75 21.05 -25.69
N PRO C 73 -38.18 22.29 -25.41
CA PRO C 73 -38.53 22.71 -24.06
C PRO C 73 -39.33 21.67 -23.25
N GLU C 74 -40.28 20.98 -23.88
N GLU C 74 -40.33 21.04 -23.88
CA GLU C 74 -41.16 19.97 -23.21
CA GLU C 74 -41.15 19.99 -23.23
C GLU C 74 -40.36 18.71 -22.82
C GLU C 74 -40.20 18.89 -22.72
N LYS C 75 -39.34 18.35 -23.60
CA LYS C 75 -38.46 17.20 -23.28
C LYS C 75 -37.51 17.60 -22.14
N ALA C 76 -36.95 18.81 -22.23
CA ALA C 76 -35.96 19.33 -21.26
C ALA C 76 -36.61 19.44 -19.87
N ASP C 77 -37.85 19.90 -19.79
CA ASP C 77 -38.61 20.02 -18.52
C ASP C 77 -38.87 18.65 -17.92
N ALA C 78 -39.26 17.66 -18.70
CA ALA C 78 -39.48 16.28 -18.21
C ALA C 78 -38.16 15.71 -17.67
N ILE C 79 -37.04 15.88 -18.39
CA ILE C 79 -35.68 15.45 -17.91
C ILE C 79 -35.35 16.16 -16.60
N ILE C 80 -35.51 17.48 -16.53
CA ILE C 80 -35.17 18.30 -15.34
C ILE C 80 -36.03 17.82 -14.15
N ALA C 81 -37.31 17.52 -14.34
CA ALA C 81 -38.21 17.09 -13.25
C ALA C 81 -37.82 15.67 -12.81
N ALA C 82 -37.53 14.76 -13.74
CA ALA C 82 -37.17 13.36 -13.39
C ALA C 82 -35.82 13.37 -12.68
N ALA C 83 -34.89 14.20 -13.12
CA ALA C 83 -33.50 14.28 -12.59
C ALA C 83 -33.53 14.88 -11.20
N ALA C 84 -34.47 15.78 -10.91
CA ALA C 84 -34.65 16.35 -9.56
C ALA C 84 -35.14 15.24 -8.61
N GLU C 85 -36.05 14.38 -9.05
CA GLU C 85 -36.60 13.21 -8.29
C GLU C 85 -35.45 12.23 -7.97
N ILE C 86 -34.61 11.94 -8.96
CA ILE C 86 -33.39 11.09 -8.78
C ILE C 86 -32.44 11.71 -7.76
N ALA C 87 -32.09 12.99 -7.92
CA ALA C 87 -31.15 13.75 -7.05
C ALA C 87 -31.63 13.79 -5.59
N ASP C 88 -32.94 13.77 -5.36
CA ASP C 88 -33.54 13.83 -4.00
C ASP C 88 -33.71 12.45 -3.38
N GLY C 89 -33.51 11.35 -4.11
CA GLY C 89 -33.41 9.99 -3.54
C GLY C 89 -34.68 9.16 -3.63
N GLN C 90 -35.58 9.44 -4.55
CA GLN C 90 -36.88 8.72 -4.70
C GLN C 90 -36.72 7.44 -5.51
N HIS C 91 -35.58 7.24 -6.20
CA HIS C 91 -35.43 6.11 -7.16
C HIS C 91 -34.14 5.31 -6.93
N ASP C 92 -33.54 5.44 -5.74
CA ASP C 92 -32.27 4.75 -5.39
C ASP C 92 -32.36 3.25 -5.69
N ASP C 93 -33.51 2.66 -5.45
CA ASP C 93 -33.78 1.22 -5.72
C ASP C 93 -33.81 0.95 -7.23
N GLN C 94 -33.68 1.97 -8.10
CA GLN C 94 -33.70 1.79 -9.57
C GLN C 94 -32.26 1.82 -10.10
N PHE C 95 -31.26 1.72 -9.23
CA PHE C 95 -29.82 1.72 -9.62
C PHE C 95 -29.17 0.41 -9.13
N PRO C 96 -29.48 -0.73 -9.75
CA PRO C 96 -29.03 -2.03 -9.24
C PRO C 96 -27.65 -2.47 -9.73
N ILE C 97 -26.97 -1.66 -10.53
CA ILE C 97 -25.74 -2.13 -11.24
C ILE C 97 -24.59 -2.19 -10.22
N ASP C 98 -23.82 -3.26 -10.27
CA ASP C 98 -22.58 -3.40 -9.46
C ASP C 98 -21.62 -2.22 -9.68
N VAL C 99 -20.87 -1.87 -8.61
CA VAL C 99 -19.67 -1.01 -8.66
C VAL C 99 -18.72 -1.55 -9.72
N PHE C 100 -18.49 -2.87 -9.71
CA PHE C 100 -17.49 -3.48 -10.58
C PHE C 100 -18.14 -3.74 -11.93
N GLN C 101 -18.27 -2.68 -12.70
CA GLN C 101 -18.88 -2.67 -14.03
C GLN C 101 -17.86 -2.18 -15.06
N THR C 102 -18.28 -1.99 -16.30
CA THR C 102 -17.42 -1.37 -17.35
C THR C 102 -16.69 -0.17 -16.75
N GLY C 103 -15.42 -0.01 -17.05
CA GLY C 103 -14.55 0.89 -16.27
C GLY C 103 -14.78 2.35 -16.59
N SER C 104 -15.59 2.70 -17.58
CA SER C 104 -15.97 4.11 -17.87
C SER C 104 -17.17 4.51 -17.02
N GLY C 105 -17.85 3.54 -16.43
CA GLY C 105 -19.16 3.82 -15.79
C GLY C 105 -20.29 4.03 -16.80
N THR C 106 -20.07 3.61 -18.06
N THR C 106 -20.14 3.63 -18.06
CA THR C 106 -21.10 3.52 -19.14
CA THR C 106 -21.26 3.80 -19.02
C THR C 106 -22.42 3.02 -18.55
C THR C 106 -22.50 3.01 -18.56
N SER C 107 -22.34 1.88 -17.86
CA SER C 107 -23.52 1.12 -17.41
C SER C 107 -24.36 2.00 -16.48
N SER C 108 -23.76 2.68 -15.53
CA SER C 108 -24.51 3.53 -14.59
C SER C 108 -25.01 4.80 -15.30
N ASN C 109 -24.27 5.28 -16.31
CA ASN C 109 -24.76 6.45 -17.08
C ASN C 109 -26.07 6.05 -17.78
N MET C 110 -26.08 4.85 -18.37
CA MET C 110 -27.27 4.36 -19.11
C MET C 110 -28.41 4.15 -18.10
N ASN C 111 -28.07 3.65 -16.91
CA ASN C 111 -29.05 3.41 -15.83
C ASN C 111 -29.76 4.73 -15.55
N THR C 112 -29.01 5.83 -15.43
CA THR C 112 -29.62 7.14 -15.16
C THR C 112 -30.52 7.55 -16.33
N ASN C 113 -30.05 7.35 -17.56
CA ASN C 113 -30.82 7.74 -18.78
C ASN C 113 -32.13 6.94 -18.87
N GLU C 114 -32.08 5.63 -18.68
CA GLU C 114 -33.26 4.75 -18.79
C GLU C 114 -34.31 5.06 -17.72
N VAL C 115 -33.88 5.30 -16.48
CA VAL C 115 -34.75 5.64 -15.33
C VAL C 115 -35.42 6.98 -15.63
N ILE C 116 -34.66 7.94 -16.11
CA ILE C 116 -35.25 9.27 -16.44
C ILE C 116 -36.29 9.08 -17.55
N ALA C 117 -36.00 8.26 -18.56
CA ALA C 117 -36.97 8.09 -19.66
C ALA C 117 -38.27 7.47 -19.14
N SER C 118 -38.16 6.46 -18.26
CA SER C 118 -39.31 5.76 -17.66
C SER C 118 -40.10 6.69 -16.75
N ILE C 119 -39.42 7.56 -16.01
CA ILE C 119 -40.15 8.51 -15.13
C ILE C 119 -40.97 9.42 -16.07
N ALA C 120 -40.29 10.08 -16.99
CA ALA C 120 -40.91 11.01 -17.98
C ALA C 120 -42.17 10.38 -18.63
N ALA C 121 -42.13 9.09 -19.01
CA ALA C 121 -43.22 8.32 -19.68
C ALA C 121 -44.46 8.22 -18.78
N LYS C 122 -44.28 8.14 -17.46
CA LYS C 122 -45.38 8.15 -16.45
C LYS C 122 -46.11 9.50 -16.49
N GLY C 123 -45.43 10.57 -16.92
CA GLY C 123 -46.00 11.92 -17.06
C GLY C 123 -46.37 12.22 -18.51
N GLY C 124 -46.40 11.19 -19.36
CA GLY C 124 -46.86 11.26 -20.75
C GLY C 124 -45.88 11.91 -21.71
N VAL C 125 -44.57 11.99 -21.38
CA VAL C 125 -43.54 12.53 -22.32
C VAL C 125 -42.64 11.37 -22.77
N THR C 126 -42.42 11.26 -24.06
CA THR C 126 -41.52 10.22 -24.59
C THR C 126 -40.14 10.84 -24.76
N LEU C 127 -39.17 10.27 -24.05
CA LEU C 127 -37.75 10.71 -24.12
C LEU C 127 -36.97 9.49 -24.57
N HIS C 128 -36.02 9.66 -25.47
CA HIS C 128 -35.12 8.55 -25.84
C HIS C 128 -33.95 8.63 -24.85
N PRO C 129 -33.44 7.53 -24.08
CA PRO C 129 -32.22 7.35 -22.95
C PRO C 129 -30.98 7.98 -23.59
N ASN C 130 -30.77 7.71 -24.89
N ASN C 130 -30.80 7.72 -24.89
CA ASN C 130 -29.57 8.25 -25.58
CA ASN C 130 -29.58 8.24 -25.56
C ASN C 130 -29.81 9.56 -26.33
C ASN C 130 -29.77 9.53 -26.37
N ASP C 131 -30.73 9.58 -27.28
CA ASP C 131 -30.93 10.80 -28.11
C ASP C 131 -31.27 12.06 -27.33
N ASP C 132 -32.07 11.97 -26.28
CA ASP C 132 -32.49 13.18 -25.54
C ASP C 132 -31.80 13.25 -24.16
N VAL C 133 -31.89 12.20 -23.35
CA VAL C 133 -31.30 12.27 -21.98
C VAL C 133 -29.78 12.39 -22.04
N ASN C 134 -29.17 11.73 -23.02
CA ASN C 134 -27.69 11.71 -23.19
C ASN C 134 -27.23 12.71 -24.24
N MET C 135 -28.10 13.63 -24.65
CA MET C 135 -27.72 14.61 -25.70
C MET C 135 -26.48 15.42 -25.28
N SER C 136 -25.54 15.58 -26.22
CA SER C 136 -24.26 16.35 -26.09
C SER C 136 -23.31 15.69 -25.08
N GLN C 137 -23.53 14.43 -24.74
CA GLN C 137 -22.77 13.73 -23.68
C GLN C 137 -22.26 12.38 -24.18
N SER C 138 -21.29 11.85 -23.44
CA SER C 138 -20.70 10.48 -23.62
C SER C 138 -20.65 9.83 -22.23
N SER C 139 -20.47 8.52 -22.09
CA SER C 139 -20.23 7.92 -20.75
C SER C 139 -18.88 8.39 -20.19
N ASN C 140 -17.93 8.54 -21.13
CA ASN C 140 -16.52 8.89 -20.90
C ASN C 140 -16.42 10.23 -20.17
N ASP C 141 -17.33 11.17 -20.48
CA ASP C 141 -17.29 12.46 -19.75
C ASP C 141 -18.30 12.53 -18.60
N THR C 142 -19.44 11.85 -18.67
CA THR C 142 -20.47 11.97 -17.61
C THR C 142 -20.11 11.27 -16.29
N PHE C 143 -19.69 10.01 -16.31
CA PHE C 143 -19.44 9.28 -15.05
C PHE C 143 -18.29 9.95 -14.30
N PRO C 144 -17.15 10.29 -14.91
CA PRO C 144 -16.11 11.03 -14.18
C PRO C 144 -16.59 12.40 -13.67
N THR C 145 -17.40 13.12 -14.42
CA THR C 145 -17.98 14.39 -13.95
C THR C 145 -18.83 14.15 -12.70
N ALA C 146 -19.73 13.19 -12.73
CA ALA C 146 -20.58 12.89 -11.54
C ALA C 146 -19.68 12.53 -10.35
N THR C 147 -18.62 11.77 -10.60
CA THR C 147 -17.68 11.34 -9.52
C THR C 147 -17.01 12.58 -8.87
N HIS C 148 -16.53 13.49 -9.69
CA HIS C 148 -15.83 14.71 -9.20
C HIS C 148 -16.85 15.61 -8.53
N ILE C 149 -18.09 15.69 -8.99
CA ILE C 149 -19.13 16.51 -8.27
C ILE C 149 -19.32 15.92 -6.87
N ALA C 150 -19.50 14.61 -6.80
CA ALA C 150 -19.76 13.90 -5.54
C ALA C 150 -18.56 14.14 -4.61
N ALA C 151 -17.33 13.98 -5.13
CA ALA C 151 -16.11 14.11 -4.28
C ALA C 151 -15.97 15.56 -3.82
N THR C 152 -16.20 16.53 -4.70
CA THR C 152 -16.06 17.95 -4.32
C THR C 152 -17.11 18.27 -3.26
N GLU C 153 -18.34 17.88 -3.44
CA GLU C 153 -19.38 18.07 -2.42
C GLU C 153 -18.97 17.40 -1.10
N ALA C 154 -18.43 16.17 -1.13
CA ALA C 154 -18.08 15.46 0.10
C ALA C 154 -16.95 16.23 0.80
N ALA C 155 -16.02 16.79 0.07
CA ALA C 155 -14.90 17.55 0.69
C ALA C 155 -15.42 18.83 1.35
N VAL C 156 -16.18 19.64 0.60
CA VAL C 156 -16.53 21.03 0.96
C VAL C 156 -17.67 21.04 1.98
N ALA C 157 -18.73 20.29 1.74
CA ALA C 157 -19.98 20.39 2.51
C ALA C 157 -19.93 19.46 3.71
N HIS C 158 -19.12 18.41 3.69
CA HIS C 158 -19.21 17.37 4.74
C HIS C 158 -17.89 17.21 5.48
N LEU C 159 -16.80 16.90 4.78
CA LEU C 159 -15.57 16.56 5.52
C LEU C 159 -14.94 17.80 6.16
N ILE C 160 -14.83 18.93 5.46
CA ILE C 160 -14.16 20.10 6.07
C ILE C 160 -14.96 20.53 7.31
N PRO C 161 -16.30 20.70 7.33
CA PRO C 161 -17.00 21.02 8.58
C PRO C 161 -16.82 19.99 9.69
N ALA C 162 -16.76 18.68 9.37
CA ALA C 162 -16.57 17.64 10.41
C ALA C 162 -15.18 17.84 11.02
N LEU C 163 -14.19 18.00 10.18
CA LEU C 163 -12.82 18.24 10.68
C LEU C 163 -12.82 19.54 11.48
N GLN C 164 -13.53 20.58 11.03
CA GLN C 164 -13.54 21.83 11.84
C GLN C 164 -14.15 21.55 13.22
N GLN C 165 -15.16 20.71 13.35
CA GLN C 165 -15.77 20.36 14.63
C GLN C 165 -14.72 19.63 15.51
N LEU C 166 -13.97 18.71 14.89
CA LEU C 166 -12.95 17.95 15.67
C LEU C 166 -11.82 18.90 16.10
N HIS C 167 -11.37 19.77 15.22
CA HIS C 167 -10.37 20.82 15.54
C HIS C 167 -10.83 21.60 16.77
N ASP C 168 -12.07 22.08 16.73
CA ASP C 168 -12.55 23.01 17.77
C ASP C 168 -12.62 22.24 19.09
N ALA C 169 -13.02 20.95 19.08
CA ALA C 169 -13.12 20.14 20.33
C ALA C 169 -11.70 19.98 20.90
N LEU C 170 -10.72 19.67 20.04
CA LEU C 170 -9.32 19.54 20.47
C LEU C 170 -8.78 20.86 20.98
N ALA C 171 -9.04 21.97 20.30
CA ALA C 171 -8.53 23.30 20.69
C ALA C 171 -9.18 23.67 22.02
N ALA C 172 -10.41 23.25 22.30
CA ALA C 172 -11.11 23.58 23.57
C ALA C 172 -10.38 22.89 24.72
N LYS C 173 -9.99 21.63 24.52
N LYS C 173 -9.98 21.63 24.52
CA LYS C 173 -9.20 20.86 25.51
CA LYS C 173 -9.22 20.87 25.54
C LYS C 173 -7.83 21.51 25.71
C LYS C 173 -7.82 21.48 25.71
N ALA C 174 -7.21 21.96 24.64
CA ALA C 174 -5.89 22.65 24.66
C ALA C 174 -6.01 23.81 25.67
N LEU C 175 -7.11 24.56 25.61
N LEU C 175 -7.11 24.55 25.61
CA LEU C 175 -7.30 25.75 26.49
CA LEU C 175 -7.32 25.75 26.48
C LEU C 175 -7.67 25.29 27.89
C LEU C 175 -7.66 25.28 27.89
N ASP C 176 -8.62 24.35 28.04
CA ASP C 176 -9.07 23.85 29.36
C ASP C 176 -7.88 23.28 30.13
N TRP C 177 -6.96 22.61 29.42
CA TRP C 177 -5.83 21.87 30.06
C TRP C 177 -4.50 22.59 29.94
N HIS C 178 -4.55 23.91 29.76
CA HIS C 178 -3.36 24.77 29.55
C HIS C 178 -2.35 24.61 30.71
N THR C 179 -2.80 24.38 31.93
CA THR C 179 -1.86 24.31 33.08
C THR C 179 -1.78 22.89 33.65
N VAL C 180 -2.28 21.89 32.93
CA VAL C 180 -2.31 20.50 33.46
C VAL C 180 -0.96 19.89 33.14
N VAL C 181 -0.01 20.15 34.03
CA VAL C 181 1.38 19.69 33.82
C VAL C 181 1.47 18.18 34.00
N LYS C 182 2.33 17.56 33.23
CA LYS C 182 2.51 16.10 33.26
C LYS C 182 3.85 15.76 32.64
N SER C 183 4.31 14.55 32.88
N SER C 183 4.31 14.55 32.88
CA SER C 183 5.60 14.13 32.29
CA SER C 183 5.61 14.17 32.29
C SER C 183 5.48 14.10 30.76
C SER C 183 5.49 14.09 30.77
N GLY C 184 6.58 14.47 30.11
CA GLY C 184 6.68 14.34 28.65
C GLY C 184 7.09 12.89 28.38
N ARG C 185 6.80 12.41 27.20
CA ARG C 185 7.26 11.03 26.90
C ARG C 185 7.88 11.03 25.52
N THR C 186 9.11 10.54 25.43
CA THR C 186 9.81 10.41 24.13
C THR C 186 10.34 8.99 24.11
N HIS C 187 10.19 8.30 22.98
CA HIS C 187 10.60 6.87 22.86
C HIS C 187 9.81 6.02 23.87
N LEU C 188 8.70 6.53 24.38
CA LEU C 188 7.85 5.92 25.44
C LEU C 188 8.47 6.11 26.81
N MET C 189 9.60 6.80 26.91
CA MET C 189 10.35 6.96 28.17
C MET C 189 10.06 8.33 28.74
N ASP C 190 10.19 8.42 30.06
CA ASP C 190 9.88 9.68 30.74
C ASP C 190 10.84 10.79 30.28
N ALA C 191 10.30 11.96 30.06
CA ALA C 191 11.06 13.13 29.56
C ALA C 191 10.60 14.38 30.33
N VAL C 192 11.16 15.52 29.95
CA VAL C 192 10.85 16.76 30.72
C VAL C 192 9.40 17.10 30.56
N PRO C 193 8.86 17.93 31.47
CA PRO C 193 7.43 18.21 31.52
C PRO C 193 6.84 18.90 30.28
N VAL C 194 5.58 18.61 30.07
CA VAL C 194 4.70 19.24 29.06
C VAL C 194 3.38 19.48 29.77
N THR C 195 2.42 20.10 29.11
CA THR C 195 1.03 20.08 29.62
C THR C 195 0.15 19.27 28.69
N LEU C 196 -0.93 18.74 29.23
CA LEU C 196 -1.93 18.07 28.39
C LEU C 196 -2.41 19.09 27.38
N GLY C 197 -2.51 20.36 27.74
CA GLY C 197 -2.99 21.36 26.79
C GLY C 197 -2.05 21.48 25.61
N GLN C 198 -0.76 21.45 25.87
CA GLN C 198 0.23 21.55 24.76
C GLN C 198 0.05 20.35 23.83
N GLU C 199 -0.11 19.15 24.40
CA GLU C 199 -0.26 17.95 23.54
C GLU C 199 -1.53 18.09 22.71
N PHE C 200 -2.63 18.58 23.31
CA PHE C 200 -3.90 18.78 22.57
C PHE C 200 -3.77 19.88 21.51
N SER C 201 -2.93 20.87 21.74
CA SER C 201 -2.68 21.95 20.76
C SER C 201 -1.99 21.32 19.55
N GLY C 202 -1.12 20.34 19.78
CA GLY C 202 -0.49 19.57 18.70
C GLY C 202 -1.55 18.81 17.90
N TYR C 203 -2.45 18.09 18.56
CA TYR C 203 -3.52 17.32 17.86
C TYR C 203 -4.35 18.32 17.06
N ALA C 204 -4.75 19.44 17.68
CA ALA C 204 -5.52 20.44 16.95
C ALA C 204 -4.78 20.88 15.69
N ARG C 205 -3.52 21.16 15.78
CA ARG C 205 -2.74 21.58 14.59
C ARG C 205 -2.78 20.48 13.51
N GLN C 206 -2.63 19.23 13.88
CA GLN C 206 -2.71 18.15 12.89
C GLN C 206 -4.04 18.18 12.14
N ILE C 207 -5.15 18.46 12.81
CA ILE C 207 -6.48 18.50 12.16
C ILE C 207 -6.59 19.79 11.34
N GLU C 208 -6.14 20.92 11.84
CA GLU C 208 -6.12 22.18 11.05
C GLU C 208 -5.29 22.01 9.77
N ALA C 209 -4.15 21.35 9.85
CA ALA C 209 -3.31 21.07 8.67
C ALA C 209 -4.06 20.14 7.71
N GLY C 210 -4.78 19.16 8.23
CA GLY C 210 -5.68 18.30 7.44
C GLY C 210 -6.66 19.12 6.61
N ILE C 211 -7.30 20.09 7.24
CA ILE C 211 -8.24 20.97 6.52
C ILE C 211 -7.47 21.69 5.42
N GLU C 212 -6.31 22.25 5.73
CA GLU C 212 -5.45 22.91 4.71
C GLU C 212 -5.11 21.94 3.57
N ARG C 213 -4.86 20.66 3.86
CA ARG C 213 -4.52 19.68 2.81
C ARG C 213 -5.75 19.42 1.91
N VAL C 214 -6.93 19.33 2.49
CA VAL C 214 -8.14 19.13 1.68
C VAL C 214 -8.35 20.37 0.82
N ARG C 215 -8.28 21.56 1.43
CA ARG C 215 -8.49 22.79 0.63
CA ARG C 215 -8.46 22.81 0.65
C ARG C 215 -7.46 22.86 -0.51
N ALA C 216 -6.20 22.47 -0.30
CA ALA C 216 -5.14 22.57 -1.33
C ALA C 216 -5.47 21.72 -2.58
N CYS C 217 -6.22 20.64 -2.41
CA CYS C 217 -6.48 19.69 -3.52
C CYS C 217 -7.68 20.18 -4.32
N LEU C 218 -8.50 21.10 -3.80
CA LEU C 218 -9.80 21.45 -4.44
C LEU C 218 -9.66 22.02 -5.85
N PRO C 219 -8.61 22.79 -6.21
CA PRO C 219 -8.48 23.36 -7.57
C PRO C 219 -8.44 22.25 -8.60
N ARG C 220 -8.00 21.05 -8.22
CA ARG C 220 -7.94 19.93 -9.21
C ARG C 220 -9.05 18.93 -8.94
N LEU C 221 -9.48 18.73 -7.71
CA LEU C 221 -10.57 17.78 -7.44
C LEU C 221 -11.84 18.30 -8.13
N GLY C 222 -12.08 19.62 -8.16
CA GLY C 222 -13.33 20.13 -8.71
C GLY C 222 -13.33 20.28 -10.23
N GLU C 223 -12.28 19.84 -10.93
CA GLU C 223 -12.23 19.87 -12.41
C GLU C 223 -13.19 18.83 -12.97
N LEU C 224 -14.10 19.27 -13.85
CA LEU C 224 -15.10 18.39 -14.48
C LEU C 224 -14.76 18.14 -15.95
N ALA C 225 -14.92 16.89 -16.38
CA ALA C 225 -14.72 16.45 -17.78
C ALA C 225 -15.86 16.86 -18.72
N ILE C 226 -17.04 17.17 -18.19
CA ILE C 226 -18.24 17.44 -19.06
C ILE C 226 -17.93 18.38 -20.24
N GLY C 227 -18.37 17.98 -21.42
CA GLY C 227 -18.08 18.69 -22.69
C GLY C 227 -17.03 18.01 -23.55
N GLY C 228 -16.23 17.10 -22.97
CA GLY C 228 -15.15 16.44 -23.72
C GLY C 228 -15.64 15.29 -24.60
N THR C 229 -16.82 14.77 -24.31
CA THR C 229 -17.43 13.65 -25.07
C THR C 229 -16.56 12.37 -25.06
N ALA C 230 -16.53 11.66 -26.17
CA ALA C 230 -15.92 10.31 -26.16
C ALA C 230 -14.43 10.29 -25.85
N VAL C 231 -13.66 11.19 -26.46
CA VAL C 231 -12.18 11.14 -26.35
C VAL C 231 -11.56 12.45 -25.85
N GLY C 232 -12.36 13.42 -25.43
CA GLY C 232 -11.81 14.72 -24.97
C GLY C 232 -11.88 15.81 -26.04
N THR C 233 -12.22 15.46 -27.27
CA THR C 233 -12.23 16.48 -28.34
C THR C 233 -13.50 17.32 -28.32
N GLY C 234 -14.56 16.87 -27.66
CA GLY C 234 -15.80 17.66 -27.66
C GLY C 234 -16.65 17.38 -28.89
N LEU C 235 -16.27 16.40 -29.71
CA LEU C 235 -17.09 16.06 -30.90
C LEU C 235 -18.48 15.63 -30.43
N ASN C 236 -19.52 16.08 -31.14
CA ASN C 236 -20.96 15.84 -30.86
C ASN C 236 -21.44 16.72 -29.69
N ALA C 237 -20.66 17.71 -29.27
CA ALA C 237 -21.15 18.62 -28.22
C ALA C 237 -20.92 20.07 -28.63
N PRO C 238 -21.76 21.02 -28.17
CA PRO C 238 -21.50 22.42 -28.35
C PRO C 238 -20.13 22.79 -27.76
N ASP C 239 -19.42 23.66 -28.46
CA ASP C 239 -18.07 24.10 -28.04
C ASP C 239 -18.08 24.62 -26.60
N ASP C 240 -19.18 25.21 -26.13
CA ASP C 240 -19.22 25.82 -24.78
C ASP C 240 -20.08 24.95 -23.84
N PHE C 241 -20.30 23.67 -24.17
CA PHE C 241 -21.20 22.83 -23.34
C PHE C 241 -20.66 22.77 -21.91
N GLY C 242 -19.36 22.54 -21.78
CA GLY C 242 -18.68 22.35 -20.49
C GLY C 242 -18.89 23.57 -19.61
N VAL C 243 -18.56 24.76 -20.11
N VAL C 243 -18.55 24.74 -20.15
CA VAL C 243 -18.64 26.00 -19.29
CA VAL C 243 -18.63 26.06 -19.46
C VAL C 243 -20.10 26.23 -18.90
C VAL C 243 -20.06 26.26 -18.96
N ARG C 244 -21.05 26.06 -19.82
CA ARG C 244 -22.49 26.27 -19.50
C ARG C 244 -22.99 25.28 -18.46
N VAL C 245 -22.58 24.02 -18.56
CA VAL C 245 -23.06 22.99 -17.61
C VAL C 245 -22.44 23.30 -16.24
N VAL C 246 -21.15 23.61 -16.20
CA VAL C 246 -20.50 23.91 -14.90
C VAL C 246 -21.21 25.12 -14.24
N ALA C 247 -21.53 26.12 -15.06
CA ALA C 247 -22.21 27.33 -14.54
C ALA C 247 -23.55 26.92 -13.92
N VAL C 248 -24.29 26.05 -14.59
CA VAL C 248 -25.58 25.59 -14.00
C VAL C 248 -25.31 24.81 -12.71
N LEU C 249 -24.32 23.94 -12.68
CA LEU C 249 -24.05 23.14 -11.45
C LEU C 249 -23.65 24.06 -10.30
N VAL C 250 -22.81 25.05 -10.59
CA VAL C 250 -22.34 25.98 -9.52
C VAL C 250 -23.54 26.73 -8.94
N ALA C 251 -24.46 27.16 -9.79
CA ALA C 251 -25.66 27.87 -9.31
C ALA C 251 -26.58 26.95 -8.49
N GLN C 252 -26.80 25.71 -8.93
CA GLN C 252 -27.66 24.75 -8.18
C GLN C 252 -27.03 24.27 -6.87
N THR C 253 -25.74 23.96 -6.88
CA THR C 253 -25.11 23.37 -5.66
C THR C 253 -24.56 24.44 -4.71
N GLY C 254 -24.09 25.54 -5.27
CA GLY C 254 -23.38 26.58 -4.51
C GLY C 254 -21.91 26.20 -4.37
N LEU C 255 -21.46 25.16 -5.07
CA LEU C 255 -20.07 24.65 -5.00
C LEU C 255 -19.26 25.43 -6.03
N SER C 256 -18.73 26.55 -5.58
CA SER C 256 -17.89 27.41 -6.46
C SER C 256 -16.60 26.70 -6.82
N GLU C 257 -16.25 25.61 -6.12
CA GLU C 257 -15.04 24.81 -6.44
C GLU C 257 -15.23 24.02 -7.75
N LEU C 258 -16.45 23.78 -8.23
CA LEU C 258 -16.62 23.07 -9.53
C LEU C 258 -16.12 23.97 -10.65
N ARG C 259 -15.39 23.38 -11.58
CA ARG C 259 -14.83 24.14 -12.69
C ARG C 259 -14.62 23.23 -13.88
N THR C 260 -14.52 23.82 -15.06
N THR C 260 -14.51 23.82 -15.06
CA THR C 260 -14.15 23.12 -16.32
CA THR C 260 -14.19 23.12 -16.31
C THR C 260 -12.71 22.66 -16.21
C THR C 260 -12.72 22.65 -16.19
N ALA C 261 -12.39 21.50 -16.77
CA ALA C 261 -11.02 20.96 -16.74
C ALA C 261 -10.06 21.89 -17.46
N ALA C 262 -8.84 22.01 -16.97
CA ALA C 262 -7.80 22.82 -17.60
C ALA C 262 -7.48 22.22 -18.97
N ASN C 263 -7.48 20.90 -19.06
CA ASN C 263 -7.19 20.20 -20.33
C ASN C 263 -8.17 19.04 -20.47
N SER C 264 -8.89 19.02 -21.59
CA SER C 264 -10.03 18.09 -21.75
C SER C 264 -9.50 16.64 -21.90
N PHE C 265 -8.26 16.48 -22.35
CA PHE C 265 -7.66 15.15 -22.58
C PHE C 265 -7.23 14.57 -21.24
N GLU C 266 -6.51 15.36 -20.46
CA GLU C 266 -6.09 14.97 -19.09
C GLU C 266 -7.31 14.60 -18.24
N ALA C 267 -8.41 15.30 -18.43
CA ALA C 267 -9.59 15.06 -17.58
C ALA C 267 -10.28 13.71 -17.85
N GLN C 268 -9.99 13.09 -18.98
CA GLN C 268 -10.65 11.81 -19.33
C GLN C 268 -9.64 10.68 -19.36
N ALA C 269 -8.41 10.97 -19.78
CA ALA C 269 -7.31 9.99 -19.86
C ALA C 269 -6.80 9.62 -18.46
N ALA C 270 -7.05 10.48 -17.48
CA ALA C 270 -6.53 10.23 -16.12
C ALA C 270 -7.56 10.65 -15.07
N ARG C 271 -7.38 10.15 -13.85
CA ARG C 271 -8.20 10.54 -12.69
C ARG C 271 -7.25 11.03 -11.59
N ASP C 272 -6.21 11.77 -11.97
CA ASP C 272 -5.13 12.14 -11.04
C ASP C 272 -5.64 13.05 -9.91
N GLY C 273 -6.73 13.78 -10.13
CA GLY C 273 -7.41 14.55 -9.08
C GLY C 273 -7.94 13.68 -7.96
N LEU C 274 -8.47 12.49 -8.26
CA LEU C 274 -8.92 11.58 -7.17
C LEU C 274 -7.71 11.04 -6.41
N VAL C 275 -6.66 10.67 -7.13
CA VAL C 275 -5.41 10.19 -6.50
C VAL C 275 -4.86 11.24 -5.53
N GLU C 276 -4.79 12.48 -6.00
CA GLU C 276 -4.30 13.62 -5.16
C GLU C 276 -5.19 13.74 -3.93
N ALA C 277 -6.48 13.81 -4.11
CA ALA C 277 -7.43 13.98 -2.97
C ALA C 277 -7.29 12.82 -2.01
N SER C 278 -7.10 11.61 -2.49
CA SER C 278 -6.97 10.44 -1.59
C SER C 278 -5.70 10.59 -0.77
N GLY C 279 -4.64 11.17 -1.33
CA GLY C 279 -3.43 11.45 -0.53
C GLY C 279 -3.75 12.33 0.67
N ALA C 280 -4.55 13.39 0.47
CA ALA C 280 -4.95 14.27 1.58
C ALA C 280 -5.68 13.43 2.63
N LEU C 281 -6.64 12.64 2.21
CA LEU C 281 -7.43 11.81 3.15
C LEU C 281 -6.50 10.82 3.88
N ARG C 282 -5.54 10.24 3.17
CA ARG C 282 -4.59 9.29 3.79
C ARG C 282 -3.76 10.02 4.84
N THR C 283 -3.34 11.24 4.57
CA THR C 283 -2.61 12.04 5.56
C THR C 283 -3.49 12.28 6.80
N ILE C 284 -4.75 12.61 6.59
CA ILE C 284 -5.67 12.81 7.74
C ILE C 284 -5.78 11.50 8.52
N ALA C 285 -5.88 10.37 7.85
CA ALA C 285 -5.96 9.07 8.51
C ALA C 285 -4.70 8.87 9.36
N VAL C 286 -3.51 9.24 8.84
CA VAL C 286 -2.25 9.13 9.58
C VAL C 286 -2.32 10.00 10.83
N SER C 287 -2.78 11.25 10.71
CA SER C 287 -2.92 12.14 11.87
C SER C 287 -3.88 11.55 12.91
N LEU C 288 -5.04 11.09 12.47
CA LEU C 288 -6.09 10.58 13.38
C LEU C 288 -5.56 9.33 14.10
N THR C 289 -4.72 8.55 13.45
CA THR C 289 -4.18 7.34 14.10
C THR C 289 -3.33 7.77 15.30
N LYS C 290 -2.51 8.79 15.11
CA LYS C 290 -1.62 9.29 16.19
C LYS C 290 -2.47 9.85 17.32
N ILE C 291 -3.47 10.65 16.99
CA ILE C 291 -4.32 11.30 18.03
C ILE C 291 -5.09 10.22 18.78
N ALA C 292 -5.67 9.28 18.08
CA ALA C 292 -6.54 8.28 18.72
C ALA C 292 -5.69 7.32 19.58
N ASN C 293 -4.52 6.93 19.08
N ASN C 293 -4.52 6.94 19.07
CA ASN C 293 -3.62 6.01 19.82
CA ASN C 293 -3.64 6.01 19.82
C ASN C 293 -3.10 6.67 21.10
C ASN C 293 -3.12 6.68 21.09
N ASP C 294 -2.80 7.96 21.03
CA ASP C 294 -2.31 8.67 22.23
C ASP C 294 -3.46 8.72 23.24
N ILE C 295 -4.67 9.02 22.77
CA ILE C 295 -5.82 9.13 23.71
C ILE C 295 -6.11 7.77 24.36
N ARG C 296 -6.09 6.69 23.60
CA ARG C 296 -6.40 5.40 24.25
C ARG C 296 -5.31 5.04 25.27
N TRP C 297 -4.06 5.32 24.95
CA TRP C 297 -2.96 5.06 25.92
C TRP C 297 -3.08 5.95 27.16
N MET C 298 -3.48 7.20 26.96
N MET C 298 -3.48 7.20 26.97
CA MET C 298 -3.67 8.12 28.12
CA MET C 298 -3.66 8.10 28.12
C MET C 298 -4.78 7.58 29.03
C MET C 298 -4.78 7.57 29.04
N GLY C 299 -5.84 7.01 28.45
CA GLY C 299 -6.96 6.47 29.21
C GLY C 299 -6.76 5.05 29.71
N SER C 300 -5.62 4.44 29.45
CA SER C 300 -5.35 3.04 29.82
C SER C 300 -5.36 2.82 31.33
N GLY C 301 -5.86 1.69 31.78
CA GLY C 301 -5.85 1.35 33.21
C GLY C 301 -7.10 0.58 33.59
N PRO C 302 -7.73 0.83 34.76
CA PRO C 302 -7.40 1.96 35.62
C PRO C 302 -6.22 1.82 36.58
N LEU C 303 -5.63 0.63 36.68
CA LEU C 303 -4.56 0.37 37.65
C LEU C 303 -3.23 0.21 36.93
N THR C 304 -3.16 -0.61 35.88
CA THR C 304 -1.85 -1.07 35.37
C THR C 304 -1.38 -0.24 34.17
N GLY C 305 -2.17 0.74 33.74
CA GLY C 305 -1.85 1.58 32.57
C GLY C 305 -1.34 2.96 32.95
N LEU C 306 -1.41 3.87 32.00
CA LEU C 306 -0.92 5.24 32.27
C LEU C 306 -1.88 6.03 33.18
N ALA C 307 -3.18 5.82 33.02
CA ALA C 307 -4.21 6.47 33.87
C ALA C 307 -4.07 8.00 33.91
N GLU C 308 -3.78 8.62 32.77
CA GLU C 308 -3.66 10.10 32.68
C GLU C 308 -5.04 10.75 32.58
N ILE C 309 -5.93 10.15 31.78
CA ILE C 309 -7.30 10.70 31.56
C ILE C 309 -8.31 9.57 31.65
N GLN C 310 -9.58 9.96 31.79
CA GLN C 310 -10.72 9.01 31.72
C GLN C 310 -11.52 9.33 30.47
N LEU C 311 -11.80 8.32 29.65
CA LEU C 311 -12.68 8.48 28.47
C LEU C 311 -14.12 8.31 28.91
N PRO C 312 -15.06 9.06 28.29
CA PRO C 312 -16.47 8.90 28.60
C PRO C 312 -16.95 7.53 28.13
N ASP C 313 -17.91 6.99 28.88
CA ASP C 313 -18.49 5.63 28.73
C ASP C 313 -19.44 5.57 27.53
N LEU C 314 -19.30 4.52 26.70
CA LEU C 314 -20.27 4.05 25.67
C LEU C 314 -20.26 2.51 25.64
N PRO C 322 -15.84 6.27 35.71
CA PRO C 322 -15.21 5.05 36.24
C PRO C 322 -13.70 4.97 35.95
N GLY C 323 -13.27 5.07 34.68
CA GLY C 323 -11.89 4.79 34.24
C GLY C 323 -11.68 3.33 33.81
N LYS C 324 -12.78 2.57 33.64
CA LYS C 324 -12.83 1.15 33.15
C LYS C 324 -13.52 1.08 31.75
N VAL C 325 -13.80 2.22 31.14
CA VAL C 325 -14.42 2.24 29.80
C VAL C 325 -13.41 1.72 28.74
N ASN C 326 -13.80 0.80 27.85
CA ASN C 326 -12.95 0.49 26.67
C ASN C 326 -12.95 1.69 25.75
N PRO C 327 -11.80 1.98 25.11
CA PRO C 327 -11.70 3.12 24.20
C PRO C 327 -12.33 2.79 22.85
N VAL C 328 -13.64 2.68 22.82
CA VAL C 328 -14.30 2.18 21.59
C VAL C 328 -14.19 3.22 20.48
N LEU C 329 -14.30 4.58 20.76
CA LEU C 329 -14.17 5.50 19.60
C LEU C 329 -12.70 5.63 19.18
N PRO C 330 -11.70 5.62 19.94
CA PRO C 330 -10.37 5.46 19.39
C PRO C 330 -10.20 4.22 18.51
N GLU C 331 -10.82 3.12 18.89
CA GLU C 331 -10.77 1.88 18.06
C GLU C 331 -11.50 2.11 16.75
N ALA C 332 -12.66 2.75 16.76
CA ALA C 332 -13.38 3.04 15.50
C ALA C 332 -12.53 3.96 14.61
N VAL C 333 -11.92 4.99 15.20
CA VAL C 333 -11.09 5.94 14.44
C VAL C 333 -9.90 5.18 13.83
N THR C 334 -9.22 4.36 14.60
CA THR C 334 -8.01 3.65 14.03
C THR C 334 -8.43 2.64 12.96
N GLN C 335 -9.56 2.00 13.10
CA GLN C 335 -10.08 1.04 12.06
C GLN C 335 -10.46 1.81 10.79
N VAL C 336 -11.13 2.95 10.94
CA VAL C 336 -11.42 3.83 9.80
C VAL C 336 -10.12 4.24 9.11
N ALA C 337 -9.11 4.67 9.84
CA ALA C 337 -7.85 5.11 9.25
C ALA C 337 -7.24 3.95 8.44
N ALA C 338 -7.26 2.74 8.97
CA ALA C 338 -6.73 1.56 8.24
C ALA C 338 -7.49 1.43 6.90
N GLN C 339 -8.81 1.58 6.95
CA GLN C 339 -9.64 1.46 5.74
C GLN C 339 -9.27 2.55 4.73
N VAL C 340 -9.07 3.78 5.18
CA VAL C 340 -8.70 4.90 4.28
C VAL C 340 -7.35 4.60 3.63
N ILE C 341 -6.40 4.08 4.39
CA ILE C 341 -5.07 3.67 3.84
C ILE C 341 -5.26 2.59 2.76
N GLY C 342 -6.11 1.59 2.97
CA GLY C 342 -6.36 0.54 1.95
C GLY C 342 -7.01 1.12 0.73
N ASN C 343 -8.04 1.92 0.94
CA ASN C 343 -8.80 2.54 -0.15
C ASN C 343 -7.82 3.39 -0.98
N ASP C 344 -6.91 4.08 -0.32
CA ASP C 344 -5.94 4.96 -1.00
C ASP C 344 -5.04 4.14 -1.92
N ALA C 345 -4.65 2.94 -1.52
CA ALA C 345 -3.80 2.07 -2.38
C ALA C 345 -4.60 1.62 -3.60
N ALA C 346 -5.85 1.30 -3.41
CA ALA C 346 -6.72 0.88 -4.53
C ALA C 346 -6.86 2.06 -5.51
N ILE C 347 -7.10 3.26 -5.02
CA ILE C 347 -7.24 4.48 -5.85
C ILE C 347 -6.02 4.70 -6.70
N ALA C 348 -4.84 4.62 -6.10
CA ALA C 348 -3.59 4.91 -6.85
C ALA C 348 -3.37 3.86 -7.91
N TRP C 349 -3.68 2.60 -7.58
CA TRP C 349 -3.55 1.47 -8.54
C TRP C 349 -4.46 1.74 -9.77
N GLY C 350 -5.69 2.15 -9.56
CA GLY C 350 -6.55 2.44 -10.72
C GLY C 350 -6.08 3.68 -11.47
N GLY C 351 -5.57 4.67 -10.75
CA GLY C 351 -5.20 5.95 -11.37
C GLY C 351 -4.07 5.76 -12.33
N ALA C 352 -3.14 4.83 -12.02
CA ALA C 352 -1.92 4.67 -12.83
C ALA C 352 -2.20 3.97 -14.15
N ASN C 353 -3.30 3.22 -14.20
CA ASN C 353 -3.55 2.18 -15.24
C ASN C 353 -4.51 2.59 -16.35
N GLY C 354 -4.61 3.89 -16.62
CA GLY C 354 -5.37 4.40 -17.78
C GLY C 354 -4.63 4.11 -19.09
N ALA C 355 -5.36 4.11 -20.19
CA ALA C 355 -4.65 3.89 -21.46
C ALA C 355 -5.20 4.87 -22.48
N PHE C 356 -4.29 5.56 -23.14
CA PHE C 356 -4.71 6.47 -24.23
C PHE C 356 -5.76 7.48 -23.76
N GLU C 357 -6.91 7.46 -24.42
CA GLU C 357 -7.92 8.52 -24.20
C GLU C 357 -8.79 8.28 -22.96
N LEU C 358 -8.67 7.14 -22.27
CA LEU C 358 -9.61 6.94 -21.13
C LEU C 358 -9.00 6.11 -20.00
N ASN C 359 -9.22 6.54 -18.76
CA ASN C 359 -8.89 5.71 -17.58
C ASN C 359 -10.17 4.91 -17.30
N VAL C 360 -10.06 3.59 -17.30
CA VAL C 360 -11.20 2.65 -17.14
C VAL C 360 -11.20 1.98 -15.77
N TYR C 361 -10.87 2.74 -14.73
CA TYR C 361 -10.99 2.29 -13.33
C TYR C 361 -11.94 3.19 -12.53
N ILE C 362 -12.78 3.97 -13.20
CA ILE C 362 -13.54 5.07 -12.54
C ILE C 362 -14.49 4.52 -11.50
N PRO C 363 -15.34 3.52 -11.75
CA PRO C 363 -16.25 3.03 -10.71
C PRO C 363 -15.59 2.56 -9.42
N MET C 364 -14.45 1.88 -9.56
CA MET C 364 -13.71 1.37 -8.39
C MET C 364 -13.07 2.57 -7.69
N MET C 365 -12.47 3.48 -8.43
CA MET C 365 -11.83 4.65 -7.77
C MET C 365 -12.92 5.48 -7.08
N ALA C 366 -14.10 5.66 -7.68
CA ALA C 366 -15.20 6.47 -7.09
C ALA C 366 -15.65 5.80 -5.79
N ARG C 367 -15.83 4.47 -5.82
CA ARG C 367 -16.29 3.73 -4.62
C ARG C 367 -15.32 4.05 -3.45
N ASN C 368 -14.04 3.96 -3.72
CA ASN C 368 -13.02 4.06 -2.65
C ASN C 368 -12.93 5.49 -2.14
N ILE C 369 -12.84 6.46 -3.03
N ILE C 369 -12.82 6.46 -3.05
CA ILE C 369 -12.61 7.83 -2.49
CA ILE C 369 -12.63 7.88 -2.62
C ILE C 369 -13.88 8.32 -1.81
C ILE C 369 -13.86 8.33 -1.85
N LEU C 370 -15.07 8.01 -2.32
CA LEU C 370 -16.31 8.47 -1.65
C LEU C 370 -16.45 7.77 -0.31
N GLU C 371 -16.04 6.51 -0.20
CA GLU C 371 -16.13 5.81 1.09
C GLU C 371 -15.16 6.52 2.06
N SER C 372 -13.94 6.82 1.61
CA SER C 372 -12.95 7.45 2.51
C SER C 372 -13.52 8.78 3.00
N PHE C 373 -14.09 9.61 2.13
CA PHE C 373 -14.74 10.87 2.58
C PHE C 373 -15.78 10.59 3.65
N LYS C 374 -16.67 9.67 3.37
CA LYS C 374 -17.79 9.36 4.30
C LYS C 374 -17.28 8.88 5.66
N LEU C 375 -16.32 7.94 5.68
CA LEU C 375 -15.87 7.35 6.96
C LEU C 375 -15.15 8.44 7.78
N LEU C 376 -14.37 9.30 7.14
CA LEU C 376 -13.58 10.30 7.87
C LEU C 376 -14.57 11.33 8.42
N THR C 377 -15.56 11.70 7.63
CA THR C 377 -16.57 12.70 8.04
C THR C 377 -17.30 12.16 9.26
N ASN C 378 -17.83 10.95 9.16
CA ASN C 378 -18.70 10.41 10.23
C ASN C 378 -17.88 10.16 11.49
N VAL C 379 -16.72 9.53 11.37
CA VAL C 379 -15.94 9.18 12.58
C VAL C 379 -15.41 10.47 13.19
N SER C 380 -15.10 11.51 12.43
CA SER C 380 -14.51 12.74 13.02
C SER C 380 -15.56 13.41 13.92
N ARG C 381 -16.81 13.46 13.45
CA ARG C 381 -17.89 14.08 14.27
C ARG C 381 -18.11 13.27 15.53
N LEU C 382 -18.19 11.94 15.45
CA LEU C 382 -18.42 11.05 16.58
C LEU C 382 -17.27 11.22 17.58
N PHE C 383 -16.03 11.20 17.08
CA PHE C 383 -14.84 11.34 17.96
C PHE C 383 -14.94 12.68 18.69
N ALA C 384 -15.20 13.78 17.97
CA ALA C 384 -15.27 15.12 18.59
C ALA C 384 -16.34 15.15 19.69
N GLN C 385 -17.52 14.63 19.44
CA GLN C 385 -18.71 14.88 20.30
C GLN C 385 -18.73 13.87 21.45
N ARG C 386 -18.37 12.62 21.20
CA ARG C 386 -18.64 11.50 22.13
C ARG C 386 -17.36 10.95 22.76
N CYS C 387 -16.19 11.49 22.42
CA CYS C 387 -14.95 11.15 23.13
C CYS C 387 -14.25 12.42 23.59
N ILE C 388 -13.81 13.27 22.69
CA ILE C 388 -12.94 14.43 23.03
C ILE C 388 -13.67 15.34 24.02
N ALA C 389 -14.91 15.67 23.74
CA ALA C 389 -15.65 16.72 24.51
C ALA C 389 -15.73 16.29 25.98
N GLY C 390 -15.81 14.99 26.25
CA GLY C 390 -16.07 14.46 27.59
C GLY C 390 -14.84 13.94 28.33
N LEU C 391 -13.64 14.08 27.76
CA LEU C 391 -12.42 13.57 28.45
C LEU C 391 -12.26 14.31 29.78
N THR C 392 -11.89 13.60 30.82
CA THR C 392 -11.46 14.25 32.09
C THR C 392 -10.03 13.86 32.44
N ALA C 393 -9.26 14.80 32.94
CA ALA C 393 -7.84 14.59 33.31
C ALA C 393 -7.70 14.30 34.80
N ASN C 394 -6.80 13.37 35.14
CA ASN C 394 -6.34 13.12 36.54
C ASN C 394 -5.29 14.18 36.90
N VAL C 395 -5.73 15.42 37.12
CA VAL C 395 -4.85 16.62 37.19
C VAL C 395 -3.80 16.44 38.30
N GLU C 396 -4.24 16.17 39.53
CA GLU C 396 -3.31 16.16 40.68
C GLU C 396 -2.32 15.00 40.50
N HIS C 397 -2.80 13.86 40.05
CA HIS C 397 -1.96 12.69 39.78
C HIS C 397 -0.90 13.01 38.73
N LEU C 398 -1.31 13.56 37.60
CA LEU C 398 -0.35 13.95 36.55
C LEU C 398 0.75 14.84 37.12
N ARG C 399 0.37 15.87 37.90
CA ARG C 399 1.37 16.82 38.46
C ARG C 399 2.29 16.08 39.43
N ARG C 400 1.73 15.22 40.29
N ARG C 400 1.73 15.23 40.28
CA ARG C 400 2.58 14.50 41.23
CA ARG C 400 2.56 14.47 41.24
C ARG C 400 3.64 13.70 40.47
C ARG C 400 3.63 13.69 40.47
N LEU C 401 3.23 12.92 39.47
CA LEU C 401 4.24 12.16 38.67
C LEU C 401 5.26 13.11 38.06
N ALA C 402 4.85 14.24 37.49
CA ALA C 402 5.80 15.20 36.89
C ALA C 402 6.80 15.66 37.96
N GLU C 403 6.32 15.88 39.18
CA GLU C 403 7.17 16.38 40.30
C GLU C 403 8.03 15.27 40.90
N SER C 404 7.83 14.04 40.47
CA SER C 404 8.51 12.85 41.04
C SER C 404 9.47 12.20 40.04
N SER C 405 9.58 12.77 38.85
CA SER C 405 10.35 12.17 37.72
C SER C 405 11.82 12.54 37.81
N PRO C 406 12.73 11.56 37.73
CA PRO C 406 14.15 11.84 37.52
C PRO C 406 14.49 12.84 36.39
N SER C 407 13.60 13.02 35.42
CA SER C 407 13.85 13.98 34.31
C SER C 407 13.96 15.40 34.83
N ILE C 408 13.44 15.74 36.02
CA ILE C 408 13.45 17.17 36.40
C ILE C 408 14.63 17.48 37.33
N VAL C 409 15.54 16.54 37.57
CA VAL C 409 16.68 16.77 38.51
C VAL C 409 17.75 17.62 37.80
N THR C 410 17.81 17.63 36.46
CA THR C 410 18.89 18.32 35.70
C THR C 410 19.11 19.76 36.17
N PRO C 411 18.06 20.59 36.38
CA PRO C 411 18.25 21.96 36.83
C PRO C 411 18.85 22.07 38.24
N LEU C 412 19.02 20.97 38.98
CA LEU C 412 19.74 20.98 40.28
C LEU C 412 21.24 20.79 40.08
N ASN C 413 21.70 20.36 38.91
CA ASN C 413 23.11 19.93 38.72
C ASN C 413 24.08 21.02 39.19
N SER C 414 23.83 22.27 38.81
CA SER C 414 24.74 23.41 39.05
C SER C 414 24.80 23.73 40.55
N ALA C 415 23.83 23.28 41.36
CA ALA C 415 23.80 23.50 42.83
C ALA C 415 24.36 22.27 43.57
N ILE C 416 23.95 21.06 43.23
CA ILE C 416 24.29 19.88 44.10
C ILE C 416 25.31 18.99 43.38
N GLY C 417 25.64 19.22 42.10
CA GLY C 417 26.53 18.32 41.34
C GLY C 417 25.80 17.13 40.72
N TYR C 418 26.41 16.55 39.68
CA TYR C 418 25.88 15.41 38.89
C TYR C 418 25.59 14.20 39.80
N GLU C 419 26.57 13.85 40.64
CA GLU C 419 26.55 12.60 41.45
C GLU C 419 25.35 12.67 42.42
N GLU C 420 25.19 13.80 43.09
CA GLU C 420 24.11 13.98 44.08
C GLU C 420 22.74 14.08 43.36
N ALA C 421 22.68 14.74 42.20
CA ALA C 421 21.43 14.77 41.42
C ALA C 421 21.03 13.32 41.11
N ALA C 422 21.98 12.45 40.73
CA ALA C 422 21.67 11.05 40.38
C ALA C 422 21.18 10.33 41.64
N ALA C 423 21.76 10.65 42.80
CA ALA C 423 21.35 9.97 44.05
C ALA C 423 19.94 10.43 44.45
N VAL C 424 19.63 11.69 44.20
CA VAL C 424 18.28 12.22 44.44
C VAL C 424 17.28 11.46 43.54
N ALA C 425 17.58 11.35 42.25
CA ALA C 425 16.68 10.66 41.29
C ALA C 425 16.47 9.20 41.72
N LYS C 426 17.54 8.52 42.09
CA LYS C 426 17.41 7.09 42.49
C LYS C 426 16.54 6.99 43.75
N GLN C 427 16.79 7.84 44.73
CA GLN C 427 16.00 7.77 45.98
C GLN C 427 14.53 8.15 45.76
N ALA C 428 14.26 9.18 44.97
CA ALA C 428 12.86 9.56 44.76
C ALA C 428 12.08 8.39 44.14
N LEU C 429 12.67 7.72 43.14
CA LEU C 429 11.96 6.58 42.49
C LEU C 429 11.78 5.45 43.50
N LYS C 430 12.83 5.12 44.24
CA LYS C 430 12.76 4.00 45.21
C LYS C 430 11.72 4.28 46.30
N GLU C 431 11.66 5.51 46.79
CA GLU C 431 10.73 5.81 47.91
C GLU C 431 9.38 6.32 47.40
N ARG C 432 9.22 6.41 46.08
CA ARG C 432 7.97 6.94 45.47
C ARG C 432 7.68 8.34 46.05
N LYS C 433 8.68 9.19 46.05
CA LYS C 433 8.47 10.56 46.59
C LYS C 433 8.76 11.60 45.52
N THR C 434 8.38 12.85 45.76
CA THR C 434 8.72 13.93 44.80
C THR C 434 10.23 14.17 44.80
N ILE C 435 10.72 14.87 43.79
CA ILE C 435 12.13 15.31 43.79
C ILE C 435 12.29 16.31 44.92
N ARG C 436 11.36 17.26 45.06
CA ARG C 436 11.49 18.29 46.13
C ARG C 436 11.65 17.61 47.48
N GLN C 437 10.77 16.67 47.81
CA GLN C 437 10.81 15.99 49.13
C GLN C 437 12.13 15.22 49.31
N THR C 438 12.65 14.60 48.25
CA THR C 438 13.90 13.81 48.32
C THR C 438 15.07 14.75 48.57
N VAL C 439 15.10 15.92 47.94
CA VAL C 439 16.21 16.89 48.14
C VAL C 439 16.22 17.30 49.61
N ILE C 440 15.06 17.58 50.17
CA ILE C 440 14.92 17.95 51.62
C ILE C 440 15.35 16.78 52.50
N ASP C 441 14.87 15.56 52.20
N ASP C 441 14.88 15.56 52.20
CA ASP C 441 15.16 14.36 53.04
CA ASP C 441 15.15 14.34 53.00
C ASP C 441 16.68 14.06 53.03
C ASP C 441 16.66 14.01 53.01
N ARG C 442 17.40 14.34 51.94
CA ARG C 442 18.85 14.09 51.85
C ARG C 442 19.66 15.19 52.56
N GLY C 443 18.98 16.21 53.06
CA GLY C 443 19.63 17.30 53.83
C GLY C 443 20.39 18.29 52.97
N LEU C 444 20.04 18.40 51.70
CA LEU C 444 20.75 19.32 50.77
C LEU C 444 20.38 20.80 50.94
N ILE C 445 19.25 21.09 51.57
CA ILE C 445 18.88 22.52 51.78
C ILE C 445 19.90 23.18 52.72
N GLY C 446 20.26 24.42 52.41
CA GLY C 446 21.19 25.30 53.13
C GLY C 446 22.60 25.27 52.57
N ASP C 447 23.24 24.12 52.53
CA ASP C 447 24.62 24.17 51.99
C ASP C 447 24.62 24.50 50.50
N ARG C 448 23.81 23.79 49.72
CA ARG C 448 23.84 23.93 48.24
C ARG C 448 22.87 24.99 47.74
N LEU C 449 21.65 25.01 48.29
CA LEU C 449 20.64 25.98 47.84
C LEU C 449 19.56 26.14 48.88
N SER C 450 18.76 27.18 48.71
CA SER C 450 17.65 27.49 49.62
C SER C 450 16.35 26.87 49.13
N ILE C 451 15.35 26.88 49.99
CA ILE C 451 14.00 26.43 49.57
C ILE C 451 13.52 27.29 48.39
N GLU C 452 13.79 28.58 48.39
CA GLU C 452 13.32 29.51 47.34
C GLU C 452 13.95 29.02 46.03
N ASP C 453 15.22 28.70 46.05
CA ASP C 453 15.98 28.31 44.83
C ASP C 453 15.46 26.95 44.37
N LEU C 454 15.23 26.03 45.30
CA LEU C 454 14.70 24.69 44.99
C LEU C 454 13.36 24.84 44.27
N ASP C 455 12.45 25.68 44.80
CA ASP C 455 11.08 25.81 44.25
C ASP C 455 11.17 26.44 42.85
N ARG C 456 12.10 27.36 42.63
N ARG C 456 12.14 27.31 42.60
CA ARG C 456 12.31 27.94 41.27
CA ARG C 456 12.29 27.97 41.27
C ARG C 456 12.75 26.80 40.36
C ARG C 456 12.89 26.94 40.30
N ARG C 457 13.82 26.10 40.74
CA ARG C 457 14.49 25.14 39.85
C ARG C 457 13.53 23.99 39.52
N LEU C 458 12.64 23.60 40.43
CA LEU C 458 11.79 22.41 40.24
C LEU C 458 10.35 22.77 39.86
N ASP C 459 10.06 24.01 39.49
CA ASP C 459 8.66 24.39 39.13
C ASP C 459 8.30 23.74 37.78
N VAL C 460 7.54 22.67 37.81
CA VAL C 460 7.35 21.83 36.59
C VAL C 460 6.51 22.57 35.58
N LEU C 461 5.60 23.43 36.01
CA LEU C 461 4.82 24.18 35.02
C LEU C 461 5.71 25.18 34.29
N ALA C 462 6.67 25.81 34.99
CA ALA C 462 7.62 26.70 34.33
C ALA C 462 8.55 25.92 33.41
N MET C 463 8.90 24.71 33.78
CA MET C 463 9.74 23.85 32.95
C MET C 463 9.02 23.50 31.64
N ALA C 464 7.70 23.41 31.69
CA ALA C 464 6.85 23.13 30.50
C ALA C 464 6.73 24.38 29.65
N LYS C 465 7.21 25.54 30.15
CA LYS C 465 7.14 26.86 29.48
C LYS C 465 5.68 27.16 29.20
N ALA C 466 4.79 26.88 30.16
CA ALA C 466 3.39 27.34 30.20
C ALA C 466 3.19 28.25 31.43
N GLU C 467 2.04 28.93 31.53
CA GLU C 467 1.73 29.95 32.58
C GLU C 467 0.39 29.62 33.25
N TYR D 10 43.36 3.41 13.50
CA TYR D 10 43.11 2.28 14.44
C TYR D 10 43.29 2.75 15.89
N ARG D 11 42.99 4.03 16.18
CA ARG D 11 43.18 4.66 17.51
C ARG D 11 42.17 4.06 18.49
N ILE D 12 42.41 4.25 19.79
CA ILE D 12 41.55 3.76 20.91
C ILE D 12 40.93 4.99 21.57
N GLU D 13 39.66 4.91 21.96
CA GLU D 13 39.03 6.07 22.64
C GLU D 13 38.42 5.63 23.96
N HIS D 14 38.21 6.57 24.88
CA HIS D 14 37.68 6.15 26.20
C HIS D 14 36.22 6.57 26.35
N ASP D 15 35.39 5.60 26.74
CA ASP D 15 33.94 5.82 26.88
C ASP D 15 33.45 5.37 28.27
N THR D 16 32.25 5.77 28.65
CA THR D 16 31.72 5.49 30.02
C THR D 16 31.65 3.99 30.31
N MET D 17 31.35 3.14 29.33
CA MET D 17 31.35 1.70 29.70
C MET D 17 32.59 1.01 29.11
N GLY D 18 33.54 1.75 28.52
CA GLY D 18 34.74 1.02 28.07
C GLY D 18 35.55 1.74 27.02
N GLU D 19 36.54 1.03 26.48
CA GLU D 19 37.43 1.56 25.42
C GLU D 19 36.73 1.43 24.05
N VAL D 20 36.85 2.43 23.17
CA VAL D 20 36.23 2.34 21.80
C VAL D 20 37.30 2.43 20.70
N ARG D 21 37.34 1.48 19.79
CA ARG D 21 38.33 1.47 18.67
C ARG D 21 37.78 2.08 17.38
N VAL D 22 38.47 3.10 16.89
CA VAL D 22 37.97 4.01 15.81
C VAL D 22 39.02 4.00 14.70
N PRO D 23 38.65 3.89 13.40
CA PRO D 23 39.61 4.05 12.31
C PRO D 23 40.35 5.40 12.40
N ALA D 24 41.59 5.49 11.87
CA ALA D 24 42.54 6.59 12.18
C ALA D 24 42.17 7.84 11.39
N LYS D 25 41.82 7.70 10.11
CA LYS D 25 41.42 8.83 9.22
C LYS D 25 39.94 9.23 9.46
N ALA D 26 39.25 8.54 10.36
CA ALA D 26 37.84 8.85 10.75
C ALA D 26 37.80 10.11 11.62
N LEU D 27 36.92 11.07 11.30
CA LEU D 27 36.71 12.28 12.14
C LEU D 27 35.59 12.05 13.15
N TRP D 28 34.84 10.97 13.04
CA TRP D 28 33.83 10.66 14.08
C TRP D 28 34.53 10.12 15.32
N ARG D 29 33.83 10.08 16.45
CA ARG D 29 34.48 9.63 17.69
C ARG D 29 33.71 8.44 18.28
N ALA D 30 33.75 8.30 19.60
CA ALA D 30 33.18 7.13 20.29
C ALA D 30 31.68 6.95 20.10
N GLN D 31 30.86 8.00 20.19
CA GLN D 31 29.38 7.74 20.11
C GLN D 31 29.05 7.19 18.73
N THR D 32 29.63 7.75 17.70
CA THR D 32 29.35 7.28 16.32
C THR D 32 29.82 5.84 16.18
N GLN D 33 30.99 5.53 16.71
CA GLN D 33 31.56 4.16 16.62
C GLN D 33 30.66 3.19 17.36
N ARG D 34 30.10 3.59 18.50
CA ARG D 34 29.17 2.69 19.21
C ARG D 34 27.93 2.43 18.32
N ALA D 35 27.44 3.46 17.65
CA ALA D 35 26.24 3.33 16.77
C ALA D 35 26.55 2.41 15.58
N VAL D 36 27.77 2.47 15.07
CA VAL D 36 28.21 1.57 13.95
C VAL D 36 28.11 0.13 14.43
N GLU D 37 28.52 -0.14 15.66
CA GLU D 37 28.49 -1.52 16.21
C GLU D 37 27.05 -1.93 16.54
N ASN D 38 26.21 -1.01 16.99
N ASN D 38 26.19 -1.00 16.92
CA ASN D 38 24.80 -1.27 17.42
CA ASN D 38 24.82 -1.33 17.42
C ASN D 38 23.88 -1.62 16.24
C ASN D 38 23.81 -1.53 16.27
N PHE D 39 24.03 -0.98 15.08
CA PHE D 39 23.01 -1.05 14.00
C PHE D 39 23.58 -1.59 12.69
N PRO D 40 24.20 -2.81 12.62
CA PRO D 40 24.61 -3.36 11.33
C PRO D 40 23.42 -4.02 10.60
N ILE D 41 22.56 -3.21 10.00
CA ILE D 41 21.24 -3.69 9.51
C ILE D 41 21.17 -3.64 7.99
N SER D 42 21.29 -2.46 7.38
CA SER D 42 21.21 -2.26 5.92
C SER D 42 22.59 -2.13 5.27
N GLY D 43 23.58 -1.65 6.01
CA GLY D 43 24.92 -1.36 5.49
C GLY D 43 24.92 -0.07 4.66
N ARG D 44 23.90 0.77 4.80
CA ARG D 44 23.81 2.04 4.07
C ARG D 44 23.53 3.12 5.09
N GLY D 45 24.17 4.28 4.91
CA GLY D 45 24.06 5.40 5.84
C GLY D 45 23.36 6.57 5.19
N LEU D 46 23.53 7.73 5.76
CA LEU D 46 22.90 8.98 5.27
C LEU D 46 23.38 9.28 3.85
N GLU D 47 22.48 9.83 3.07
CA GLU D 47 22.85 10.36 1.72
C GLU D 47 23.49 11.75 1.83
N ARG D 48 24.15 12.14 0.75
CA ARG D 48 24.84 13.45 0.63
C ARG D 48 23.87 14.56 1.02
N THR D 49 22.62 14.51 0.56
CA THR D 49 21.61 15.61 0.83
C THR D 49 21.36 15.76 2.34
N GLN D 50 21.34 14.63 3.06
CA GLN D 50 21.04 14.62 4.49
C GLN D 50 22.24 15.15 5.26
N ILE D 51 23.44 14.71 4.86
CA ILE D 51 24.71 15.18 5.47
C ILE D 51 24.80 16.69 5.26
N ARG D 52 24.51 17.15 4.05
CA ARG D 52 24.57 18.60 3.72
C ARG D 52 23.66 19.35 4.68
N ALA D 53 22.44 18.87 4.85
CA ALA D 53 21.44 19.58 5.68
C ALA D 53 21.89 19.61 7.15
N LEU D 54 22.50 18.53 7.66
CA LEU D 54 23.01 18.50 9.05
C LEU D 54 24.14 19.53 9.18
N GLY D 55 25.01 19.66 8.19
CA GLY D 55 26.05 20.70 8.25
C GLY D 55 25.43 22.07 8.21
N LEU D 56 24.49 22.33 7.32
CA LEU D 56 23.82 23.66 7.26
C LEU D 56 23.22 24.00 8.63
N LEU D 57 22.51 23.06 9.24
CA LEU D 57 21.83 23.30 10.52
C LEU D 57 22.84 23.62 11.63
N LYS D 58 23.94 22.85 11.71
CA LYS D 58 24.95 23.09 12.78
C LYS D 58 25.60 24.47 12.61
N GLY D 59 25.89 24.89 11.38
CA GLY D 59 26.46 26.25 11.15
C GLY D 59 25.50 27.33 11.57
N ALA D 60 24.23 27.20 11.23
CA ALA D 60 23.20 28.21 11.55
C ALA D 60 23.03 28.26 13.08
N CYS D 61 22.97 27.11 13.76
CA CYS D 61 22.81 27.09 15.23
C CYS D 61 23.99 27.79 15.91
N ALA D 62 25.20 27.51 15.44
CA ALA D 62 26.39 28.15 16.05
C ALA D 62 26.34 29.65 15.77
N GLN D 63 25.86 30.07 14.59
N GLN D 63 25.90 30.09 14.58
CA GLN D 63 25.73 31.51 14.20
CA GLN D 63 25.80 31.56 14.33
C GLN D 63 24.82 32.23 15.20
C GLN D 63 24.90 32.16 15.41
N VAL D 64 23.71 31.59 15.58
CA VAL D 64 22.67 32.16 16.43
C VAL D 64 23.17 32.15 17.88
N ASN D 65 23.76 31.04 18.33
CA ASN D 65 24.33 30.96 19.69
C ASN D 65 25.39 32.06 19.84
N SER D 66 26.18 32.32 18.81
CA SER D 66 27.22 33.38 18.85
C SER D 66 26.51 34.72 18.98
N ASP D 67 25.48 34.96 18.17
CA ASP D 67 24.75 36.27 18.10
C ASP D 67 24.06 36.58 19.43
N LEU D 68 23.64 35.55 20.15
CA LEU D 68 22.98 35.68 21.46
C LEU D 68 24.02 35.73 22.60
N GLY D 69 25.31 35.67 22.28
CA GLY D 69 26.42 35.68 23.28
C GLY D 69 26.45 34.41 24.13
N LEU D 70 25.92 33.27 23.66
CA LEU D 70 25.86 32.04 24.48
C LEU D 70 27.10 31.23 24.19
N LEU D 71 27.76 31.49 23.09
CA LEU D 71 28.87 30.65 22.57
C LEU D 71 29.97 31.63 22.16
N ALA D 72 31.19 31.42 22.64
CA ALA D 72 32.33 32.32 22.40
C ALA D 72 32.60 32.38 20.91
N PRO D 73 32.91 33.58 20.36
CA PRO D 73 33.16 33.74 18.94
C PRO D 73 34.20 32.79 18.33
N GLU D 74 35.30 32.49 19.04
CA GLU D 74 36.34 31.54 18.57
C GLU D 74 35.70 30.17 18.28
N LYS D 75 34.89 29.69 19.22
CA LYS D 75 34.23 28.35 19.10
C LYS D 75 33.20 28.41 17.96
N ALA D 76 32.41 29.47 17.89
CA ALA D 76 31.34 29.61 16.87
C ALA D 76 31.99 29.65 15.48
N ASP D 77 33.07 30.40 15.31
CA ASP D 77 33.77 30.47 14.01
C ASP D 77 34.29 29.10 13.56
N ALA D 78 34.82 28.31 14.48
CA ALA D 78 35.34 26.96 14.19
C ALA D 78 34.16 26.04 13.78
N ILE D 79 33.04 26.12 14.48
CA ILE D 79 31.85 25.28 14.10
C ILE D 79 31.36 25.71 12.72
N ILE D 80 31.23 27.03 12.51
CA ILE D 80 30.75 27.56 11.21
C ILE D 80 31.65 27.09 10.07
N ALA D 81 32.97 27.12 10.25
CA ALA D 81 33.89 26.74 9.16
C ALA D 81 33.79 25.22 8.92
N ALA D 82 33.73 24.42 9.98
CA ALA D 82 33.63 22.94 9.89
C ALA D 82 32.28 22.58 9.25
N ALA D 83 31.19 23.18 9.72
CA ALA D 83 29.82 22.97 9.16
C ALA D 83 29.76 23.34 7.66
N ALA D 84 30.52 24.35 7.19
CA ALA D 84 30.47 24.78 5.78
C ALA D 84 31.13 23.67 4.95
N GLU D 85 32.20 23.06 5.46
CA GLU D 85 32.86 21.95 4.75
C GLU D 85 31.88 20.79 4.61
N ILE D 86 31.17 20.44 5.70
CA ILE D 86 30.20 19.30 5.66
C ILE D 86 29.10 19.66 4.66
N ALA D 87 28.58 20.89 4.71
CA ALA D 87 27.50 21.32 3.79
C ALA D 87 27.95 21.34 2.31
N ASP D 88 29.25 21.50 2.07
CA ASP D 88 29.86 21.59 0.72
C ASP D 88 30.30 20.19 0.25
N GLY D 89 30.05 19.15 1.05
CA GLY D 89 30.23 17.76 0.61
C GLY D 89 31.64 17.26 0.78
N GLN D 90 32.45 17.87 1.63
CA GLN D 90 33.87 17.49 1.80
C GLN D 90 34.02 16.31 2.76
N HIS D 91 32.95 15.91 3.47
CA HIS D 91 33.08 14.89 4.55
C HIS D 91 32.00 13.81 4.42
N ASP D 92 31.57 13.49 3.21
CA ASP D 92 30.49 12.50 2.95
C ASP D 92 30.91 11.10 3.40
N ASP D 93 32.19 10.87 3.75
CA ASP D 93 32.72 9.54 4.17
C ASP D 93 32.84 9.47 5.70
N GLN D 94 32.40 10.50 6.42
CA GLN D 94 32.54 10.57 7.88
C GLN D 94 31.21 10.27 8.58
N PHE D 95 30.23 9.73 7.85
CA PHE D 95 28.89 9.46 8.43
C PHE D 95 28.54 7.98 8.26
N PRO D 96 29.12 7.09 9.06
CA PRO D 96 28.98 5.66 8.80
C PRO D 96 27.74 4.94 9.35
N ILE D 97 26.93 5.67 10.10
CA ILE D 97 25.82 5.06 10.90
C ILE D 97 24.75 4.60 9.91
N ASP D 98 24.20 3.42 10.17
CA ASP D 98 23.05 2.90 9.40
C ASP D 98 21.86 3.85 9.43
N VAL D 99 21.10 3.81 8.36
CA VAL D 99 19.74 4.45 8.30
C VAL D 99 18.86 3.92 9.41
N PHE D 100 18.96 2.62 9.71
CA PHE D 100 18.08 1.97 10.71
C PHE D 100 18.75 2.08 12.07
N GLN D 101 18.52 3.22 12.67
CA GLN D 101 19.14 3.65 13.92
C GLN D 101 18.04 4.09 14.89
N THR D 102 18.43 4.56 16.07
CA THR D 102 17.47 5.14 17.02
C THR D 102 16.52 6.09 16.26
N GLY D 103 15.23 5.99 16.53
CA GLY D 103 14.20 6.55 15.66
C GLY D 103 14.10 8.06 15.73
N SER D 104 14.81 8.73 16.63
CA SER D 104 14.88 10.21 16.66
C SER D 104 15.94 10.72 15.68
N GLY D 105 16.85 9.86 15.25
CA GLY D 105 18.05 10.28 14.51
C GLY D 105 19.11 10.91 15.41
N THR D 106 18.99 10.70 16.72
CA THR D 106 20.01 11.20 17.67
C THR D 106 21.39 10.69 17.28
N SER D 107 21.56 9.45 16.84
CA SER D 107 22.90 8.92 16.49
C SER D 107 23.55 9.76 15.40
N SER D 108 22.85 10.03 14.33
CA SER D 108 23.37 10.88 13.22
C SER D 108 23.62 12.32 13.72
N ASN D 109 22.80 12.81 14.62
CA ASN D 109 23.00 14.15 15.23
C ASN D 109 24.36 14.17 15.95
N MET D 110 24.62 13.19 16.79
CA MET D 110 25.91 13.09 17.52
C MET D 110 27.07 12.85 16.55
N ASN D 111 26.86 12.10 15.46
CA ASN D 111 27.87 11.88 14.40
C ASN D 111 28.31 13.27 13.87
N THR D 112 27.35 14.15 13.60
CA THR D 112 27.62 15.49 13.07
C THR D 112 28.43 16.27 14.12
N ASN D 113 27.99 16.22 15.36
CA ASN D 113 28.65 16.96 16.46
C ASN D 113 30.12 16.53 16.59
N GLU D 114 30.38 15.23 16.54
CA GLU D 114 31.73 14.65 16.71
C GLU D 114 32.63 14.98 15.53
N VAL D 115 32.15 14.88 14.30
CA VAL D 115 32.93 15.23 13.08
C VAL D 115 33.28 16.73 13.11
N ILE D 116 32.37 17.59 13.54
CA ILE D 116 32.68 19.06 13.61
C ILE D 116 33.77 19.29 14.68
N ALA D 117 33.67 18.61 15.81
CA ALA D 117 34.67 18.72 16.92
C ALA D 117 36.05 18.29 16.43
N SER D 118 36.14 17.22 15.63
CA SER D 118 37.42 16.68 15.11
C SER D 118 37.96 17.64 14.04
N ILE D 119 37.10 18.21 13.20
CA ILE D 119 37.57 19.17 12.15
C ILE D 119 38.18 20.40 12.85
N ALA D 120 37.52 20.91 13.89
CA ALA D 120 37.91 22.12 14.66
C ALA D 120 39.25 21.91 15.37
N ALA D 121 39.48 20.72 15.89
CA ALA D 121 40.72 20.33 16.62
C ALA D 121 41.91 20.42 15.67
N LYS D 122 41.75 20.08 14.38
CA LYS D 122 42.80 20.22 13.32
C LYS D 122 43.19 21.69 13.11
N GLY D 123 42.23 22.63 13.16
CA GLY D 123 42.46 24.09 13.10
C GLY D 123 42.85 24.68 14.45
N GLY D 124 43.02 23.84 15.48
CA GLY D 124 43.54 24.20 16.81
C GLY D 124 42.50 24.73 17.78
N VAL D 125 41.19 24.43 17.59
CA VAL D 125 40.13 24.84 18.55
C VAL D 125 39.52 23.59 19.22
N THR D 126 39.31 23.64 20.53
CA THR D 126 38.69 22.55 21.35
C THR D 126 37.19 22.84 21.52
N LEU D 127 36.35 22.02 20.86
CA LEU D 127 34.87 22.00 20.98
C LEU D 127 34.42 20.71 21.66
N HIS D 128 33.49 20.87 22.57
CA HIS D 128 32.75 19.75 23.18
C HIS D 128 31.60 19.41 22.23
N PRO D 129 31.51 18.17 21.69
CA PRO D 129 30.43 17.82 20.77
C PRO D 129 29.05 18.22 21.29
N ASN D 130 28.72 17.87 22.53
CA ASN D 130 27.41 18.17 23.11
C ASN D 130 27.32 19.65 23.53
N ASP D 131 28.19 20.12 24.42
CA ASP D 131 27.96 21.42 25.10
C ASP D 131 28.16 22.58 24.12
N ASP D 132 29.03 22.45 23.12
CA ASP D 132 29.29 23.52 22.11
C ASP D 132 28.51 23.25 20.82
N VAL D 133 28.73 22.13 20.15
CA VAL D 133 28.16 21.93 18.79
C VAL D 133 26.64 21.67 18.91
N ASN D 134 26.18 21.11 20.03
CA ASN D 134 24.75 20.81 20.25
C ASN D 134 24.11 21.87 21.14
N MET D 135 24.78 23.00 21.39
CA MET D 135 24.19 24.04 22.27
C MET D 135 22.78 24.47 21.78
N SER D 136 21.82 24.55 22.69
CA SER D 136 20.46 25.09 22.47
C SER D 136 19.62 24.07 21.66
N GLN D 137 20.21 22.90 21.37
CA GLN D 137 19.54 21.85 20.55
C GLN D 137 19.27 20.63 21.42
N SER D 138 18.46 19.70 20.96
CA SER D 138 18.29 18.46 21.74
C SER D 138 18.63 17.30 20.84
N SER D 139 18.47 16.11 21.38
CA SER D 139 18.63 14.87 20.60
C SER D 139 17.44 14.70 19.63
N ASN D 140 16.33 15.50 19.70
CA ASN D 140 15.02 15.24 19.04
C ASN D 140 14.52 16.30 18.05
N ASP D 141 15.06 17.51 18.01
CA ASP D 141 14.55 18.59 17.12
C ASP D 141 15.55 18.81 15.98
N THR D 142 16.70 18.15 16.01
CA THR D 142 17.81 18.37 15.06
C THR D 142 17.58 17.52 13.81
N PHE D 143 17.50 16.21 13.95
CA PHE D 143 17.41 15.32 12.76
C PHE D 143 16.13 15.59 11.99
N PRO D 144 14.94 15.81 12.60
CA PRO D 144 13.76 16.16 11.80
C PRO D 144 13.93 17.52 11.07
N THR D 145 14.59 18.48 11.72
CA THR D 145 14.84 19.76 11.04
C THR D 145 15.72 19.50 9.81
N ALA D 146 16.80 18.77 9.96
CA ALA D 146 17.70 18.52 8.79
C ALA D 146 16.94 17.75 7.71
N THR D 147 16.05 16.87 8.11
CA THR D 147 15.24 16.12 7.13
C THR D 147 14.36 17.06 6.30
N HIS D 148 13.64 17.95 6.96
CA HIS D 148 12.75 18.94 6.27
C HIS D 148 13.57 19.91 5.42
N ILE D 149 14.74 20.32 5.87
CA ILE D 149 15.64 21.16 5.02
C ILE D 149 15.95 20.40 3.74
N ALA D 150 16.38 19.14 3.86
CA ALA D 150 16.78 18.31 2.71
C ALA D 150 15.59 18.13 1.77
N ALA D 151 14.43 17.87 2.33
CA ALA D 151 13.22 17.58 1.54
C ALA D 151 12.78 18.86 0.82
N THR D 152 12.83 20.02 1.49
CA THR D 152 12.41 21.28 0.86
C THR D 152 13.40 21.65 -0.25
N GLU D 153 14.68 21.53 -0.03
CA GLU D 153 15.74 21.79 -1.06
C GLU D 153 15.47 20.84 -2.25
N ALA D 154 15.24 19.56 -1.96
CA ALA D 154 14.99 18.57 -3.04
C ALA D 154 13.80 19.02 -3.88
N ALA D 155 12.71 19.48 -3.27
CA ALA D 155 11.46 19.84 -3.94
C ALA D 155 11.71 21.07 -4.80
N VAL D 156 12.34 22.10 -4.22
CA VAL D 156 12.34 23.45 -4.82
C VAL D 156 13.49 23.59 -5.80
N ALA D 157 14.66 23.12 -5.43
CA ALA D 157 15.88 23.35 -6.23
C ALA D 157 16.04 22.27 -7.29
N HIS D 158 15.44 21.08 -7.13
CA HIS D 158 15.79 19.93 -7.99
C HIS D 158 14.52 19.40 -8.67
N LEU D 159 13.48 19.03 -7.92
CA LEU D 159 12.37 18.28 -8.55
C LEU D 159 11.59 19.22 -9.43
N ILE D 160 11.24 20.40 -8.93
CA ILE D 160 10.34 21.27 -9.71
C ILE D 160 10.99 21.64 -11.02
N PRO D 161 12.26 22.04 -11.06
CA PRO D 161 12.92 22.31 -12.34
C PRO D 161 12.98 21.09 -13.26
N ALA D 162 13.21 19.90 -12.71
CA ALA D 162 13.21 18.70 -13.57
C ALA D 162 11.82 18.45 -14.19
N LEU D 163 10.77 18.57 -13.40
CA LEU D 163 9.39 18.43 -13.89
C LEU D 163 9.12 19.52 -14.94
N GLN D 164 9.65 20.74 -14.75
CA GLN D 164 9.37 21.84 -15.70
C GLN D 164 10.06 21.49 -17.02
N GLN D 165 11.26 20.91 -16.98
CA GLN D 165 11.96 20.42 -18.19
C GLN D 165 11.08 19.37 -18.93
N LEU D 166 10.51 18.42 -18.19
CA LEU D 166 9.64 17.38 -18.80
C LEU D 166 8.37 18.01 -19.33
N HIS D 167 7.73 18.92 -18.58
CA HIS D 167 6.53 19.63 -19.05
C HIS D 167 6.90 20.30 -20.41
N ASP D 168 7.98 21.02 -20.44
CA ASP D 168 8.35 21.82 -21.64
C ASP D 168 8.61 20.89 -22.82
N ALA D 169 9.18 19.71 -22.58
CA ALA D 169 9.47 18.77 -23.68
C ALA D 169 8.13 18.21 -24.19
N LEU D 170 7.22 17.82 -23.29
CA LEU D 170 5.88 17.33 -23.69
C LEU D 170 5.10 18.43 -24.42
N ALA D 171 5.15 19.65 -23.95
CA ALA D 171 4.36 20.75 -24.53
C ALA D 171 4.89 21.07 -25.94
N ALA D 172 6.18 20.96 -26.15
CA ALA D 172 6.83 21.17 -27.47
C ALA D 172 6.30 20.14 -28.45
N LYS D 173 6.18 18.87 -28.02
CA LYS D 173 5.58 17.84 -28.89
C LYS D 173 4.12 18.12 -29.14
N ALA D 174 3.37 18.60 -28.16
CA ALA D 174 1.93 18.89 -28.29
C ALA D 174 1.76 19.91 -29.41
N LEU D 175 2.65 20.90 -29.49
CA LEU D 175 2.60 21.93 -30.57
C LEU D 175 3.10 21.37 -31.91
N ASP D 176 4.24 20.66 -31.97
N ASP D 176 4.21 20.61 -31.91
CA ASP D 176 4.74 20.10 -33.25
CA ASP D 176 4.86 20.01 -33.11
C ASP D 176 3.59 19.30 -33.86
C ASP D 176 3.87 19.06 -33.80
N TRP D 177 2.92 18.49 -33.04
CA TRP D 177 2.02 17.42 -33.57
C TRP D 177 0.56 17.84 -33.50
N HIS D 178 0.30 19.14 -33.46
CA HIS D 178 -1.05 19.70 -33.32
C HIS D 178 -2.00 19.12 -34.39
N THR D 179 -1.52 18.86 -35.60
CA THR D 179 -2.35 18.37 -36.75
C THR D 179 -1.96 16.96 -37.19
N VAL D 180 -1.26 16.20 -36.37
CA VAL D 180 -0.94 14.79 -36.69
C VAL D 180 -2.11 13.92 -36.22
N VAL D 181 -3.07 13.77 -37.11
CA VAL D 181 -4.33 13.05 -36.77
C VAL D 181 -4.06 11.55 -36.64
N LYS D 182 -4.80 10.94 -35.75
CA LYS D 182 -4.66 9.49 -35.49
C LYS D 182 -5.96 8.99 -34.86
N SER D 183 -6.07 7.68 -34.74
N SER D 183 -6.08 7.68 -34.77
CA SER D 183 -7.31 7.17 -34.12
CA SER D 183 -7.32 7.18 -34.13
C SER D 183 -7.22 7.38 -32.61
C SER D 183 -7.23 7.37 -32.62
N GLY D 184 -8.38 7.66 -32.03
CA GLY D 184 -8.47 7.73 -30.57
C GLY D 184 -8.68 6.30 -30.09
N ARG D 185 -8.31 5.99 -28.87
CA ARG D 185 -8.56 4.64 -28.34
C ARG D 185 -9.19 4.76 -26.95
N THR D 186 -10.32 4.12 -26.76
CA THR D 186 -10.99 4.10 -25.43
C THR D 186 -11.23 2.62 -25.16
N HIS D 187 -10.93 2.17 -23.93
CA HIS D 187 -11.04 0.71 -23.59
C HIS D 187 -10.09 -0.10 -24.47
N LEU D 188 -9.10 0.52 -25.11
CA LEU D 188 -8.14 -0.11 -26.07
C LEU D 188 -8.82 -0.38 -27.42
N MET D 189 -10.08 0.05 -27.59
CA MET D 189 -10.83 -0.14 -28.82
C MET D 189 -10.85 1.13 -29.67
N ASP D 190 -11.06 0.93 -30.98
CA ASP D 190 -11.03 2.02 -31.96
C ASP D 190 -12.08 3.06 -31.58
N ALA D 191 -11.68 4.31 -31.54
CA ALA D 191 -12.61 5.42 -31.27
C ALA D 191 -12.37 6.54 -32.28
N VAL D 192 -13.15 7.58 -32.13
CA VAL D 192 -13.11 8.74 -33.06
C VAL D 192 -11.75 9.40 -33.02
N PRO D 193 -11.40 10.12 -34.11
CA PRO D 193 -10.07 10.70 -34.22
C PRO D 193 -9.70 11.69 -33.12
N VAL D 194 -8.41 11.70 -32.87
CA VAL D 194 -7.72 12.70 -32.03
C VAL D 194 -6.44 13.08 -32.77
N THR D 195 -5.68 13.99 -32.24
CA THR D 195 -4.33 14.21 -32.74
C THR D 195 -3.31 13.79 -31.71
N LEU D 196 -2.14 13.41 -32.18
CA LEU D 196 -1.01 13.11 -31.30
C LEU D 196 -0.71 14.33 -30.44
N GLY D 197 -0.90 15.55 -30.95
CA GLY D 197 -0.61 16.74 -30.17
C GLY D 197 -1.57 16.87 -29.01
N GLN D 198 -2.83 16.53 -29.24
CA GLN D 198 -3.86 16.58 -28.16
C GLN D 198 -3.45 15.62 -27.03
N GLU D 199 -3.02 14.42 -27.39
CA GLU D 199 -2.63 13.45 -26.34
C GLU D 199 -1.44 14.01 -25.56
N PHE D 200 -0.46 14.59 -26.25
CA PHE D 200 0.73 15.16 -25.58
C PHE D 200 0.36 16.36 -24.70
N SER D 201 -0.64 17.14 -25.13
CA SER D 201 -1.17 18.27 -24.33
C SER D 201 -1.74 17.74 -23.00
N GLY D 202 -2.34 16.56 -23.02
CA GLY D 202 -2.81 15.88 -21.81
C GLY D 202 -1.65 15.48 -20.92
N TYR D 203 -0.60 14.84 -21.49
CA TYR D 203 0.58 14.47 -20.70
C TYR D 203 1.15 15.74 -20.08
N ALA D 204 1.30 16.80 -20.88
CA ALA D 204 1.93 18.01 -20.36
C ALA D 204 1.10 18.50 -19.17
N ARG D 205 -0.20 18.57 -19.27
CA ARG D 205 -1.08 19.02 -18.16
C ARG D 205 -0.81 18.13 -16.94
N GLN D 206 -0.66 16.79 -17.09
CA GLN D 206 -0.45 15.94 -15.90
C GLN D 206 0.82 16.39 -15.17
N ILE D 207 1.88 16.70 -15.90
CA ILE D 207 3.15 17.12 -15.26
C ILE D 207 2.98 18.53 -14.67
N GLU D 208 2.29 19.43 -15.35
CA GLU D 208 2.05 20.79 -14.81
C GLU D 208 1.27 20.67 -13.51
N ALA D 209 0.23 19.84 -13.48
CA ALA D 209 -0.54 19.59 -12.25
C ALA D 209 0.39 18.97 -11.19
N GLY D 210 1.34 18.15 -11.56
CA GLY D 210 2.33 17.61 -10.62
C GLY D 210 3.10 18.73 -9.97
N ILE D 211 3.54 19.69 -10.78
CA ILE D 211 4.30 20.84 -10.23
C ILE D 211 3.36 21.58 -9.26
N GLU D 212 2.10 21.77 -9.62
CA GLU D 212 1.14 22.46 -8.71
C GLU D 212 1.01 21.67 -7.38
N ARG D 213 1.01 20.34 -7.46
CA ARG D 213 0.84 19.46 -6.28
C ARG D 213 2.06 19.62 -5.38
N VAL D 214 3.24 19.68 -5.93
CA VAL D 214 4.47 19.87 -5.12
C VAL D 214 4.42 21.25 -4.48
N ARG D 215 4.14 22.29 -5.27
N ARG D 215 4.15 22.29 -5.26
CA ARG D 215 4.08 23.66 -4.71
CA ARG D 215 4.09 23.65 -4.68
C ARG D 215 3.08 23.72 -3.56
C ARG D 215 3.09 23.69 -3.52
N ALA D 216 1.94 23.03 -3.64
CA ALA D 216 0.84 23.08 -2.64
C ALA D 216 1.31 22.49 -1.30
N CYS D 217 2.30 21.63 -1.26
CA CYS D 217 2.72 20.99 0.00
C CYS D 217 3.80 21.83 0.68
N LEU D 218 4.40 22.80 -0.01
CA LEU D 218 5.60 23.49 0.54
C LEU D 218 5.30 24.25 1.83
N PRO D 219 4.10 24.83 2.07
CA PRO D 219 3.87 25.52 3.34
C PRO D 219 4.05 24.63 4.55
N ARG D 220 3.84 23.32 4.39
CA ARG D 220 3.98 22.38 5.54
C ARG D 220 5.28 21.59 5.44
N LEU D 221 5.78 21.30 4.25
CA LEU D 221 7.04 20.55 4.09
C LEU D 221 8.19 21.37 4.66
N GLY D 222 8.13 22.69 4.47
CA GLY D 222 9.21 23.56 4.91
C GLY D 222 9.18 23.91 6.41
N GLU D 223 8.23 23.40 7.20
CA GLU D 223 8.16 23.66 8.65
C GLU D 223 9.32 22.95 9.34
N LEU D 224 10.10 23.69 10.13
CA LEU D 224 11.25 23.13 10.87
C LEU D 224 10.94 23.10 12.37
N ALA D 225 11.38 22.03 13.03
CA ALA D 225 11.18 21.83 14.48
C ALA D 225 12.20 22.58 15.33
N ILE D 226 13.29 23.07 14.75
CA ILE D 226 14.42 23.60 15.55
C ILE D 226 13.90 24.66 16.54
N GLY D 227 14.42 24.60 17.77
CA GLY D 227 13.98 25.45 18.86
C GLY D 227 13.05 24.73 19.81
N GLY D 228 12.45 23.60 19.41
CA GLY D 228 11.48 22.96 20.31
C GLY D 228 12.15 22.04 21.31
N THR D 229 13.44 21.73 21.14
CA THR D 229 14.27 20.91 22.07
C THR D 229 13.57 19.58 22.36
N ALA D 230 13.68 18.99 23.53
CA ALA D 230 13.45 17.53 23.68
C ALA D 230 12.00 17.19 23.40
N VAL D 231 11.05 18.00 23.83
CA VAL D 231 9.62 17.62 23.82
C VAL D 231 8.75 18.65 23.10
N GLY D 232 9.32 19.72 22.57
CA GLY D 232 8.52 20.72 21.88
C GLY D 232 8.32 21.98 22.67
N THR D 233 8.73 22.01 23.96
CA THR D 233 8.48 23.16 24.86
C THR D 233 9.57 24.24 24.67
N GLY D 234 10.72 23.89 24.11
CA GLY D 234 11.81 24.87 23.94
C GLY D 234 12.62 25.04 25.20
N LEU D 235 12.37 24.20 26.20
CA LEU D 235 13.23 24.19 27.43
C LEU D 235 14.69 24.05 27.03
N ASN D 236 15.56 24.90 27.61
CA ASN D 236 17.01 24.88 27.41
C ASN D 236 17.39 25.50 26.04
N ALA D 237 16.46 26.17 25.35
CA ALA D 237 16.78 26.97 24.17
C ALA D 237 16.33 28.39 24.42
N PRO D 238 17.00 29.37 23.82
CA PRO D 238 16.43 30.73 23.73
C PRO D 238 15.01 30.70 23.16
N ASP D 239 14.15 31.58 23.66
CA ASP D 239 12.73 31.68 23.19
C ASP D 239 12.68 31.93 21.68
N ASP D 240 13.63 32.63 21.11
CA ASP D 240 13.55 32.98 19.67
C ASP D 240 14.56 32.16 18.86
N PHE D 241 15.03 31.04 19.41
CA PHE D 241 16.06 30.20 18.75
C PHE D 241 15.60 29.81 17.33
N GLY D 242 14.39 29.23 17.24
CA GLY D 242 13.88 28.67 15.97
C GLY D 242 13.78 29.76 14.93
N VAL D 243 13.13 30.87 15.26
N VAL D 243 13.15 30.88 15.26
CA VAL D 243 12.97 31.99 14.29
CA VAL D 243 12.99 31.99 14.26
C VAL D 243 14.35 32.49 13.83
C VAL D 243 14.36 32.49 13.82
N ARG D 244 15.34 32.64 14.74
CA ARG D 244 16.67 33.15 14.36
C ARG D 244 17.38 32.12 13.47
N VAL D 245 17.30 30.83 13.82
CA VAL D 245 18.00 29.77 13.03
C VAL D 245 17.36 29.71 11.63
N VAL D 246 16.05 29.78 11.55
CA VAL D 246 15.39 29.70 10.24
C VAL D 246 15.85 30.89 9.39
N ALA D 247 15.91 32.10 9.95
CA ALA D 247 16.37 33.26 9.15
C ALA D 247 17.77 33.00 8.61
N VAL D 248 18.70 32.50 9.41
CA VAL D 248 20.09 32.20 8.94
C VAL D 248 20.02 31.16 7.82
N LEU D 249 19.24 30.09 7.99
CA LEU D 249 19.16 29.06 6.92
C LEU D 249 18.53 29.65 5.64
N VAL D 250 17.48 30.44 5.73
CA VAL D 250 16.86 31.06 4.53
C VAL D 250 17.93 31.92 3.85
N ALA D 251 18.68 32.74 4.61
CA ALA D 251 19.69 33.64 4.00
C ALA D 251 20.79 32.83 3.31
N GLN D 252 21.21 31.72 3.91
CA GLN D 252 22.37 30.96 3.38
C GLN D 252 21.97 30.05 2.20
N THR D 253 20.76 29.50 2.22
CA THR D 253 20.31 28.53 1.18
C THR D 253 19.52 29.23 0.06
N GLY D 254 18.93 30.40 0.32
CA GLY D 254 18.00 31.04 -0.60
C GLY D 254 16.63 30.36 -0.63
N LEU D 255 16.35 29.43 0.31
CA LEU D 255 15.08 28.67 0.35
C LEU D 255 14.09 29.43 1.23
N SER D 256 13.34 30.33 0.62
CA SER D 256 12.29 31.13 1.31
C SER D 256 11.14 30.26 1.84
N GLU D 257 11.08 28.99 1.41
CA GLU D 257 10.02 28.06 1.85
C GLU D 257 10.31 27.53 3.24
N LEU D 258 11.54 27.65 3.76
CA LEU D 258 11.81 27.17 5.14
C LEU D 258 11.08 28.08 6.13
N ARG D 259 10.43 27.51 7.14
CA ARG D 259 9.71 28.32 8.13
C ARG D 259 9.74 27.61 9.49
N THR D 260 9.53 28.39 10.55
N THR D 260 9.54 28.38 10.56
CA THR D 260 9.27 27.86 11.89
CA THR D 260 9.37 27.80 11.91
C THR D 260 8.02 26.98 11.83
C THR D 260 8.02 27.10 11.97
N ALA D 261 7.93 25.99 12.70
CA ALA D 261 6.67 25.21 12.80
C ALA D 261 5.52 26.09 13.29
N ALA D 262 4.32 25.88 12.77
CA ALA D 262 3.09 26.53 13.27
C ALA D 262 2.88 26.10 14.73
N ASN D 263 3.14 24.84 15.05
CA ASN D 263 2.94 24.31 16.42
C ASN D 263 4.13 23.40 16.73
N SER D 264 4.90 23.75 17.74
CA SER D 264 6.17 23.06 18.05
C SER D 264 5.93 21.62 18.50
N PHE D 265 4.74 21.28 19.04
CA PHE D 265 4.40 19.92 19.50
C PHE D 265 4.09 19.07 18.28
N GLU D 266 3.29 19.60 17.36
CA GLU D 266 2.97 18.88 16.12
C GLU D 266 4.27 18.58 15.38
N ALA D 267 5.22 19.49 15.39
CA ALA D 267 6.42 19.39 14.54
C ALA D 267 7.36 18.30 15.03
N GLN D 268 7.13 17.78 16.24
CA GLN D 268 8.04 16.75 16.79
C GLN D 268 7.30 15.44 17.06
N ALA D 269 6.02 15.54 17.41
CA ALA D 269 5.16 14.37 17.65
C ALA D 269 4.77 13.73 16.32
N ALA D 270 4.83 14.48 15.23
CA ALA D 270 4.40 13.96 13.91
C ALA D 270 5.33 14.42 12.81
N ARG D 271 5.34 13.66 11.72
CA ARG D 271 6.08 13.99 10.48
C ARG D 271 5.05 14.04 9.37
N ASP D 272 3.88 14.59 9.66
CA ASP D 272 2.77 14.65 8.67
C ASP D 272 3.17 15.39 7.38
N GLY D 273 4.08 16.35 7.43
CA GLY D 273 4.53 17.10 6.25
C GLY D 273 5.25 16.17 5.29
N LEU D 274 5.95 15.16 5.79
CA LEU D 274 6.62 14.17 4.89
C LEU D 274 5.57 13.28 4.26
N VAL D 275 4.57 12.86 5.04
CA VAL D 275 3.49 12.01 4.51
C VAL D 275 2.75 12.80 3.40
N GLU D 276 2.42 14.07 3.67
CA GLU D 276 1.74 14.89 2.66
C GLU D 276 2.58 14.97 1.39
N ALA D 277 3.85 15.29 1.53
CA ALA D 277 4.74 15.48 0.36
C ALA D 277 4.86 14.16 -0.40
N SER D 278 4.98 13.05 0.30
CA SER D 278 5.06 11.73 -0.38
C SER D 278 3.81 11.52 -1.21
N GLY D 279 2.64 11.91 -0.74
CA GLY D 279 1.40 11.84 -1.52
C GLY D 279 1.52 12.58 -2.82
N ALA D 280 2.10 13.77 -2.85
CA ALA D 280 2.32 14.51 -4.11
C ALA D 280 3.27 13.70 -5.03
N LEU D 281 4.34 13.17 -4.47
CA LEU D 281 5.30 12.39 -5.28
C LEU D 281 4.60 11.14 -5.84
N ARG D 282 3.77 10.49 -5.03
CA ARG D 282 3.02 9.30 -5.47
C ARG D 282 2.09 9.67 -6.62
N THR D 283 1.41 10.83 -6.55
CA THR D 283 0.52 11.27 -7.64
C THR D 283 1.36 11.49 -8.90
N ILE D 284 2.54 12.07 -8.78
CA ILE D 284 3.44 12.24 -9.94
C ILE D 284 3.82 10.88 -10.51
N ALA D 285 4.10 9.91 -9.66
CA ALA D 285 4.45 8.55 -10.10
C ALA D 285 3.27 7.96 -10.86
N VAL D 286 2.04 8.17 -10.41
CA VAL D 286 0.83 7.65 -11.10
C VAL D 286 0.74 8.31 -12.47
N SER D 287 0.96 9.63 -12.56
CA SER D 287 0.95 10.35 -13.86
C SER D 287 2.04 9.80 -14.78
N LEU D 288 3.23 9.69 -14.28
CA LEU D 288 4.38 9.23 -15.09
C LEU D 288 4.12 7.81 -15.60
N THR D 289 3.50 6.95 -14.80
CA THR D 289 3.17 5.57 -15.24
C THR D 289 2.28 5.62 -16.49
N LYS D 290 1.21 6.41 -16.48
CA LYS D 290 0.30 6.54 -17.64
C LYS D 290 1.04 7.12 -18.84
N ILE D 291 1.88 8.12 -18.63
CA ILE D 291 2.57 8.76 -19.79
C ILE D 291 3.58 7.75 -20.39
N ALA D 292 4.40 7.15 -19.54
CA ALA D 292 5.43 6.17 -19.99
C ALA D 292 4.76 4.95 -20.65
N ASN D 293 3.65 4.46 -20.11
N ASN D 293 3.64 4.47 -20.11
CA ASN D 293 2.96 3.28 -20.69
CA ASN D 293 2.98 3.27 -20.68
C ASN D 293 2.37 3.60 -22.06
C ASN D 293 2.37 3.60 -22.06
N ASP D 294 1.83 4.81 -22.20
CA ASP D 294 1.27 5.17 -23.53
C ASP D 294 2.44 5.26 -24.52
N ILE D 295 3.55 5.85 -24.14
CA ILE D 295 4.70 6.02 -25.07
C ILE D 295 5.28 4.68 -25.51
N ARG D 296 5.46 3.75 -24.59
CA ARG D 296 5.99 2.43 -25.03
C ARG D 296 4.99 1.70 -25.92
N TRP D 297 3.69 1.79 -25.60
CA TRP D 297 2.67 1.19 -26.50
C TRP D 297 2.68 1.87 -27.87
N MET D 298 2.81 3.21 -27.89
N MET D 298 2.82 3.20 -27.90
CA MET D 298 2.86 3.94 -29.19
CA MET D 298 2.88 3.92 -29.20
C MET D 298 4.11 3.47 -29.98
C MET D 298 4.12 3.46 -29.98
N GLY D 299 5.23 3.20 -29.30
CA GLY D 299 6.44 2.75 -30.01
C GLY D 299 6.49 1.25 -30.26
N SER D 300 5.46 0.50 -29.92
CA SER D 300 5.51 -0.99 -29.92
C SER D 300 5.63 -1.51 -31.36
N GLY D 301 6.26 -2.67 -31.50
CA GLY D 301 6.31 -3.42 -32.76
C GLY D 301 7.74 -3.68 -33.18
N PRO D 302 8.12 -3.35 -34.43
CA PRO D 302 7.26 -2.57 -35.33
C PRO D 302 6.32 -3.34 -36.26
N LEU D 303 6.26 -4.68 -36.27
CA LEU D 303 5.22 -5.39 -37.07
C LEU D 303 4.04 -5.82 -36.23
N THR D 304 4.24 -6.15 -34.95
CA THR D 304 3.23 -6.80 -34.07
C THR D 304 2.54 -5.76 -33.18
N GLY D 305 2.98 -4.51 -33.28
CA GLY D 305 2.50 -3.50 -32.34
C GLY D 305 1.73 -2.36 -32.98
N LEU D 306 1.73 -1.22 -32.32
CA LEU D 306 0.97 -0.05 -32.81
C LEU D 306 1.79 0.73 -33.84
N ALA D 307 3.10 0.81 -33.63
CA ALA D 307 4.07 1.49 -34.54
C ALA D 307 3.68 2.94 -34.84
N GLU D 308 3.14 3.65 -33.86
CA GLU D 308 2.72 5.07 -33.99
C GLU D 308 3.90 6.03 -34.00
N ILE D 309 4.90 5.80 -33.14
CA ILE D 309 6.08 6.68 -33.02
C ILE D 309 7.36 5.83 -32.99
N GLN D 310 8.44 6.46 -33.17
N GLN D 310 8.44 6.45 -33.17
CA GLN D 310 9.78 5.84 -32.99
CA GLN D 310 9.77 5.83 -32.98
C GLN D 310 10.47 6.49 -31.78
C GLN D 310 10.48 6.48 -31.79
N LEU D 311 10.97 5.67 -30.86
CA LEU D 311 11.72 6.18 -29.69
C LEU D 311 13.20 6.23 -30.07
N PRO D 312 13.95 7.22 -29.58
CA PRO D 312 15.39 7.22 -29.79
C PRO D 312 16.04 5.98 -29.17
N ASP D 313 16.99 5.44 -29.92
CA ASP D 313 17.76 4.24 -29.54
C ASP D 313 18.85 4.66 -28.54
N LEU D 314 18.94 3.94 -27.43
CA LEU D 314 19.91 4.18 -26.33
C LEU D 314 20.75 2.91 -26.14
N LYS D 324 14.55 -1.99 -34.31
CA LYS D 324 13.77 -2.51 -33.15
C LYS D 324 14.40 -2.01 -31.83
N VAL D 325 13.95 -0.86 -31.37
CA VAL D 325 14.44 -0.15 -30.17
C VAL D 325 13.60 -0.56 -28.96
N ASN D 326 14.20 -1.10 -27.91
CA ASN D 326 13.44 -1.36 -26.66
C ASN D 326 13.17 -0.01 -25.95
N PRO D 327 11.98 0.16 -25.35
CA PRO D 327 11.59 1.40 -24.68
C PRO D 327 12.25 1.45 -23.30
N VAL D 328 13.57 1.60 -23.25
CA VAL D 328 14.31 1.44 -21.99
C VAL D 328 14.00 2.62 -21.07
N LEU D 329 13.81 3.86 -21.57
CA LEU D 329 13.51 4.96 -20.62
C LEU D 329 12.08 4.86 -20.11
N PRO D 330 11.03 4.52 -20.89
CA PRO D 330 9.74 4.16 -20.28
C PRO D 330 9.82 3.08 -19.20
N GLU D 331 10.67 2.09 -19.36
CA GLU D 331 10.80 1.01 -18.37
C GLU D 331 11.46 1.59 -17.11
N ALA D 332 12.48 2.43 -17.26
CA ALA D 332 13.11 3.03 -16.05
C ALA D 332 12.06 3.87 -15.34
N VAL D 333 11.30 4.68 -16.07
CA VAL D 333 10.27 5.55 -15.46
C VAL D 333 9.27 4.68 -14.68
N THR D 334 8.69 3.65 -15.31
CA THR D 334 7.65 2.81 -14.64
C THR D 334 8.25 2.09 -13.44
N GLN D 335 9.51 1.68 -13.49
CA GLN D 335 10.20 1.04 -12.35
C GLN D 335 10.40 2.07 -11.21
N VAL D 336 10.83 3.27 -11.54
CA VAL D 336 10.92 4.37 -10.56
C VAL D 336 9.54 4.64 -9.95
N ALA D 337 8.48 4.66 -10.75
CA ALA D 337 7.14 4.95 -10.22
C ALA D 337 6.78 3.86 -9.19
N ALA D 338 7.08 2.59 -9.47
CA ALA D 338 6.78 1.48 -8.51
C ALA D 338 7.53 1.75 -7.22
N GLN D 339 8.78 2.15 -7.32
CA GLN D 339 9.59 2.40 -6.12
C GLN D 339 8.97 3.54 -5.31
N VAL D 340 8.52 4.62 -5.95
CA VAL D 340 7.94 5.78 -5.23
C VAL D 340 6.66 5.30 -4.52
N ILE D 341 5.85 4.49 -5.18
CA ILE D 341 4.60 3.91 -4.56
C ILE D 341 4.98 3.09 -3.31
N GLY D 342 6.04 2.27 -3.37
CA GLY D 342 6.46 1.49 -2.18
C GLY D 342 7.03 2.37 -1.08
N ASN D 343 7.87 3.33 -1.46
CA ASN D 343 8.45 4.25 -0.48
C ASN D 343 7.32 5.04 0.18
N ASP D 344 6.29 5.42 -0.56
CA ASP D 344 5.15 6.17 -0.01
C ASP D 344 4.41 5.35 1.05
N ALA D 345 4.25 4.04 0.85
CA ALA D 345 3.60 3.20 1.85
C ALA D 345 4.47 3.12 3.12
N ALA D 346 5.78 3.04 3.00
CA ALA D 346 6.69 3.02 4.18
C ALA D 346 6.58 4.33 4.96
N ILE D 347 6.54 5.45 4.25
CA ILE D 347 6.47 6.78 4.88
C ILE D 347 5.19 6.89 5.70
N ALA D 348 4.08 6.54 5.14
CA ALA D 348 2.78 6.69 5.84
C ALA D 348 2.75 5.77 7.06
N TRP D 349 3.30 4.56 6.92
CA TRP D 349 3.34 3.61 8.05
C TRP D 349 4.13 4.26 9.21
N GLY D 350 5.30 4.82 8.91
CA GLY D 350 6.08 5.50 9.95
C GLY D 350 5.32 6.70 10.49
N GLY D 351 4.74 7.49 9.61
CA GLY D 351 4.01 8.70 10.00
C GLY D 351 2.94 8.43 11.03
N ALA D 352 2.25 7.30 10.91
CA ALA D 352 1.07 7.03 11.75
C ALA D 352 1.49 6.62 13.14
N ASN D 353 2.71 6.14 13.27
CA ASN D 353 3.13 5.39 14.48
C ASN D 353 3.95 6.21 15.47
N GLY D 354 3.73 7.52 15.53
CA GLY D 354 4.35 8.39 16.55
C GLY D 354 3.70 8.19 17.91
N ALA D 355 4.40 8.51 18.98
CA ALA D 355 3.75 8.35 20.30
C ALA D 355 4.05 9.59 21.13
N PHE D 356 3.02 10.20 21.70
CA PHE D 356 3.25 11.32 22.63
C PHE D 356 4.10 12.41 21.98
N GLU D 357 5.22 12.73 22.60
CA GLU D 357 6.01 13.90 22.17
C GLU D 357 6.93 13.63 20.99
N LEU D 358 7.07 12.37 20.54
CA LEU D 358 8.06 12.16 19.46
C LEU D 358 7.67 11.05 18.48
N ASN D 359 7.84 11.33 17.19
CA ASN D 359 7.68 10.27 16.16
C ASN D 359 9.08 9.69 15.95
N VAL D 360 9.24 8.41 16.25
CA VAL D 360 10.55 7.73 16.20
C VAL D 360 10.71 6.88 14.94
N TYR D 361 10.21 7.37 13.80
CA TYR D 361 10.42 6.67 12.51
C TYR D 361 11.20 7.57 11.56
N ILE D 362 11.86 8.59 12.06
CA ILE D 362 12.32 9.70 11.22
C ILE D 362 13.42 9.21 10.28
N PRO D 363 14.45 8.44 10.70
CA PRO D 363 15.48 8.03 9.75
C PRO D 363 14.91 7.26 8.55
N MET D 364 14.00 6.34 8.83
CA MET D 364 13.36 5.56 7.75
C MET D 364 12.51 6.46 6.87
N MET D 365 11.69 7.34 7.43
CA MET D 365 10.85 8.24 6.59
C MET D 365 11.77 9.09 5.72
N ALA D 366 12.83 9.62 6.31
CA ALA D 366 13.80 10.50 5.63
C ALA D 366 14.41 9.73 4.45
N ARG D 367 14.87 8.50 4.67
CA ARG D 367 15.49 7.73 3.57
C ARG D 367 14.48 7.64 2.41
N ASN D 368 13.24 7.27 2.72
CA ASN D 368 12.24 6.98 1.67
C ASN D 368 11.84 8.27 0.94
N ILE D 369 11.54 9.35 1.64
N ILE D 369 11.53 9.35 1.67
CA ILE D 369 11.08 10.55 0.90
CA ILE D 369 11.06 10.60 1.02
C ILE D 369 12.25 11.13 0.10
C ILE D 369 12.20 11.18 0.17
N LEU D 370 13.44 11.18 0.66
CA LEU D 370 14.59 11.75 -0.09
C LEU D 370 14.93 10.90 -1.29
N GLU D 371 14.82 9.58 -1.17
CA GLU D 371 15.01 8.76 -2.36
C GLU D 371 13.91 9.05 -3.38
N SER D 372 12.67 9.14 -2.98
CA SER D 372 11.56 9.38 -3.96
C SER D 372 11.82 10.70 -4.70
N PHE D 373 12.22 11.74 -3.99
CA PHE D 373 12.56 13.03 -4.67
C PHE D 373 13.69 12.79 -5.67
N LYS D 374 14.76 12.11 -5.30
CA LYS D 374 15.93 11.92 -6.18
C LYS D 374 15.54 11.13 -7.43
N LEU D 375 14.84 10.02 -7.24
CA LEU D 375 14.49 9.16 -8.37
C LEU D 375 13.62 9.95 -9.34
N LEU D 376 12.63 10.66 -8.84
CA LEU D 376 11.71 11.40 -9.74
C LEU D 376 12.49 12.49 -10.47
N THR D 377 13.38 13.19 -9.77
CA THR D 377 14.14 14.30 -10.36
C THR D 377 14.96 13.71 -11.50
N ASN D 378 15.73 12.67 -11.20
CA ASN D 378 16.71 12.14 -12.19
C ASN D 378 15.98 11.52 -13.39
N VAL D 379 15.01 10.67 -13.15
CA VAL D 379 14.32 10.00 -14.29
C VAL D 379 13.49 11.00 -15.09
N SER D 380 12.92 12.04 -14.51
CA SER D 380 12.16 13.05 -15.27
C SER D 380 13.10 13.74 -16.26
N ARG D 381 14.28 14.15 -15.81
CA ARG D 381 15.21 14.85 -16.71
C ARG D 381 15.65 13.90 -17.81
N LEU D 382 15.98 12.64 -17.48
CA LEU D 382 16.42 11.67 -18.51
C LEU D 382 15.27 11.42 -19.51
N PHE D 383 14.06 11.25 -19.02
CA PHE D 383 12.87 10.94 -19.85
C PHE D 383 12.72 12.11 -20.84
N ALA D 384 12.81 13.34 -20.33
CA ALA D 384 12.61 14.56 -21.14
C ALA D 384 13.65 14.62 -22.25
N GLN D 385 14.92 14.43 -21.90
CA GLN D 385 16.06 14.77 -22.78
C GLN D 385 16.29 13.62 -23.76
N ARG D 386 16.20 12.38 -23.29
CA ARG D 386 16.69 11.22 -24.05
C ARG D 386 15.56 10.37 -24.61
N CYS D 387 14.32 10.69 -24.29
CA CYS D 387 13.16 9.98 -24.88
C CYS D 387 12.24 11.01 -25.55
N ILE D 388 11.58 11.90 -24.80
CA ILE D 388 10.50 12.76 -25.33
C ILE D 388 11.05 13.64 -26.45
N ALA D 389 12.17 14.32 -26.22
CA ALA D 389 12.70 15.33 -27.18
C ALA D 389 12.97 14.68 -28.54
N GLY D 390 13.38 13.42 -28.58
CA GLY D 390 13.77 12.75 -29.82
C GLY D 390 12.68 11.92 -30.47
N LEU D 391 11.48 11.82 -29.89
CA LEU D 391 10.40 10.99 -30.49
C LEU D 391 10.17 11.47 -31.93
N THR D 392 9.90 10.53 -32.81
CA THR D 392 9.42 10.86 -34.17
C THR D 392 8.08 10.16 -34.44
N ALA D 393 7.14 10.91 -34.97
CA ALA D 393 5.80 10.41 -35.36
C ALA D 393 5.84 9.74 -36.73
N ASN D 394 5.10 8.63 -36.88
CA ASN D 394 4.91 7.93 -38.17
C ASN D 394 3.63 8.50 -38.80
N VAL D 395 3.75 9.70 -39.37
CA VAL D 395 2.61 10.58 -39.70
C VAL D 395 1.65 9.85 -40.66
N GLU D 396 2.18 9.20 -41.70
CA GLU D 396 1.32 8.55 -42.73
C GLU D 396 0.60 7.38 -42.07
N HIS D 397 1.30 6.57 -41.29
CA HIS D 397 0.67 5.44 -40.55
C HIS D 397 -0.47 5.98 -39.69
N LEU D 398 -0.21 7.05 -38.93
CA LEU D 398 -1.21 7.59 -38.01
C LEU D 398 -2.43 8.07 -38.79
N ARG D 399 -2.23 8.72 -39.93
CA ARG D 399 -3.39 9.16 -40.73
C ARG D 399 -4.19 7.95 -41.26
N ARG D 400 -3.50 6.89 -41.65
CA ARG D 400 -4.20 5.65 -42.10
C ARG D 400 -5.01 5.09 -40.92
N LEU D 401 -4.52 5.20 -39.67
CA LEU D 401 -5.34 4.74 -38.51
C LEU D 401 -6.54 5.66 -38.31
N ALA D 402 -6.37 6.98 -38.40
CA ALA D 402 -7.48 7.93 -38.27
C ALA D 402 -8.55 7.60 -39.33
N GLU D 403 -8.12 7.34 -40.56
CA GLU D 403 -9.06 7.02 -41.67
C GLU D 403 -9.69 5.63 -41.50
N SER D 404 -9.35 4.91 -40.44
CA SER D 404 -10.01 3.64 -40.12
C SER D 404 -10.85 3.75 -38.85
N SER D 405 -10.83 4.91 -38.16
CA SER D 405 -11.64 5.17 -36.94
C SER D 405 -13.12 5.14 -37.32
N PRO D 406 -14.02 4.88 -36.37
CA PRO D 406 -15.44 5.05 -36.61
C PRO D 406 -15.71 6.53 -36.94
N SER D 407 -16.70 6.75 -37.77
CA SER D 407 -17.19 8.10 -38.08
C SER D 407 -18.58 8.25 -37.47
N ILE D 408 -19.13 9.45 -37.51
CA ILE D 408 -20.50 9.78 -37.04
C ILE D 408 -21.28 10.52 -38.14
N VAL D 409 -22.62 10.55 -38.04
CA VAL D 409 -23.52 11.13 -39.09
C VAL D 409 -23.82 12.62 -38.82
N THR D 410 -23.61 13.10 -37.59
CA THR D 410 -23.94 14.48 -37.15
C THR D 410 -23.49 15.52 -38.18
N PRO D 411 -22.24 15.48 -38.68
CA PRO D 411 -21.74 16.47 -39.65
C PRO D 411 -22.44 16.44 -41.02
N LEU D 412 -23.42 15.54 -41.21
CA LEU D 412 -24.25 15.45 -42.44
C LEU D 412 -25.64 16.06 -42.19
N ASN D 413 -26.02 16.32 -40.93
CA ASN D 413 -27.39 16.78 -40.55
C ASN D 413 -27.83 17.93 -41.45
N SER D 414 -27.03 18.97 -41.61
CA SER D 414 -27.43 20.21 -42.34
C SER D 414 -27.74 19.85 -43.81
N ALA D 415 -27.16 18.78 -44.34
CA ALA D 415 -27.22 18.41 -45.77
C ALA D 415 -28.40 17.47 -46.08
N ILE D 416 -28.67 16.49 -45.21
CA ILE D 416 -29.63 15.37 -45.50
C ILE D 416 -30.71 15.32 -44.41
N GLY D 417 -30.61 16.17 -43.39
CA GLY D 417 -31.60 16.26 -42.31
C GLY D 417 -31.45 15.15 -41.30
N TYR D 418 -31.95 15.41 -40.08
CA TYR D 418 -31.86 14.58 -38.86
C TYR D 418 -32.27 13.14 -39.16
N GLU D 419 -33.28 12.97 -40.03
CA GLU D 419 -33.98 11.68 -40.22
C GLU D 419 -33.20 10.79 -41.20
N GLU D 420 -32.73 11.32 -42.34
CA GLU D 420 -31.89 10.55 -43.31
C GLU D 420 -30.58 10.14 -42.62
N ALA D 421 -29.93 11.09 -41.94
CA ALA D 421 -28.74 10.83 -41.10
C ALA D 421 -29.00 9.62 -40.21
N ALA D 422 -30.10 9.63 -39.44
CA ALA D 422 -30.47 8.55 -38.51
C ALA D 422 -30.60 7.23 -39.28
N ALA D 423 -31.12 7.28 -40.52
CA ALA D 423 -31.26 6.10 -41.42
C ALA D 423 -29.89 5.65 -41.94
N VAL D 424 -28.98 6.59 -42.24
CA VAL D 424 -27.59 6.26 -42.62
C VAL D 424 -26.92 5.56 -41.44
N ALA D 425 -27.12 6.07 -40.22
CA ALA D 425 -26.51 5.51 -39.00
C ALA D 425 -27.01 4.07 -38.83
N LYS D 426 -28.33 3.86 -38.97
CA LYS D 426 -28.94 2.54 -38.71
C LYS D 426 -28.37 1.54 -39.71
N GLN D 427 -28.38 1.87 -40.99
CA GLN D 427 -27.94 0.94 -42.08
C GLN D 427 -26.42 0.68 -41.98
N ALA D 428 -25.61 1.68 -41.64
CA ALA D 428 -24.15 1.51 -41.48
C ALA D 428 -23.91 0.45 -40.37
N LEU D 429 -24.65 0.54 -39.27
CA LEU D 429 -24.53 -0.42 -38.15
C LEU D 429 -24.97 -1.82 -38.61
N LYS D 430 -26.15 -1.93 -39.21
CA LYS D 430 -26.75 -3.23 -39.63
C LYS D 430 -25.84 -3.92 -40.65
N GLU D 431 -25.22 -3.18 -41.56
CA GLU D 431 -24.51 -3.77 -42.73
C GLU D 431 -22.99 -3.78 -42.48
N ARG D 432 -22.54 -3.24 -41.33
CA ARG D 432 -21.12 -3.17 -40.95
C ARG D 432 -20.36 -2.41 -42.03
N LYS D 433 -20.92 -1.26 -42.41
CA LYS D 433 -20.34 -0.38 -43.46
C LYS D 433 -19.87 0.91 -42.78
N THR D 434 -18.99 1.64 -43.44
CA THR D 434 -18.62 3.01 -42.98
C THR D 434 -19.82 3.91 -43.22
N ILE D 435 -19.81 5.07 -42.61
CA ILE D 435 -20.82 6.12 -42.87
C ILE D 435 -20.64 6.56 -44.32
N ARG D 436 -19.40 6.80 -44.73
CA ARG D 436 -19.14 7.33 -46.08
C ARG D 436 -19.77 6.40 -47.13
N GLN D 437 -19.46 5.10 -47.07
CA GLN D 437 -19.91 4.13 -48.10
C GLN D 437 -21.43 4.01 -48.05
N THR D 438 -22.01 4.06 -46.84
CA THR D 438 -23.46 3.93 -46.60
C THR D 438 -24.15 5.11 -47.29
N VAL D 439 -23.60 6.32 -47.20
CA VAL D 439 -24.19 7.53 -47.87
C VAL D 439 -24.19 7.30 -49.38
N ILE D 440 -23.07 6.84 -49.92
CA ILE D 440 -22.90 6.55 -51.38
C ILE D 440 -23.89 5.46 -51.82
N ASP D 441 -23.91 4.31 -51.13
CA ASP D 441 -24.79 3.15 -51.46
C ASP D 441 -26.26 3.56 -51.40
N ARG D 442 -26.68 4.47 -50.51
CA ARG D 442 -28.09 4.94 -50.42
C ARG D 442 -28.37 5.98 -51.51
N GLY D 443 -27.46 6.20 -52.45
CA GLY D 443 -27.66 7.13 -53.58
C GLY D 443 -27.85 8.59 -53.15
N LEU D 444 -27.17 9.06 -52.09
CA LEU D 444 -27.45 10.39 -51.49
C LEU D 444 -26.57 11.46 -52.12
N ILE D 445 -25.56 11.07 -52.90
CA ILE D 445 -24.73 12.03 -53.68
C ILE D 445 -25.64 12.66 -54.75
N GLY D 446 -25.76 13.99 -54.74
CA GLY D 446 -26.72 14.80 -55.52
C GLY D 446 -26.51 16.28 -55.26
N ASP D 447 -27.53 17.11 -55.52
CA ASP D 447 -27.47 18.59 -55.38
C ASP D 447 -27.38 18.98 -53.89
N ARG D 448 -27.98 18.16 -53.01
CA ARG D 448 -28.06 18.38 -51.54
C ARG D 448 -26.69 18.10 -50.89
N LEU D 449 -25.84 17.29 -51.53
CA LEU D 449 -24.58 16.77 -50.92
C LEU D 449 -23.68 16.20 -52.02
N SER D 450 -22.64 16.93 -52.40
CA SER D 450 -21.62 16.44 -53.35
C SER D 450 -20.68 15.47 -52.62
N ILE D 451 -19.82 14.81 -53.39
CA ILE D 451 -18.72 13.98 -52.83
C ILE D 451 -17.78 14.91 -52.04
N GLU D 452 -17.40 16.07 -52.61
CA GLU D 452 -16.52 17.06 -51.93
C GLU D 452 -17.13 17.35 -50.57
N ASP D 453 -18.42 17.67 -50.50
CA ASP D 453 -19.09 18.11 -49.27
C ASP D 453 -19.15 16.91 -48.29
N LEU D 454 -19.34 15.70 -48.80
CA LEU D 454 -19.30 14.48 -47.94
C LEU D 454 -17.91 14.40 -47.28
N ASP D 455 -16.87 14.52 -48.10
CA ASP D 455 -15.45 14.33 -47.70
C ASP D 455 -15.00 15.46 -46.78
N ARG D 456 -15.50 16.68 -46.96
CA ARG D 456 -15.16 17.83 -46.07
C ARG D 456 -15.87 17.63 -44.72
N ARG D 457 -17.13 17.19 -44.73
CA ARG D 457 -17.96 17.02 -43.52
C ARG D 457 -17.37 15.91 -42.64
N LEU D 458 -16.78 14.86 -43.24
CA LEU D 458 -16.33 13.63 -42.51
C LEU D 458 -14.82 13.66 -42.32
N ASP D 459 -14.16 14.77 -42.68
CA ASP D 459 -12.68 14.86 -42.67
C ASP D 459 -12.16 14.52 -41.25
N VAL D 460 -11.21 13.58 -41.15
CA VAL D 460 -10.78 13.01 -39.83
C VAL D 460 -10.09 14.11 -39.02
N LEU D 461 -9.31 14.99 -39.64
CA LEU D 461 -8.67 16.09 -38.88
C LEU D 461 -9.77 17.04 -38.36
N ALA D 462 -10.79 17.36 -39.17
CA ALA D 462 -11.95 18.15 -38.68
C ALA D 462 -12.65 17.43 -37.52
N MET D 463 -12.81 16.11 -37.59
CA MET D 463 -13.49 15.34 -36.53
C MET D 463 -12.67 15.42 -35.23
N ALA D 464 -11.35 15.60 -35.31
CA ALA D 464 -10.49 15.73 -34.10
C ALA D 464 -10.67 17.12 -33.47
N LYS D 465 -11.26 18.12 -34.16
CA LYS D 465 -11.53 19.46 -33.60
C LYS D 465 -10.25 20.07 -33.02
N ALA D 466 -9.13 20.05 -33.75
CA ALA D 466 -7.83 20.56 -33.25
C ALA D 466 -7.87 22.10 -33.14
O3 KZT E . -1.27 1.30 42.42
C4 KZT E . 1.70 1.38 36.00
C5 KZT E . 2.64 1.96 39.44
C6 KZT E . 5.04 2.24 40.00
N1 KZT E . 9.84 1.73 41.65
C7 KZT E . 6.29 2.92 39.50
C8 KZT E . 7.52 2.46 40.25
N2 KZT E . 0.93 1.08 43.50
C9 KZT E . 8.11 3.32 41.14
C10 KZT E . 9.26 2.90 41.81
C11 KZT E . 9.28 0.87 40.74
C12 KZT E . 8.13 1.19 40.00
C13 KZT E . 7.69 0.29 39.01
C14 KZT E . 8.35 -0.91 38.81
C15 KZT E . 9.46 -1.23 39.55
S KZT E . 0.02 1.90 42.46
O KZT E . 0.15 3.28 42.80
C23 KZT E . 1.34 1.71 44.76
C22 KZT E . 2.82 1.65 45.00
C21 KZT E . 3.22 0.35 45.65
C20 KZT E . 2.66 -0.95 45.06
C19 KZT E . 2.23 -0.98 43.60
C18 KZT E . 0.84 -0.40 43.42
C KZT E . 0.76 1.65 40.89
C17 KZT E . 2.09 1.98 40.72
C3 KZT E . 1.84 1.57 38.38
O1 KZT E . 2.49 1.54 37.17
C2 KZT E . 0.52 1.19 38.57
C1 KZT E . -0.03 1.23 39.83
N KZT E . 4.01 2.19 39.14
O2 KZT E . 4.99 1.76 41.13
C16 KZT E . 9.95 -0.37 40.50
O3 KZT F . 3.85 4.39 42.62
C4 KZT F . 1.79 5.01 35.65
C5 KZT F . 1.01 5.01 39.24
C6 KZT F . -1.30 4.91 40.00
N1 KZT F . -5.98 5.53 41.94
C7 KZT F . -2.58 4.15 39.67
C8 KZT F . -3.78 4.65 40.43
N2 KZT F . 3.03 6.66 42.97
C9 KZT F . -4.25 3.93 41.49
C10 KZT F . -5.33 4.41 42.21
C11 KZT F . -5.54 6.27 40.88
C12 KZT F . -4.43 5.86 40.08
C13 KZT F . -4.05 6.67 38.98
C14 KZT F . -4.71 7.83 38.70
C15 KZT F . -5.77 8.24 39.50
S KZT F . 3.87 5.68 42.00
O KZT F . 5.13 6.31 41.74
C23 KZT F . 2.08 5.98 43.86
C22 KZT F . 1.84 6.69 45.18
C21 KZT F . 0.83 7.80 45.03
C20 KZT F . 1.29 9.02 44.22
C19 KZT F . 1.62 8.74 42.79
C18 KZT F . 2.95 8.09 42.58
C KZT F . 3.00 5.56 40.47
C17 KZT F . 1.65 5.21 40.45
C3 KZT F . 1.73 5.19 38.05
O1 KZT F . 1.04 4.98 36.89
C2 KZT F . 3.06 5.57 38.10
C1 KZT F . 3.69 5.74 39.30
N KZT F . -0.35 4.76 39.07
O2 KZT F . -1.20 5.65 40.98
C16 KZT F . -6.18 7.50 40.57
C FMT G . -16.71 4.16 -25.44
O1 FMT G . -16.72 3.00 -25.84
O2 FMT G . -15.77 5.02 -25.70
MG MG H . -1.27 -5.11 -36.40
#